data_8AB3
#
_entry.id   8AB3
#
_cell.length_a   70.369
_cell.length_b   111.504
_cell.length_c   101.793
_cell.angle_alpha   90
_cell.angle_beta   99.78
_cell.angle_gamma   90
#
_symmetry.space_group_name_H-M   'P 1 21 1'
#
loop_
_entity.id
_entity.type
_entity.pdbx_description
1 polymer 'L-lactate dehydrogenase'
2 non-polymer 'OXAMIC ACID'
3 non-polymer 1,6-di-O-phosphono-beta-D-fructofuranose
4 non-polymer '1,4-DIHYDRONICOTINAMIDE ADENINE DINUCLEOTIDE'
5 water water
#
_entity_poly.entity_id   1
_entity_poly.type   'polypeptide(L)'
_entity_poly.pdbx_seq_one_letter_code
;MFEKILLSNPSAENPSSLRPRKGIIIGLGQVGLACAYSMLIQDCFDELVLQDIASDKLEGEVMDFSHGMPFIPPTDIKAG
TIANEGRNADIVIITAGVAQKEGESRLSLLERNIAIYKKILADVVKYCPEAIILVVTNPVDIMTYATLKITGFPSSRIIG
SGTVLDTARFRTLLAKEMDIDPRSVHAYIIGEHGDSEVPVWSTANVGGMKLVPNTWADLPEDEKATLSGIFQKVQNAAYD
IIKLKGYTSYAIGLATTDIVKAILNSQERILTVSGLMTGMYGIEDVCLSIPRVVSERGIIKTVNLTLSEDEEKLLQQSAK
MLKEVFDKINYHHHHHH
;
_entity_poly.pdbx_strand_id   A,B,C,D
#
# COMPACT_ATOMS: atom_id res chain seq x y z
N MET A 1 -4.58 29.99 16.11
CA MET A 1 -3.16 30.36 16.12
C MET A 1 -2.48 30.00 14.77
N PHE A 2 -1.23 30.48 14.55
CA PHE A 2 -0.44 30.15 13.37
C PHE A 2 -0.91 30.82 12.08
N GLU A 3 -1.62 31.95 12.20
CA GLU A 3 -2.08 32.71 11.03
C GLU A 3 -0.94 33.47 10.34
N LYS A 4 0.17 33.72 11.06
CA LYS A 4 1.36 34.36 10.52
C LYS A 4 2.37 33.35 9.92
N ILE A 5 2.12 32.03 10.07
CA ILE A 5 2.97 30.97 9.52
C ILE A 5 2.37 30.52 8.19
N LEU A 6 1.05 30.29 8.17
CA LEU A 6 0.36 29.88 6.96
C LEU A 6 -0.60 30.97 6.51
N LEU A 7 -0.45 31.45 5.28
CA LEU A 7 -1.31 32.51 4.75
C LEU A 7 -2.45 31.89 3.95
N SER A 8 -3.68 32.15 4.38
CA SER A 8 -4.86 31.61 3.72
C SER A 8 -5.02 32.17 2.30
N ASN A 9 -5.47 31.34 1.37
CA ASN A 9 -5.67 31.77 -0.01
C ASN A 9 -7.16 32.01 -0.27
N PRO A 10 -7.58 33.28 -0.49
CA PRO A 10 -8.99 33.57 -0.73
C PRO A 10 -9.60 32.90 -1.96
N SER A 11 -8.77 32.40 -2.88
CA SER A 11 -9.25 31.70 -4.06
C SER A 11 -9.82 30.32 -3.71
N ALA A 12 -9.30 29.70 -2.64
CA ALA A 12 -9.77 28.37 -2.22
C ALA A 12 -11.07 28.41 -1.39
N GLU A 13 -11.83 29.51 -1.44
CA GLU A 13 -13.06 29.62 -0.68
C GLU A 13 -14.21 28.85 -1.34
N ASN A 14 -14.25 28.80 -2.67
CA ASN A 14 -15.28 28.03 -3.36
C ASN A 14 -14.87 26.57 -3.61
N PRO A 15 -15.79 25.62 -3.32
CA PRO A 15 -15.44 24.20 -3.48
C PRO A 15 -15.43 23.69 -4.91
N SER A 16 -14.37 22.95 -5.27
CA SER A 16 -14.19 22.33 -6.58
C SER A 16 -15.18 21.14 -6.81
N SER A 17 -15.11 20.49 -7.99
CA SER A 17 -15.93 19.33 -8.33
C SER A 17 -15.71 18.14 -7.36
N LEU A 18 -14.52 18.06 -6.76
CA LEU A 18 -14.19 16.97 -5.86
C LEU A 18 -14.78 17.15 -4.46
N ARG A 19 -15.53 16.15 -4.01
CA ARG A 19 -16.15 16.18 -2.70
C ARG A 19 -15.55 15.06 -1.85
N PRO A 20 -15.05 15.40 -0.65
CA PRO A 20 -14.43 14.37 0.19
C PRO A 20 -15.34 13.20 0.52
N ARG A 21 -14.78 11.99 0.48
CA ARG A 21 -15.55 10.79 0.78
C ARG A 21 -15.73 10.63 2.29
N LYS A 22 -16.96 10.84 2.77
CA LYS A 22 -17.31 10.76 4.18
C LYS A 22 -17.94 9.43 4.53
N GLY A 23 -17.53 8.89 5.66
CA GLY A 23 -18.09 7.65 6.20
C GLY A 23 -18.44 7.80 7.66
N ILE A 24 -19.45 7.07 8.12
CA ILE A 24 -19.83 7.14 9.53
C ILE A 24 -20.03 5.76 10.10
N ILE A 25 -19.35 5.48 11.23
CA ILE A 25 -19.52 4.21 11.92
C ILE A 25 -20.41 4.43 13.14
N ILE A 26 -21.57 3.78 13.18
CA ILE A 26 -22.49 3.89 14.32
C ILE A 26 -22.38 2.65 15.17
N GLY A 27 -21.90 2.83 16.39
CA GLY A 27 -21.63 1.74 17.33
C GLY A 27 -20.14 1.43 17.34
N LEU A 28 -19.44 1.84 18.39
CA LEU A 28 -18.00 1.61 18.47
C LEU A 28 -17.57 0.74 19.63
N GLY A 29 -18.01 -0.51 19.61
CA GLY A 29 -17.54 -1.51 20.55
C GLY A 29 -16.40 -2.26 19.93
N GLN A 30 -16.29 -3.55 20.22
CA GLN A 30 -15.21 -4.38 19.67
C GLN A 30 -15.17 -4.42 18.16
N VAL A 31 -16.32 -4.56 17.51
CA VAL A 31 -16.40 -4.64 16.06
C VAL A 31 -16.14 -3.26 15.41
N GLY A 32 -16.87 -2.24 15.87
CA GLY A 32 -16.73 -0.87 15.42
C GLY A 32 -15.33 -0.31 15.57
N LEU A 33 -14.58 -0.69 16.63
CA LEU A 33 -13.21 -0.21 16.79
C LEU A 33 -12.25 -0.89 15.81
N ALA A 34 -12.46 -2.21 15.57
CA ALA A 34 -11.62 -2.94 14.61
C ALA A 34 -11.82 -2.38 13.21
N CYS A 35 -13.09 -2.01 12.87
CA CYS A 35 -13.42 -1.40 11.59
C CYS A 35 -12.72 -0.08 11.47
N ALA A 36 -12.84 0.78 12.50
CA ALA A 36 -12.20 2.10 12.48
C ALA A 36 -10.66 2.01 12.30
N TYR A 37 -10.00 1.13 13.07
CA TYR A 37 -8.55 0.94 12.99
C TYR A 37 -8.13 0.52 11.59
N SER A 38 -8.76 -0.54 11.04
CA SER A 38 -8.43 -1.04 9.71
C SER A 38 -8.68 0.02 8.64
N MET A 39 -9.85 0.68 8.67
CA MET A 39 -10.20 1.71 7.69
C MET A 39 -9.27 2.93 7.73
N LEU A 40 -8.63 3.20 8.88
CA LEU A 40 -7.70 4.31 8.97
C LEU A 40 -6.35 3.89 8.40
N ILE A 41 -5.85 2.69 8.78
CA ILE A 41 -4.56 2.19 8.27
C ILE A 41 -4.60 1.99 6.75
N GLN A 42 -5.74 1.57 6.21
CA GLN A 42 -5.89 1.35 4.77
C GLN A 42 -6.36 2.58 3.98
N ASP A 43 -6.52 3.76 4.66
CA ASP A 43 -6.91 5.07 4.14
C ASP A 43 -8.17 5.05 3.25
N CYS A 44 -9.28 4.47 3.75
CA CYS A 44 -10.51 4.37 2.98
C CYS A 44 -11.21 5.72 2.76
N PHE A 45 -11.39 6.50 3.83
CA PHE A 45 -12.12 7.75 3.77
C PHE A 45 -11.25 8.99 3.90
N ASP A 46 -11.80 10.12 3.43
CA ASP A 46 -11.20 11.42 3.62
C ASP A 46 -11.62 11.93 5.01
N GLU A 47 -12.88 11.72 5.40
CA GLU A 47 -13.34 12.04 6.74
C GLU A 47 -14.19 10.89 7.31
N LEU A 48 -13.93 10.54 8.56
CA LEU A 48 -14.63 9.44 9.21
C LEU A 48 -15.22 9.87 10.54
N VAL A 49 -16.54 9.81 10.65
CA VAL A 49 -17.24 10.19 11.88
C VAL A 49 -17.58 8.93 12.69
N LEU A 50 -17.36 8.97 14.00
CA LEU A 50 -17.68 7.85 14.87
C LEU A 50 -18.83 8.24 15.82
N GLN A 51 -19.89 7.42 15.87
CA GLN A 51 -21.08 7.70 16.68
C GLN A 51 -21.35 6.59 17.68
N ASP A 52 -21.45 6.92 18.98
CA ASP A 52 -21.77 5.95 20.02
C ASP A 52 -22.45 6.62 21.21
N ILE A 53 -23.32 5.87 21.91
CA ILE A 53 -24.00 6.36 23.11
C ILE A 53 -23.08 6.42 24.34
N ALA A 54 -21.94 5.72 24.32
CA ALA A 54 -20.96 5.74 25.41
C ALA A 54 -19.96 6.85 25.11
N SER A 55 -20.33 8.10 25.45
CA SER A 55 -19.57 9.32 25.16
C SER A 55 -18.13 9.34 25.64
N ASP A 56 -17.88 9.06 26.92
CA ASP A 56 -16.55 9.11 27.47
C ASP A 56 -15.56 8.19 26.77
N LYS A 57 -15.91 6.90 26.62
CA LYS A 57 -15.08 5.92 25.96
C LYS A 57 -14.80 6.33 24.51
N LEU A 58 -15.83 6.80 23.80
CA LEU A 58 -15.69 7.28 22.42
C LEU A 58 -14.68 8.41 22.32
N GLU A 59 -14.76 9.41 23.22
CA GLU A 59 -13.86 10.56 23.25
C GLU A 59 -12.40 10.12 23.43
N GLY A 60 -12.19 9.09 24.26
CA GLY A 60 -10.88 8.52 24.51
C GLY A 60 -10.37 7.80 23.30
N GLU A 61 -11.23 7.03 22.62
CA GLU A 61 -10.89 6.29 21.39
C GLU A 61 -10.49 7.22 20.26
N VAL A 62 -11.23 8.33 20.07
CA VAL A 62 -10.93 9.32 19.02
C VAL A 62 -9.57 9.96 19.28
N MET A 63 -9.24 10.24 20.55
CA MET A 63 -7.93 10.79 20.92
C MET A 63 -6.82 9.84 20.51
N ASP A 64 -6.99 8.54 20.82
CA ASP A 64 -6.01 7.51 20.52
C ASP A 64 -5.85 7.32 19.01
N PHE A 65 -6.98 7.31 18.27
CA PHE A 65 -6.93 7.15 16.83
C PHE A 65 -6.22 8.32 16.18
N SER A 66 -6.52 9.55 16.60
CA SER A 66 -5.92 10.73 16.00
C SER A 66 -4.41 10.86 16.28
N HIS A 67 -3.91 10.30 17.41
CA HIS A 67 -2.48 10.39 17.73
C HIS A 67 -1.57 9.52 16.84
N GLY A 68 -2.14 8.56 16.13
CA GLY A 68 -1.36 7.70 15.24
C GLY A 68 -1.31 8.16 13.79
N MET A 69 -2.02 9.28 13.46
CA MET A 69 -2.08 9.85 12.11
C MET A 69 -0.72 10.12 11.45
N PRO A 70 0.31 10.63 12.17
CA PRO A 70 1.60 10.85 11.50
C PRO A 70 2.23 9.58 10.90
N PHE A 71 1.81 8.39 11.34
CA PHE A 71 2.39 7.14 10.82
C PHE A 71 1.70 6.61 9.57
N ILE A 72 0.52 7.16 9.21
CA ILE A 72 -0.29 6.73 8.06
C ILE A 72 -0.77 7.95 7.21
N PRO A 73 -1.34 7.75 6.00
CA PRO A 73 -1.91 8.90 5.27
C PRO A 73 -3.13 9.44 6.06
N PRO A 74 -3.38 10.75 5.97
CA PRO A 74 -4.42 11.35 6.83
C PRO A 74 -5.89 11.10 6.48
N THR A 75 -6.70 11.14 7.55
CA THR A 75 -8.14 11.04 7.54
C THR A 75 -8.66 11.95 8.64
N ASP A 76 -9.68 12.76 8.34
CA ASP A 76 -10.28 13.63 9.34
C ASP A 76 -11.19 12.77 10.21
N ILE A 77 -10.63 12.24 11.29
CA ILE A 77 -11.35 11.38 12.23
C ILE A 77 -11.98 12.22 13.34
N LYS A 78 -13.29 12.05 13.59
CA LYS A 78 -13.97 12.82 14.63
C LYS A 78 -15.14 12.09 15.28
N ALA A 79 -15.55 12.52 16.48
CA ALA A 79 -16.74 11.98 17.12
C ALA A 79 -17.91 12.89 16.69
N GLY A 80 -19.08 12.28 16.45
CA GLY A 80 -20.24 13.04 16.04
C GLY A 80 -21.52 12.26 15.94
N THR A 81 -22.55 12.87 15.35
CA THR A 81 -23.87 12.27 15.13
C THR A 81 -24.28 12.44 13.66
N ILE A 82 -25.25 11.64 13.19
CA ILE A 82 -25.78 11.73 11.83
C ILE A 82 -26.35 13.14 11.57
N ALA A 83 -27.06 13.69 12.54
CA ALA A 83 -27.71 15.00 12.43
C ALA A 83 -26.78 16.17 12.16
N ASN A 84 -25.51 16.09 12.61
CA ASN A 84 -24.57 17.21 12.37
C ASN A 84 -23.33 16.79 11.56
N GLU A 85 -22.35 16.14 12.19
CA GLU A 85 -21.09 15.75 11.57
C GLU A 85 -21.23 14.68 10.48
N GLY A 86 -22.22 13.81 10.64
CA GLY A 86 -22.43 12.72 9.71
C GLY A 86 -23.35 13.03 8.54
N ARG A 87 -23.77 14.28 8.39
CA ARG A 87 -24.68 14.67 7.30
C ARG A 87 -24.12 14.38 5.92
N ASN A 88 -24.95 13.76 5.07
CA ASN A 88 -24.64 13.39 3.69
C ASN A 88 -23.42 12.49 3.54
N ALA A 89 -23.17 11.62 4.52
CA ALA A 89 -22.08 10.65 4.45
C ALA A 89 -22.39 9.67 3.31
N ASP A 90 -21.36 9.23 2.60
CA ASP A 90 -21.54 8.31 1.48
C ASP A 90 -21.87 6.90 1.94
N ILE A 91 -21.29 6.47 3.08
CA ILE A 91 -21.53 5.13 3.61
C ILE A 91 -21.77 5.20 5.10
N VAL A 92 -22.85 4.57 5.58
CA VAL A 92 -23.19 4.47 6.99
C VAL A 92 -22.96 3.00 7.39
N ILE A 93 -21.99 2.76 8.27
CA ILE A 93 -21.67 1.41 8.75
C ILE A 93 -22.25 1.22 10.13
N ILE A 94 -23.29 0.38 10.26
CA ILE A 94 -23.93 0.17 11.55
C ILE A 94 -23.54 -1.13 12.20
N THR A 95 -22.77 -1.02 13.29
CA THR A 95 -22.38 -2.19 14.08
C THR A 95 -23.12 -2.21 15.44
N ALA A 96 -23.70 -1.05 15.89
CA ALA A 96 -24.40 -0.88 17.15
C ALA A 96 -25.36 -2.02 17.45
N GLY A 97 -25.35 -2.51 18.69
CA GLY A 97 -26.24 -3.60 19.10
C GLY A 97 -25.67 -4.56 20.12
N VAL A 98 -26.48 -5.54 20.55
CA VAL A 98 -26.03 -6.52 21.52
C VAL A 98 -25.32 -7.66 20.83
N ALA A 99 -24.19 -8.09 21.40
CA ALA A 99 -23.45 -9.23 20.88
C ALA A 99 -23.92 -10.51 21.59
N GLN A 100 -23.73 -11.66 20.95
CA GLN A 100 -24.18 -12.92 21.53
C GLN A 100 -23.26 -13.42 22.66
N LYS A 101 -23.87 -13.96 23.72
CA LYS A 101 -23.18 -14.57 24.82
C LYS A 101 -22.75 -16.00 24.38
N GLU A 102 -22.05 -16.74 25.27
CA GLU A 102 -21.61 -18.10 24.95
C GLU A 102 -22.83 -18.99 24.73
N GLY A 103 -22.81 -19.74 23.63
CA GLY A 103 -23.89 -20.65 23.23
C GLY A 103 -25.19 -19.99 22.79
N GLU A 104 -25.18 -18.64 22.70
CA GLU A 104 -26.39 -17.90 22.34
C GLU A 104 -26.48 -17.80 20.83
N SER A 105 -27.67 -18.03 20.26
CA SER A 105 -27.84 -17.90 18.81
C SER A 105 -27.88 -16.43 18.43
N ARG A 106 -27.45 -16.12 17.18
CA ARG A 106 -27.52 -14.76 16.64
C ARG A 106 -29.00 -14.35 16.54
N LEU A 107 -29.88 -15.30 16.16
CA LEU A 107 -31.32 -15.12 16.01
C LEU A 107 -32.03 -14.61 17.28
N SER A 108 -31.47 -14.91 18.47
CA SER A 108 -32.08 -14.44 19.71
C SER A 108 -31.71 -12.99 20.09
N LEU A 109 -30.89 -12.32 19.28
CA LEU A 109 -30.56 -10.90 19.51
C LEU A 109 -31.52 -9.97 18.75
N LEU A 110 -32.35 -10.51 17.81
CA LEU A 110 -33.25 -9.80 16.89
C LEU A 110 -34.16 -8.74 17.52
N GLU A 111 -34.96 -9.09 18.55
CA GLU A 111 -35.87 -8.16 19.19
C GLU A 111 -35.13 -6.97 19.78
N ARG A 112 -34.04 -7.21 20.50
CA ARG A 112 -33.27 -6.14 21.12
C ARG A 112 -32.63 -5.24 20.08
N ASN A 113 -32.11 -5.81 18.99
CA ASN A 113 -31.41 -4.99 17.99
C ASN A 113 -32.37 -4.21 17.08
N ILE A 114 -33.60 -4.68 16.82
CA ILE A 114 -34.56 -3.88 16.05
C ILE A 114 -34.92 -2.62 16.86
N ALA A 115 -35.04 -2.74 18.20
CA ALA A 115 -35.34 -1.63 19.10
C ALA A 115 -34.26 -0.55 19.01
N ILE A 116 -32.98 -0.96 18.88
CA ILE A 116 -31.84 -0.05 18.77
C ILE A 116 -31.86 0.66 17.40
N TYR A 117 -32.19 -0.08 16.32
CA TYR A 117 -32.21 0.46 14.97
C TYR A 117 -33.33 1.46 14.77
N LYS A 118 -34.46 1.29 15.44
CA LYS A 118 -35.57 2.24 15.31
C LYS A 118 -35.16 3.65 15.75
N LYS A 119 -34.30 3.75 16.76
CA LYS A 119 -33.80 5.03 17.23
C LYS A 119 -32.83 5.63 16.20
N ILE A 120 -31.93 4.81 15.64
CA ILE A 120 -30.90 5.22 14.68
C ILE A 120 -31.38 5.55 13.26
N LEU A 121 -32.09 4.62 12.56
CA LEU A 121 -32.44 4.74 11.15
C LEU A 121 -33.24 5.95 10.77
N ALA A 122 -34.07 6.51 11.65
CA ALA A 122 -34.87 7.69 11.32
C ALA A 122 -33.97 8.86 10.92
N ASP A 123 -32.85 9.06 11.62
CA ASP A 123 -31.92 10.13 11.29
C ASP A 123 -31.13 9.83 10.01
N VAL A 124 -30.82 8.56 9.74
CA VAL A 124 -30.17 8.16 8.49
C VAL A 124 -31.05 8.56 7.27
N VAL A 125 -32.36 8.34 7.37
CA VAL A 125 -33.31 8.68 6.31
C VAL A 125 -33.39 10.19 6.03
N LYS A 126 -33.45 10.99 7.10
CA LYS A 126 -33.55 12.45 7.00
C LYS A 126 -32.24 13.14 6.63
N TYR A 127 -31.11 12.76 7.25
CA TYR A 127 -29.83 13.45 7.03
C TYR A 127 -28.88 12.77 6.01
N CYS A 128 -29.07 11.49 5.72
CA CYS A 128 -28.25 10.78 4.73
C CYS A 128 -29.18 10.11 3.69
N PRO A 129 -30.04 10.84 2.94
CA PRO A 129 -30.98 10.18 2.02
C PRO A 129 -30.36 9.47 0.84
N GLU A 130 -29.09 9.77 0.51
CA GLU A 130 -28.42 9.17 -0.65
C GLU A 130 -27.30 8.19 -0.28
N ALA A 131 -27.19 7.79 0.99
CA ALA A 131 -26.13 6.94 1.49
C ALA A 131 -26.29 5.45 1.22
N ILE A 132 -25.18 4.70 1.22
CA ILE A 132 -25.17 3.25 1.17
C ILE A 132 -25.16 2.84 2.67
N ILE A 133 -26.03 1.93 3.08
CA ILE A 133 -26.02 1.48 4.46
C ILE A 133 -25.43 0.08 4.51
N LEU A 134 -24.34 -0.09 5.28
CA LEU A 134 -23.66 -1.36 5.47
C LEU A 134 -23.94 -1.85 6.87
N VAL A 135 -24.82 -2.87 7.00
CA VAL A 135 -25.29 -3.48 8.26
C VAL A 135 -24.40 -4.63 8.74
N VAL A 136 -23.92 -4.57 9.99
CA VAL A 136 -23.06 -5.61 10.58
C VAL A 136 -23.74 -6.30 11.77
N THR A 137 -24.59 -5.57 12.51
CA THR A 137 -25.34 -6.05 13.67
C THR A 137 -26.06 -7.37 13.38
N ASN A 138 -26.07 -8.29 14.36
CA ASN A 138 -26.68 -9.61 14.23
C ASN A 138 -28.14 -9.69 14.72
N PRO A 139 -29.01 -10.60 14.18
CA PRO A 139 -28.77 -11.47 13.03
C PRO A 139 -28.67 -10.64 11.75
N VAL A 140 -27.45 -10.58 11.16
CA VAL A 140 -27.08 -9.74 10.03
C VAL A 140 -28.09 -9.75 8.88
N ASP A 141 -28.68 -10.89 8.53
CA ASP A 141 -29.61 -10.96 7.41
C ASP A 141 -30.92 -10.29 7.69
N ILE A 142 -31.47 -10.57 8.86
CA ILE A 142 -32.74 -10.01 9.26
C ILE A 142 -32.59 -8.52 9.56
N MET A 143 -31.44 -8.10 10.13
CA MET A 143 -31.20 -6.67 10.36
C MET A 143 -31.08 -5.88 9.05
N THR A 144 -30.60 -6.54 7.98
CA THR A 144 -30.51 -5.93 6.66
C THR A 144 -31.92 -5.78 6.07
N TYR A 145 -32.74 -6.83 6.20
CA TYR A 145 -34.12 -6.79 5.68
C TYR A 145 -34.95 -5.76 6.41
N ALA A 146 -34.80 -5.66 7.74
CA ALA A 146 -35.54 -4.69 8.55
C ALA A 146 -35.12 -3.27 8.19
N THR A 147 -33.82 -3.03 7.94
CA THR A 147 -33.31 -1.71 7.54
C THR A 147 -33.95 -1.27 6.21
N LEU A 148 -34.10 -2.21 5.29
CA LEU A 148 -34.73 -1.98 4.00
C LEU A 148 -36.19 -1.52 4.18
N LYS A 149 -36.95 -2.22 5.04
CA LYS A 149 -38.35 -1.89 5.31
C LYS A 149 -38.50 -0.54 6.02
N ILE A 150 -37.66 -0.29 7.04
CA ILE A 150 -37.71 0.94 7.82
C ILE A 150 -37.32 2.20 7.02
N THR A 151 -36.19 2.14 6.29
CA THR A 151 -35.72 3.28 5.54
C THR A 151 -36.49 3.50 4.25
N GLY A 152 -36.86 2.42 3.58
CA GLY A 152 -37.50 2.52 2.27
C GLY A 152 -36.53 2.88 1.15
N PHE A 153 -35.20 2.83 1.43
CA PHE A 153 -34.12 3.10 0.47
C PHE A 153 -34.14 2.05 -0.64
N PRO A 154 -33.56 2.35 -1.83
CA PRO A 154 -33.48 1.32 -2.88
C PRO A 154 -32.73 0.08 -2.39
N SER A 155 -33.19 -1.12 -2.75
CA SER A 155 -32.57 -2.36 -2.27
C SER A 155 -31.09 -2.48 -2.60
N SER A 156 -30.64 -1.84 -3.69
CA SER A 156 -29.23 -1.85 -4.08
C SER A 156 -28.33 -1.16 -3.04
N ARG A 157 -28.87 -0.18 -2.31
CA ARG A 157 -28.09 0.57 -1.32
C ARG A 157 -28.20 0.05 0.13
N ILE A 158 -28.88 -1.10 0.34
CA ILE A 158 -28.99 -1.69 1.68
C ILE A 158 -28.23 -3.02 1.67
N ILE A 159 -26.99 -3.01 2.16
CA ILE A 159 -26.11 -4.18 2.13
C ILE A 159 -25.72 -4.68 3.52
N GLY A 160 -25.77 -5.99 3.70
CA GLY A 160 -25.35 -6.62 4.94
C GLY A 160 -23.99 -7.27 4.75
N SER A 161 -23.15 -7.31 5.80
CA SER A 161 -21.83 -7.94 5.67
C SER A 161 -21.93 -9.44 5.30
N GLY A 162 -23.03 -10.07 5.69
CA GLY A 162 -23.37 -11.44 5.34
C GLY A 162 -22.32 -12.50 5.51
N THR A 163 -22.12 -13.31 4.46
CA THR A 163 -21.19 -14.42 4.54
C THR A 163 -19.80 -14.13 3.97
N VAL A 164 -19.43 -12.84 3.86
CA VAL A 164 -18.07 -12.47 3.42
C VAL A 164 -17.05 -13.04 4.44
N LEU A 165 -17.38 -12.93 5.73
CA LEU A 165 -16.61 -13.47 6.86
C LEU A 165 -16.59 -15.00 6.86
N ASP A 166 -17.73 -15.65 6.67
CA ASP A 166 -17.83 -17.11 6.63
C ASP A 166 -17.02 -17.69 5.46
N THR A 167 -17.05 -17.01 4.30
CA THR A 167 -16.28 -17.40 3.13
C THR A 167 -14.78 -17.29 3.42
N ALA A 168 -14.36 -16.21 4.11
CA ALA A 168 -12.96 -16.03 4.49
C ALA A 168 -12.48 -17.09 5.48
N ARG A 169 -13.37 -17.58 6.35
CA ARG A 169 -13.02 -18.61 7.32
C ARG A 169 -12.82 -19.96 6.61
N PHE A 170 -13.73 -20.30 5.68
CA PHE A 170 -13.72 -21.53 4.91
C PHE A 170 -12.40 -21.61 4.12
N ARG A 171 -12.03 -20.50 3.45
CA ARG A 171 -10.81 -20.40 2.66
C ARG A 171 -9.55 -20.54 3.51
N THR A 172 -9.56 -19.99 4.73
CA THR A 172 -8.40 -20.05 5.62
C THR A 172 -8.18 -21.46 6.13
N LEU A 173 -9.26 -22.15 6.51
CA LEU A 173 -9.16 -23.51 7.01
C LEU A 173 -8.69 -24.48 5.94
N LEU A 174 -9.20 -24.32 4.70
CA LEU A 174 -8.80 -25.16 3.59
C LEU A 174 -7.35 -24.86 3.22
N ALA A 175 -6.96 -23.56 3.21
CA ALA A 175 -5.60 -23.14 2.91
C ALA A 175 -4.57 -23.62 3.94
N LYS A 176 -4.99 -23.81 5.21
CA LYS A 176 -4.09 -24.32 6.25
C LYS A 176 -3.78 -25.80 5.98
N GLU A 177 -4.75 -26.55 5.44
CA GLU A 177 -4.56 -27.96 5.11
C GLU A 177 -3.60 -28.12 3.93
N MET A 178 -3.61 -27.17 2.98
CA MET A 178 -2.73 -27.20 1.81
C MET A 178 -1.44 -26.39 1.95
N ASP A 179 -1.34 -25.57 3.00
CA ASP A 179 -0.22 -24.67 3.30
C ASP A 179 0.01 -23.66 2.17
N ILE A 180 -1.07 -23.01 1.73
CA ILE A 180 -1.03 -22.01 0.65
C ILE A 180 -1.68 -20.67 1.10
N ASP A 181 -1.61 -19.63 0.25
CA ASP A 181 -2.23 -18.33 0.48
C ASP A 181 -3.76 -18.51 0.40
N PRO A 182 -4.51 -18.08 1.43
CA PRO A 182 -5.99 -18.18 1.38
C PRO A 182 -6.61 -17.47 0.17
N ARG A 183 -5.91 -16.45 -0.39
CA ARG A 183 -6.37 -15.74 -1.58
C ARG A 183 -6.35 -16.63 -2.86
N SER A 184 -5.64 -17.77 -2.81
CA SER A 184 -5.57 -18.76 -3.88
C SER A 184 -6.64 -19.87 -3.74
N VAL A 185 -7.40 -19.88 -2.63
CA VAL A 185 -8.47 -20.85 -2.40
C VAL A 185 -9.79 -20.19 -2.79
N HIS A 186 -10.54 -20.79 -3.71
CA HIS A 186 -11.82 -20.22 -4.14
C HIS A 186 -12.98 -21.10 -3.69
N ALA A 187 -13.47 -20.84 -2.49
CA ALA A 187 -14.55 -21.60 -1.88
C ALA A 187 -15.57 -20.65 -1.27
N TYR A 188 -16.87 -20.91 -1.47
CA TYR A 188 -17.91 -20.03 -0.94
C TYR A 188 -18.82 -20.60 0.16
N ILE A 189 -19.32 -19.72 1.03
CA ILE A 189 -20.34 -20.02 2.02
C ILE A 189 -21.49 -19.06 1.66
N ILE A 190 -22.69 -19.57 1.36
CA ILE A 190 -23.85 -18.73 1.01
C ILE A 190 -25.01 -18.88 2.05
N GLY A 191 -26.05 -18.05 1.95
CA GLY A 191 -27.20 -18.13 2.85
C GLY A 191 -27.13 -17.26 4.09
N GLU A 192 -27.60 -17.80 5.22
CA GLU A 192 -27.60 -17.10 6.49
C GLU A 192 -26.21 -17.04 7.11
N HIS A 193 -25.84 -15.91 7.72
CA HIS A 193 -24.60 -15.82 8.47
C HIS A 193 -25.00 -16.41 9.83
N GLY A 194 -24.95 -17.73 9.91
CA GLY A 194 -25.37 -18.47 11.09
C GLY A 194 -25.44 -19.96 10.83
N ASP A 195 -26.10 -20.70 11.74
CA ASP A 195 -26.20 -22.15 11.70
C ASP A 195 -26.69 -22.75 10.38
N SER A 196 -27.60 -22.06 9.65
CA SER A 196 -28.12 -22.61 8.39
C SER A 196 -27.34 -22.22 7.13
N GLU A 197 -26.08 -21.76 7.29
CA GLU A 197 -25.22 -21.40 6.16
C GLU A 197 -24.92 -22.61 5.27
N VAL A 198 -24.69 -22.38 3.98
CA VAL A 198 -24.48 -23.45 3.02
C VAL A 198 -23.11 -23.41 2.36
N PRO A 199 -22.31 -24.48 2.54
CA PRO A 199 -21.00 -24.53 1.85
C PRO A 199 -21.26 -24.96 0.41
N VAL A 200 -20.70 -24.23 -0.56
CA VAL A 200 -20.89 -24.57 -1.95
C VAL A 200 -19.77 -25.51 -2.40
N TRP A 201 -19.82 -26.77 -1.93
CA TRP A 201 -18.81 -27.78 -2.29
C TRP A 201 -18.76 -28.05 -3.79
N SER A 202 -19.89 -27.86 -4.50
CA SER A 202 -19.94 -28.13 -5.93
C SER A 202 -18.98 -27.29 -6.78
N THR A 203 -18.57 -26.11 -6.26
CA THR A 203 -17.67 -25.23 -7.02
C THR A 203 -16.33 -24.95 -6.30
N ALA A 204 -16.15 -25.45 -5.04
CA ALA A 204 -14.90 -25.23 -4.28
C ALA A 204 -13.67 -25.71 -5.05
N ASN A 205 -12.64 -24.86 -5.20
CA ASN A 205 -11.47 -25.22 -5.98
C ASN A 205 -10.20 -24.39 -5.68
N VAL A 206 -9.04 -24.93 -6.09
CA VAL A 206 -7.76 -24.21 -6.03
C VAL A 206 -7.14 -24.33 -7.41
N GLY A 207 -6.86 -23.20 -8.05
CA GLY A 207 -6.26 -23.16 -9.38
C GLY A 207 -7.08 -23.88 -10.44
N GLY A 208 -8.41 -23.84 -10.30
CA GLY A 208 -9.32 -24.51 -11.21
C GLY A 208 -9.59 -25.97 -10.88
N MET A 209 -8.80 -26.55 -9.98
CA MET A 209 -8.95 -27.94 -9.58
C MET A 209 -9.94 -28.05 -8.43
N LYS A 210 -11.08 -28.69 -8.67
CA LYS A 210 -12.14 -28.84 -7.67
C LYS A 210 -11.77 -29.79 -6.53
N LEU A 211 -12.21 -29.47 -5.31
CA LEU A 211 -11.95 -30.33 -4.16
C LEU A 211 -12.87 -31.55 -4.17
N VAL A 212 -14.10 -31.40 -4.68
CA VAL A 212 -15.06 -32.49 -4.83
C VAL A 212 -15.14 -32.72 -6.33
N PRO A 213 -14.42 -33.73 -6.84
CA PRO A 213 -14.34 -33.95 -8.30
C PRO A 213 -15.66 -34.22 -9.03
N ASN A 214 -16.57 -35.00 -8.43
CA ASN A 214 -17.84 -35.30 -9.08
C ASN A 214 -19.01 -34.79 -8.20
N THR A 215 -19.57 -35.64 -7.32
CA THR A 215 -20.63 -35.24 -6.38
C THR A 215 -20.20 -35.65 -4.97
N TRP A 216 -20.79 -35.03 -3.95
CA TRP A 216 -20.50 -35.35 -2.55
C TRP A 216 -20.72 -36.83 -2.25
N ALA A 217 -21.72 -37.45 -2.89
CA ALA A 217 -22.05 -38.85 -2.72
C ALA A 217 -20.93 -39.77 -3.23
N ASP A 218 -20.27 -39.40 -4.34
CA ASP A 218 -19.19 -40.19 -4.92
C ASP A 218 -17.83 -40.03 -4.23
N LEU A 219 -17.80 -39.37 -3.08
CA LEU A 219 -16.59 -39.12 -2.31
C LEU A 219 -16.40 -40.24 -1.29
N PRO A 220 -15.16 -40.69 -1.05
CA PRO A 220 -14.92 -41.74 -0.05
C PRO A 220 -15.34 -41.29 1.36
N GLU A 221 -15.74 -42.25 2.22
CA GLU A 221 -16.20 -41.94 3.58
C GLU A 221 -15.19 -41.18 4.42
N ASP A 222 -13.90 -41.51 4.29
CA ASP A 222 -12.84 -40.83 5.04
C ASP A 222 -12.64 -39.38 4.56
N GLU A 223 -12.88 -39.13 3.26
CA GLU A 223 -12.78 -37.80 2.68
C GLU A 223 -14.00 -36.96 3.08
N LYS A 224 -15.18 -37.58 3.11
CA LYS A 224 -16.41 -36.91 3.51
C LYS A 224 -16.30 -36.43 4.96
N ALA A 225 -15.65 -37.21 5.82
CA ALA A 225 -15.48 -36.87 7.22
C ALA A 225 -14.50 -35.71 7.43
N THR A 226 -13.40 -35.68 6.65
CA THR A 226 -12.42 -34.61 6.78
C THR A 226 -12.93 -33.27 6.24
N LEU A 227 -13.72 -33.29 5.17
CA LEU A 227 -14.30 -32.06 4.60
C LEU A 227 -15.42 -31.53 5.49
N SER A 228 -16.22 -32.42 6.08
CA SER A 228 -17.30 -32.01 7.00
C SER A 228 -16.72 -31.40 8.27
N GLY A 229 -15.58 -31.92 8.74
CA GLY A 229 -14.92 -31.38 9.91
C GLY A 229 -14.46 -29.96 9.70
N ILE A 230 -14.06 -29.62 8.45
CA ILE A 230 -13.66 -28.28 8.08
C ILE A 230 -14.87 -27.35 8.07
N PHE A 231 -16.00 -27.79 7.48
CA PHE A 231 -17.21 -26.96 7.46
C PHE A 231 -17.78 -26.75 8.86
N GLN A 232 -17.79 -27.80 9.70
CA GLN A 232 -18.28 -27.68 11.08
C GLN A 232 -17.45 -26.67 11.89
N LYS A 233 -16.15 -26.55 11.60
CA LYS A 233 -15.32 -25.57 12.26
C LYS A 233 -15.67 -24.14 11.83
N VAL A 234 -16.24 -23.97 10.61
CA VAL A 234 -16.67 -22.67 10.10
C VAL A 234 -17.96 -22.26 10.77
N GLN A 235 -18.95 -23.19 10.88
CA GLN A 235 -20.20 -22.82 11.53
C GLN A 235 -20.04 -22.61 13.02
N ASN A 236 -19.08 -23.31 13.65
CA ASN A 236 -18.83 -23.13 15.09
C ASN A 236 -17.78 -22.11 15.42
N ALA A 237 -17.23 -21.38 14.42
CA ALA A 237 -16.17 -20.41 14.64
C ALA A 237 -16.52 -19.33 15.65
N ALA A 238 -17.72 -18.73 15.56
CA ALA A 238 -18.13 -17.71 16.51
C ALA A 238 -18.22 -18.29 17.93
N TYR A 239 -18.81 -19.48 18.07
CA TYR A 239 -18.94 -20.12 19.37
C TYR A 239 -17.56 -20.44 19.96
N ASP A 240 -16.66 -20.99 19.13
CA ASP A 240 -15.32 -21.36 19.57
C ASP A 240 -14.48 -20.15 19.96
N ILE A 241 -14.58 -19.04 19.21
CA ILE A 241 -13.83 -17.83 19.52
C ILE A 241 -14.40 -17.12 20.74
N ILE A 242 -15.74 -16.94 20.81
CA ILE A 242 -16.40 -16.28 21.94
C ILE A 242 -16.11 -17.03 23.24
N LYS A 243 -16.09 -18.36 23.20
CA LYS A 243 -15.77 -19.15 24.39
C LYS A 243 -14.33 -18.88 24.89
N LEU A 244 -13.41 -18.52 23.97
CA LEU A 244 -12.01 -18.27 24.30
C LEU A 244 -11.65 -16.81 24.67
N LYS A 245 -12.15 -15.81 23.93
CA LYS A 245 -11.83 -14.40 24.20
C LYS A 245 -13.06 -13.52 24.52
N GLY A 246 -14.26 -14.05 24.34
CA GLY A 246 -15.48 -13.33 24.70
C GLY A 246 -16.25 -12.68 23.58
N TYR A 247 -15.66 -12.57 22.40
CA TYR A 247 -16.25 -11.89 21.25
C TYR A 247 -15.36 -12.12 20.00
N THR A 248 -15.78 -11.61 18.83
CA THR A 248 -14.96 -11.63 17.61
C THR A 248 -14.89 -10.17 17.07
N SER A 249 -13.73 -9.74 16.50
CA SER A 249 -13.61 -8.37 16.01
C SER A 249 -12.67 -8.16 14.81
N TYR A 250 -11.47 -8.76 14.85
CA TYR A 250 -10.45 -8.59 13.82
C TYR A 250 -10.85 -9.01 12.40
N ALA A 251 -11.35 -10.23 12.22
CA ALA A 251 -11.74 -10.71 10.90
C ALA A 251 -12.94 -9.95 10.33
N ILE A 252 -13.93 -9.59 11.17
CA ILE A 252 -15.09 -8.82 10.70
C ILE A 252 -14.68 -7.40 10.34
N GLY A 253 -13.70 -6.83 11.03
CA GLY A 253 -13.19 -5.50 10.73
C GLY A 253 -12.55 -5.48 9.36
N LEU A 254 -11.81 -6.54 9.01
CA LEU A 254 -11.20 -6.66 7.68
C LEU A 254 -12.24 -6.98 6.59
N ALA A 255 -13.26 -7.80 6.90
CA ALA A 255 -14.33 -8.13 5.94
C ALA A 255 -15.13 -6.90 5.60
N THR A 256 -15.47 -6.08 6.62
CA THR A 256 -16.23 -4.85 6.46
C THR A 256 -15.42 -3.85 5.64
N THR A 257 -14.13 -3.70 5.94
CA THR A 257 -13.23 -2.82 5.18
C THR A 257 -13.13 -3.28 3.71
N ASP A 258 -13.05 -4.60 3.47
CA ASP A 258 -12.99 -5.14 2.11
C ASP A 258 -14.23 -4.79 1.30
N ILE A 259 -15.42 -4.71 1.95
CA ILE A 259 -16.65 -4.31 1.26
C ILE A 259 -16.64 -2.80 0.97
N VAL A 260 -16.18 -1.97 1.94
CA VAL A 260 -16.09 -0.51 1.76
C VAL A 260 -15.15 -0.19 0.59
N LYS A 261 -14.06 -0.99 0.40
CA LYS A 261 -13.13 -0.78 -0.72
C LYS A 261 -13.81 -0.99 -2.07
N ALA A 262 -14.65 -2.03 -2.20
CA ALA A 262 -15.32 -2.30 -3.49
C ALA A 262 -16.29 -1.16 -3.81
N ILE A 263 -16.96 -0.61 -2.80
CA ILE A 263 -17.89 0.51 -2.99
C ILE A 263 -17.13 1.81 -3.33
N LEU A 264 -16.28 2.32 -2.40
CA LEU A 264 -15.53 3.57 -2.56
C LEU A 264 -14.72 3.61 -3.82
N ASN A 265 -14.02 2.51 -4.14
CA ASN A 265 -13.15 2.48 -5.31
C ASN A 265 -13.83 2.00 -6.58
N SER A 266 -15.19 1.91 -6.59
CA SER A 266 -15.99 1.55 -7.76
C SER A 266 -15.41 0.31 -8.49
N GLN A 267 -15.10 -0.73 -7.72
CA GLN A 267 -14.37 -1.86 -8.24
C GLN A 267 -15.13 -2.88 -9.07
N GLU A 268 -16.46 -3.02 -8.86
CA GLU A 268 -17.27 -3.99 -9.61
C GLU A 268 -16.75 -5.41 -9.33
N ARG A 269 -16.52 -5.71 -8.05
CA ARG A 269 -15.91 -6.95 -7.60
C ARG A 269 -16.95 -7.88 -6.97
N ILE A 270 -16.84 -9.20 -7.23
CA ILE A 270 -17.78 -10.19 -6.71
C ILE A 270 -17.52 -10.54 -5.23
N LEU A 271 -18.54 -10.36 -4.38
CA LEU A 271 -18.50 -10.67 -2.94
C LEU A 271 -19.82 -11.28 -2.50
N THR A 272 -19.78 -12.21 -1.52
CA THR A 272 -21.02 -12.79 -1.00
C THR A 272 -21.59 -11.94 0.12
N VAL A 273 -22.09 -10.75 -0.22
CA VAL A 273 -22.72 -9.87 0.75
C VAL A 273 -24.22 -10.16 0.85
N SER A 274 -24.82 -9.79 1.98
CA SER A 274 -26.25 -9.98 2.18
C SER A 274 -27.06 -8.87 1.51
N GLY A 275 -28.18 -9.25 0.90
CA GLY A 275 -29.07 -8.31 0.23
C GLY A 275 -30.38 -8.95 -0.15
N LEU A 276 -31.36 -8.13 -0.53
CA LEU A 276 -32.69 -8.62 -0.90
C LEU A 276 -32.69 -9.73 -1.96
N MET A 277 -33.32 -10.84 -1.65
CA MET A 277 -33.55 -11.93 -2.59
C MET A 277 -34.79 -11.51 -3.31
N THR A 278 -34.70 -11.41 -4.64
CA THR A 278 -35.80 -10.87 -5.41
C THR A 278 -36.27 -11.78 -6.56
N GLY A 279 -35.92 -13.07 -6.52
CA GLY A 279 -36.40 -13.99 -7.54
C GLY A 279 -35.77 -15.37 -7.56
N MET A 280 -34.43 -15.40 -7.59
CA MET A 280 -33.62 -16.62 -7.71
C MET A 280 -34.00 -17.74 -6.76
N TYR A 281 -34.00 -18.98 -7.29
CA TYR A 281 -34.31 -20.21 -6.56
C TYR A 281 -35.71 -20.19 -5.91
N GLY A 282 -36.58 -19.30 -6.38
CA GLY A 282 -37.92 -19.08 -5.84
C GLY A 282 -37.93 -18.36 -4.52
N ILE A 283 -36.81 -17.69 -4.16
CA ILE A 283 -36.68 -17.00 -2.88
C ILE A 283 -37.11 -15.53 -2.98
N GLU A 284 -37.97 -15.09 -2.07
CA GLU A 284 -38.45 -13.71 -2.07
C GLU A 284 -38.77 -13.18 -0.68
N ASP A 285 -38.82 -11.84 -0.54
CA ASP A 285 -39.15 -11.12 0.70
C ASP A 285 -38.22 -11.46 1.86
N VAL A 286 -36.93 -11.57 1.57
CA VAL A 286 -35.92 -11.94 2.56
C VAL A 286 -34.54 -11.42 2.12
N CYS A 287 -33.56 -11.41 3.04
CA CYS A 287 -32.18 -11.04 2.71
C CYS A 287 -31.30 -12.20 3.07
N LEU A 288 -30.35 -12.53 2.19
CA LEU A 288 -29.33 -13.54 2.46
C LEU A 288 -28.13 -13.33 1.52
N SER A 289 -27.03 -14.07 1.73
CA SER A 289 -25.83 -13.89 0.92
C SER A 289 -25.69 -14.83 -0.24
N ILE A 290 -25.45 -14.27 -1.41
CA ILE A 290 -25.12 -14.96 -2.66
C ILE A 290 -24.11 -14.07 -3.41
N PRO A 291 -23.22 -14.64 -4.25
CA PRO A 291 -22.21 -13.80 -4.93
C PRO A 291 -22.82 -12.66 -5.74
N ARG A 292 -22.38 -11.43 -5.50
CA ARG A 292 -22.90 -10.23 -6.18
C ARG A 292 -21.78 -9.26 -6.54
N VAL A 293 -21.97 -8.49 -7.62
CA VAL A 293 -21.01 -7.46 -8.04
C VAL A 293 -21.25 -6.21 -7.17
N VAL A 294 -20.22 -5.75 -6.46
CA VAL A 294 -20.34 -4.60 -5.57
C VAL A 294 -19.57 -3.40 -6.14
N SER A 295 -20.15 -2.21 -6.08
CA SER A 295 -19.55 -0.98 -6.60
C SER A 295 -20.11 0.29 -5.89
N GLU A 296 -19.77 1.50 -6.38
CA GLU A 296 -20.21 2.76 -5.77
C GLU A 296 -21.75 2.91 -5.65
N ARG A 297 -22.56 2.19 -6.46
CA ARG A 297 -24.03 2.24 -6.30
C ARG A 297 -24.58 1.10 -5.43
N GLY A 298 -23.71 0.32 -4.79
CA GLY A 298 -24.12 -0.82 -3.97
C GLY A 298 -24.11 -2.13 -4.74
N ILE A 299 -25.19 -2.90 -4.62
CA ILE A 299 -25.29 -4.16 -5.36
C ILE A 299 -25.75 -3.81 -6.76
N ILE A 300 -24.91 -4.09 -7.76
CA ILE A 300 -25.23 -3.71 -9.13
C ILE A 300 -25.66 -4.93 -9.96
N LYS A 301 -25.08 -6.12 -9.68
CA LYS A 301 -25.40 -7.36 -10.39
C LYS A 301 -25.38 -8.55 -9.43
N THR A 302 -25.99 -9.67 -9.82
CA THR A 302 -26.01 -10.87 -8.99
C THR A 302 -25.55 -12.04 -9.83
N VAL A 303 -24.63 -12.87 -9.30
CA VAL A 303 -24.16 -14.03 -10.04
C VAL A 303 -25.30 -15.05 -10.08
N ASN A 304 -25.70 -15.47 -11.28
CA ASN A 304 -26.77 -16.45 -11.48
C ASN A 304 -26.16 -17.84 -11.25
N LEU A 305 -25.66 -18.08 -10.03
CA LEU A 305 -24.94 -19.27 -9.62
C LEU A 305 -25.68 -20.58 -9.73
N THR A 306 -25.09 -21.53 -10.45
CA THR A 306 -25.67 -22.86 -10.57
C THR A 306 -25.30 -23.67 -9.32
N LEU A 307 -26.32 -24.12 -8.58
CA LEU A 307 -26.10 -24.90 -7.36
C LEU A 307 -26.51 -26.36 -7.58
N SER A 308 -26.04 -27.26 -6.70
CA SER A 308 -26.46 -28.65 -6.74
C SER A 308 -27.91 -28.72 -6.18
N GLU A 309 -28.63 -29.82 -6.44
CA GLU A 309 -30.00 -29.95 -5.95
C GLU A 309 -30.07 -29.91 -4.43
N ASP A 310 -29.04 -30.43 -3.75
CA ASP A 310 -28.98 -30.43 -2.29
C ASP A 310 -28.64 -29.05 -1.75
N GLU A 311 -27.68 -28.36 -2.40
CA GLU A 311 -27.27 -27.01 -2.01
C GLU A 311 -28.45 -26.02 -2.18
N GLU A 312 -29.24 -26.19 -3.25
CA GLU A 312 -30.37 -25.30 -3.50
C GLU A 312 -31.49 -25.54 -2.47
N LYS A 313 -31.73 -26.81 -2.12
CA LYS A 313 -32.75 -27.16 -1.13
C LYS A 313 -32.38 -26.56 0.24
N LEU A 314 -31.10 -26.62 0.61
CA LEU A 314 -30.61 -26.07 1.87
C LEU A 314 -30.76 -24.55 1.90
N LEU A 315 -30.49 -23.88 0.78
CA LEU A 315 -30.61 -22.44 0.70
C LEU A 315 -32.08 -22.04 0.86
N GLN A 316 -33.00 -22.79 0.22
CA GLN A 316 -34.44 -22.57 0.31
C GLN A 316 -34.93 -22.74 1.73
N GLN A 317 -34.38 -23.74 2.46
CA GLN A 317 -34.76 -23.99 3.84
C GLN A 317 -34.28 -22.87 4.76
N SER A 318 -33.08 -22.34 4.49
CA SER A 318 -32.48 -21.25 5.25
C SER A 318 -33.39 -20.01 5.16
N ALA A 319 -33.87 -19.70 3.96
CA ALA A 319 -34.75 -18.57 3.68
C ALA A 319 -36.12 -18.66 4.35
N LYS A 320 -36.76 -19.85 4.32
CA LYS A 320 -38.06 -20.05 4.95
C LYS A 320 -37.95 -19.82 6.46
N MET A 321 -36.88 -20.33 7.08
CA MET A 321 -36.63 -20.16 8.50
C MET A 321 -36.43 -18.69 8.83
N LEU A 322 -35.58 -17.98 8.06
CA LEU A 322 -35.33 -16.56 8.31
C LEU A 322 -36.62 -15.74 8.23
N LYS A 323 -37.51 -16.08 7.29
CA LYS A 323 -38.78 -15.38 7.14
C LYS A 323 -39.69 -15.63 8.34
N GLU A 324 -39.70 -16.86 8.87
CA GLU A 324 -40.48 -17.20 10.03
C GLU A 324 -39.95 -16.50 11.29
N VAL A 325 -38.62 -16.35 11.41
CA VAL A 325 -38.04 -15.67 12.57
C VAL A 325 -38.44 -14.19 12.59
N PHE A 326 -38.48 -13.56 11.42
CA PHE A 326 -38.87 -12.15 11.31
C PHE A 326 -40.37 -11.98 11.54
N ASP A 327 -41.19 -12.94 11.06
CA ASP A 327 -42.64 -12.88 11.21
C ASP A 327 -43.07 -12.98 12.66
N LYS A 328 -42.37 -13.81 13.45
CA LYS A 328 -42.66 -14.00 14.87
C LYS A 328 -42.44 -12.71 15.68
N ILE A 329 -41.44 -11.90 15.32
CA ILE A 329 -41.20 -10.64 16.02
C ILE A 329 -42.24 -9.55 15.69
N ASN A 330 -43.14 -9.80 14.69
CA ASN A 330 -44.21 -8.91 14.23
C ASN A 330 -43.67 -7.61 13.65
N PHE B 2 29.40 14.70 6.17
CA PHE B 2 28.57 15.15 7.27
C PHE B 2 28.82 14.31 8.54
N GLU B 3 30.08 14.16 8.92
CA GLU B 3 30.47 13.39 10.11
C GLU B 3 30.16 14.13 11.42
N LYS B 4 30.07 15.48 11.37
CA LYS B 4 29.69 16.27 12.54
C LYS B 4 28.15 16.46 12.63
N ILE B 5 27.37 15.88 11.69
CA ILE B 5 25.92 15.96 11.68
C ILE B 5 25.37 14.66 12.27
N LEU B 6 25.86 13.53 11.75
CA LEU B 6 25.43 12.22 12.20
C LEU B 6 26.62 11.49 12.78
N LEU B 7 26.53 11.09 14.06
CA LEU B 7 27.61 10.38 14.73
C LEU B 7 27.40 8.89 14.58
N SER B 8 28.35 8.18 13.97
CA SER B 8 28.23 6.74 13.77
C SER B 8 28.29 5.96 15.08
N ASN B 9 27.46 4.92 15.22
CA ASN B 9 27.45 4.10 16.44
C ASN B 9 28.42 2.92 16.32
N PRO B 10 29.48 2.85 17.16
CA PRO B 10 30.41 1.73 17.06
C PRO B 10 29.82 0.34 17.32
N SER B 11 28.68 0.25 18.03
CA SER B 11 28.03 -1.05 18.27
C SER B 11 27.41 -1.62 16.98
N ALA B 12 26.95 -0.74 16.07
CA ALA B 12 26.35 -1.14 14.80
C ALA B 12 27.38 -1.71 13.79
N GLU B 13 28.65 -1.84 14.19
CA GLU B 13 29.71 -2.38 13.34
C GLU B 13 29.50 -3.89 13.15
N ASN B 14 29.08 -4.60 14.21
CA ASN B 14 28.82 -6.04 14.10
C ASN B 14 27.42 -6.26 13.49
N PRO B 15 27.34 -7.08 12.42
CA PRO B 15 26.05 -7.31 11.75
C PRO B 15 25.05 -8.18 12.52
N SER B 16 23.74 -8.04 12.22
CA SER B 16 22.67 -8.80 12.87
C SER B 16 22.19 -10.00 12.01
N SER B 17 21.26 -10.84 12.56
CA SER B 17 20.67 -11.99 11.82
C SER B 17 19.85 -11.54 10.58
N LEU B 18 19.44 -10.26 10.56
CA LEU B 18 18.67 -9.64 9.51
C LEU B 18 19.61 -9.23 8.39
N ARG B 19 19.38 -9.73 7.18
CA ARG B 19 20.21 -9.37 6.03
C ARG B 19 19.34 -8.79 4.90
N PRO B 20 19.78 -7.68 4.28
CA PRO B 20 18.98 -7.06 3.21
C PRO B 20 18.74 -7.90 1.95
N ARG B 21 17.49 -7.85 1.45
CA ARG B 21 16.98 -8.52 0.24
C ARG B 21 17.49 -7.84 -1.01
N LYS B 22 18.37 -8.53 -1.72
CA LYS B 22 19.02 -8.00 -2.91
C LYS B 22 18.52 -8.70 -4.15
N GLY B 23 18.21 -7.90 -5.16
CA GLY B 23 17.77 -8.41 -6.45
C GLY B 23 18.54 -7.73 -7.56
N ILE B 24 18.77 -8.42 -8.70
CA ILE B 24 19.49 -7.79 -9.82
C ILE B 24 18.71 -7.96 -11.10
N ILE B 25 18.60 -6.90 -11.91
CA ILE B 25 17.93 -7.01 -13.22
C ILE B 25 19.02 -6.93 -14.27
N ILE B 26 19.12 -7.94 -15.16
CA ILE B 26 20.10 -7.94 -16.24
C ILE B 26 19.35 -7.69 -17.55
N GLY B 27 19.71 -6.63 -18.26
CA GLY B 27 19.06 -6.25 -19.50
C GLY B 27 18.00 -5.20 -19.21
N LEU B 28 18.39 -3.93 -19.27
CA LEU B 28 17.47 -2.84 -18.95
C LEU B 28 16.98 -2.04 -20.16
N GLY B 29 16.24 -2.72 -21.03
CA GLY B 29 15.57 -2.08 -22.16
C GLY B 29 14.14 -1.78 -21.75
N GLN B 30 13.20 -1.77 -22.71
CA GLN B 30 11.80 -1.47 -22.39
C GLN B 30 11.18 -2.33 -21.28
N VAL B 31 11.35 -3.67 -21.36
CA VAL B 31 10.81 -4.62 -20.37
C VAL B 31 11.48 -4.45 -19.00
N GLY B 32 12.81 -4.47 -18.97
CA GLY B 32 13.57 -4.31 -17.72
C GLY B 32 13.35 -2.96 -17.04
N LEU B 33 13.16 -1.89 -17.81
CA LEU B 33 12.91 -0.57 -17.24
C LEU B 33 11.53 -0.49 -16.59
N ALA B 34 10.54 -1.24 -17.13
CA ALA B 34 9.21 -1.27 -16.52
C ALA B 34 9.17 -2.20 -15.31
N CYS B 35 10.05 -3.23 -15.26
CA CYS B 35 10.17 -4.12 -14.10
C CYS B 35 10.75 -3.28 -12.98
N ALA B 36 11.88 -2.58 -13.24
CA ALA B 36 12.52 -1.73 -12.25
C ALA B 36 11.61 -0.64 -11.71
N TYR B 37 10.87 0.07 -12.56
CA TYR B 37 10.00 1.16 -12.10
C TYR B 37 8.91 0.61 -11.21
N SER B 38 8.28 -0.49 -11.63
CA SER B 38 7.21 -1.11 -10.87
C SER B 38 7.74 -1.60 -9.52
N MET B 39 8.90 -2.30 -9.51
CA MET B 39 9.53 -2.84 -8.31
C MET B 39 9.99 -1.76 -7.34
N LEU B 40 10.36 -0.56 -7.82
CA LEU B 40 10.76 0.54 -6.95
C LEU B 40 9.52 1.11 -6.26
N ILE B 41 8.45 1.42 -7.04
CA ILE B 41 7.19 1.93 -6.51
C ILE B 41 6.52 0.92 -5.52
N GLN B 42 6.59 -0.39 -5.81
CA GLN B 42 5.99 -1.40 -4.93
C GLN B 42 6.94 -1.91 -3.83
N ASP B 43 8.07 -1.22 -3.62
CA ASP B 43 9.12 -1.48 -2.61
C ASP B 43 9.48 -2.99 -2.42
N CYS B 44 9.78 -3.70 -3.53
CA CYS B 44 10.10 -5.12 -3.45
C CYS B 44 11.41 -5.42 -2.73
N PHE B 45 12.54 -4.78 -3.15
CA PHE B 45 13.85 -5.11 -2.58
C PHE B 45 14.46 -4.01 -1.72
N ASP B 46 15.41 -4.41 -0.86
CA ASP B 46 16.16 -3.45 -0.04
C ASP B 46 17.23 -2.85 -0.92
N GLU B 47 17.93 -3.70 -1.74
CA GLU B 47 18.87 -3.25 -2.75
C GLU B 47 18.55 -3.84 -4.13
N LEU B 48 18.63 -2.99 -5.15
CA LEU B 48 18.32 -3.37 -6.51
C LEU B 48 19.42 -2.88 -7.41
N VAL B 49 20.16 -3.82 -7.98
CA VAL B 49 21.24 -3.51 -8.90
C VAL B 49 20.74 -3.71 -10.33
N LEU B 50 21.15 -2.83 -11.24
CA LEU B 50 20.79 -2.91 -12.64
C LEU B 50 22.05 -3.15 -13.48
N GLN B 51 21.98 -4.08 -14.45
CA GLN B 51 23.12 -4.43 -15.30
C GLN B 51 22.77 -4.39 -16.81
N ASP B 52 23.55 -3.66 -17.61
CA ASP B 52 23.35 -3.58 -19.06
C ASP B 52 24.68 -3.24 -19.79
N ILE B 53 24.86 -3.70 -21.05
CA ILE B 53 26.06 -3.36 -21.81
C ILE B 53 26.07 -1.88 -22.25
N ALA B 54 24.89 -1.23 -22.34
CA ALA B 54 24.80 0.19 -22.67
C ALA B 54 24.99 1.04 -21.40
N SER B 55 26.25 1.23 -21.01
CA SER B 55 26.67 1.95 -19.80
C SER B 55 26.17 3.39 -19.63
N ASP B 56 26.30 4.24 -20.65
CA ASP B 56 25.90 5.65 -20.53
C ASP B 56 24.39 5.79 -20.38
N LYS B 57 23.60 5.02 -21.15
CA LYS B 57 22.14 5.00 -21.06
C LYS B 57 21.71 4.47 -19.68
N LEU B 58 22.41 3.44 -19.16
CA LEU B 58 22.09 2.88 -17.85
C LEU B 58 22.38 3.90 -16.75
N GLU B 59 23.49 4.65 -16.89
CA GLU B 59 23.84 5.69 -15.93
C GLU B 59 22.71 6.76 -15.84
N GLY B 60 22.13 7.11 -16.99
CA GLY B 60 21.02 8.05 -17.07
C GLY B 60 19.77 7.54 -16.40
N GLU B 61 19.41 6.27 -16.65
CA GLU B 61 18.24 5.67 -16.03
C GLU B 61 18.41 5.58 -14.52
N VAL B 62 19.61 5.24 -14.02
CA VAL B 62 19.84 5.14 -12.58
C VAL B 62 19.76 6.51 -11.90
N MET B 63 20.21 7.57 -12.57
CA MET B 63 20.06 8.94 -12.03
C MET B 63 18.57 9.28 -11.90
N ASP B 64 17.76 8.92 -12.92
CA ASP B 64 16.32 9.21 -12.96
C ASP B 64 15.51 8.48 -11.89
N PHE B 65 15.73 7.15 -11.77
CA PHE B 65 15.09 6.29 -10.80
C PHE B 65 15.39 6.77 -9.40
N SER B 66 16.65 7.13 -9.13
CA SER B 66 17.04 7.54 -7.78
C SER B 66 16.52 8.90 -7.39
N HIS B 67 16.16 9.75 -8.34
CA HIS B 67 15.62 11.08 -8.02
C HIS B 67 14.20 11.08 -7.51
N GLY B 68 13.46 10.01 -7.80
CA GLY B 68 12.09 9.82 -7.37
C GLY B 68 11.95 9.17 -6.01
N MET B 69 13.07 8.72 -5.41
CA MET B 69 13.10 8.08 -4.11
C MET B 69 12.34 8.81 -2.99
N PRO B 70 12.45 10.15 -2.81
CA PRO B 70 11.67 10.78 -1.72
C PRO B 70 10.14 10.56 -1.77
N PHE B 71 9.63 10.20 -2.95
CA PHE B 71 8.18 9.99 -3.13
C PHE B 71 7.69 8.62 -2.70
N ILE B 72 8.59 7.64 -2.58
CA ILE B 72 8.26 6.26 -2.23
C ILE B 72 9.14 5.69 -1.09
N PRO B 73 8.83 4.48 -0.53
CA PRO B 73 9.76 3.88 0.45
C PRO B 73 11.12 3.62 -0.21
N PRO B 74 12.22 3.76 0.56
CA PRO B 74 13.56 3.66 -0.03
C PRO B 74 14.03 2.27 -0.44
N THR B 75 14.91 2.27 -1.45
CA THR B 75 15.56 1.11 -2.03
C THR B 75 16.91 1.59 -2.51
N ASP B 76 17.95 0.81 -2.28
CA ASP B 76 19.26 1.14 -2.77
C ASP B 76 19.37 0.80 -4.26
N ILE B 77 19.07 1.77 -5.13
CA ILE B 77 19.13 1.56 -6.57
C ILE B 77 20.52 1.91 -7.09
N LYS B 78 21.14 1.03 -7.89
CA LYS B 78 22.49 1.30 -8.41
C LYS B 78 22.83 0.55 -9.72
N ALA B 79 23.79 1.07 -10.49
CA ALA B 79 24.27 0.36 -11.68
C ALA B 79 25.44 -0.51 -11.22
N GLY B 80 25.53 -1.70 -11.79
CA GLY B 80 26.58 -2.63 -11.42
C GLY B 80 26.61 -3.89 -12.23
N THR B 81 27.41 -4.86 -11.76
CA THR B 81 27.61 -6.18 -12.38
C THR B 81 27.53 -7.29 -11.32
N ILE B 82 27.09 -8.50 -11.71
CA ILE B 82 27.02 -9.69 -10.85
C ILE B 82 28.32 -9.97 -10.04
N ALA B 83 29.47 -9.71 -10.67
CA ALA B 83 30.78 -9.96 -10.07
C ALA B 83 31.16 -9.02 -8.91
N ASN B 84 30.57 -7.81 -8.85
N ASN B 84 30.60 -7.81 -8.88
CA ASN B 84 30.89 -6.90 -7.74
CA ASN B 84 30.93 -6.85 -7.82
C ASN B 84 29.63 -6.47 -6.99
C ASN B 84 29.68 -6.43 -7.00
N GLU B 85 28.80 -5.59 -7.59
CA GLU B 85 27.60 -5.12 -6.90
C GLU B 85 26.47 -6.16 -6.79
N GLY B 86 26.42 -7.13 -7.70
CA GLY B 86 25.36 -8.13 -7.70
C GLY B 86 25.61 -9.43 -6.97
N ARG B 87 26.78 -9.57 -6.31
CA ARG B 87 27.15 -10.79 -5.58
C ARG B 87 26.10 -11.21 -4.55
N ASN B 88 25.81 -12.53 -4.48
CA ASN B 88 24.86 -13.14 -3.55
C ASN B 88 23.45 -12.56 -3.65
N ALA B 89 23.01 -12.24 -4.87
CA ALA B 89 21.66 -11.73 -5.09
C ALA B 89 20.65 -12.84 -4.75
N ASP B 90 19.55 -12.50 -4.08
CA ASP B 90 18.53 -13.49 -3.74
C ASP B 90 17.74 -13.86 -4.98
N ILE B 91 17.41 -12.87 -5.83
CA ILE B 91 16.71 -13.08 -7.11
C ILE B 91 17.47 -12.42 -8.26
N VAL B 92 17.70 -13.15 -9.34
CA VAL B 92 18.33 -12.63 -10.55
C VAL B 92 17.27 -12.63 -11.63
N ILE B 93 16.84 -11.45 -12.11
CA ILE B 93 15.81 -11.32 -13.14
C ILE B 93 16.49 -11.02 -14.48
N ILE B 94 16.33 -11.91 -15.47
CA ILE B 94 16.96 -11.71 -16.77
C ILE B 94 15.94 -11.35 -17.87
N THR B 95 16.03 -10.14 -18.38
CA THR B 95 15.21 -9.66 -19.48
C THR B 95 16.05 -9.32 -20.75
N ALA B 96 17.39 -9.44 -20.68
CA ALA B 96 18.30 -9.15 -21.77
C ALA B 96 18.03 -10.03 -22.97
N GLY B 97 18.38 -9.53 -24.14
CA GLY B 97 18.19 -10.28 -25.37
C GLY B 97 17.47 -9.50 -26.46
N VAL B 98 17.29 -10.14 -27.62
CA VAL B 98 16.61 -9.51 -28.73
C VAL B 98 15.10 -9.77 -28.68
N ALA B 99 14.33 -8.69 -28.85
CA ALA B 99 12.86 -8.68 -28.86
C ALA B 99 12.35 -9.05 -30.29
N GLN B 100 11.05 -9.38 -30.42
CA GLN B 100 10.50 -9.73 -31.74
C GLN B 100 10.00 -8.50 -32.50
N LYS B 101 10.15 -8.53 -33.83
CA LYS B 101 9.70 -7.46 -34.73
C LYS B 101 8.21 -7.71 -35.14
N GLU B 102 7.65 -6.89 -36.06
CA GLU B 102 6.26 -7.06 -36.50
C GLU B 102 6.11 -8.38 -37.27
N GLY B 103 5.33 -9.30 -36.70
CA GLY B 103 5.09 -10.60 -37.33
C GLY B 103 6.12 -11.67 -37.04
N GLU B 104 7.15 -11.35 -36.24
CA GLU B 104 8.20 -12.32 -35.94
C GLU B 104 7.77 -13.28 -34.80
N SER B 105 7.95 -14.60 -35.01
CA SER B 105 7.62 -15.61 -34.01
C SER B 105 8.67 -15.62 -32.89
N ARG B 106 8.22 -15.83 -31.65
CA ARG B 106 9.09 -15.86 -30.48
C ARG B 106 10.20 -16.92 -30.57
N LEU B 107 9.86 -18.12 -31.04
CA LEU B 107 10.78 -19.27 -31.15
C LEU B 107 12.05 -18.99 -31.98
N SER B 108 11.97 -18.13 -33.02
CA SER B 108 13.12 -17.79 -33.87
C SER B 108 14.18 -16.91 -33.16
N LEU B 109 13.87 -16.37 -31.97
CA LEU B 109 14.84 -15.56 -31.20
C LEU B 109 15.83 -16.45 -30.38
N LEU B 110 15.59 -17.77 -30.31
CA LEU B 110 16.35 -18.74 -29.53
C LEU B 110 17.85 -18.83 -29.82
N GLU B 111 18.24 -19.02 -31.08
CA GLU B 111 19.65 -19.21 -31.43
C GLU B 111 20.55 -18.04 -31.00
N ARG B 112 20.05 -16.80 -31.11
CA ARG B 112 20.81 -15.62 -30.76
C ARG B 112 20.88 -15.38 -29.26
N ASN B 113 19.74 -15.53 -28.58
CA ASN B 113 19.63 -15.28 -27.16
C ASN B 113 20.38 -16.27 -26.29
N ILE B 114 20.56 -17.51 -26.74
CA ILE B 114 21.32 -18.50 -25.97
C ILE B 114 22.78 -18.04 -25.81
N ALA B 115 23.34 -17.46 -26.89
CA ALA B 115 24.71 -16.97 -26.91
C ALA B 115 24.91 -15.89 -25.86
N ILE B 116 23.95 -14.94 -25.75
CA ILE B 116 23.94 -13.85 -24.77
C ILE B 116 23.95 -14.43 -23.34
N TYR B 117 23.08 -15.43 -23.09
CA TYR B 117 22.85 -16.10 -21.82
C TYR B 117 24.07 -16.86 -21.29
N LYS B 118 24.86 -17.46 -22.18
CA LYS B 118 26.04 -18.22 -21.76
C LYS B 118 27.11 -17.32 -21.11
N LYS B 119 27.17 -16.03 -21.51
CA LYS B 119 28.09 -15.08 -20.90
C LYS B 119 27.60 -14.68 -19.51
N ILE B 120 26.29 -14.42 -19.39
CA ILE B 120 25.65 -13.98 -18.16
C ILE B 120 25.64 -15.06 -17.08
N LEU B 121 25.12 -16.25 -17.42
CA LEU B 121 24.95 -17.35 -16.48
C LEU B 121 26.23 -17.82 -15.83
N ALA B 122 27.37 -17.74 -16.51
CA ALA B 122 28.65 -18.14 -15.94
C ALA B 122 28.95 -17.35 -14.66
N ASP B 123 28.68 -16.04 -14.67
CA ASP B 123 28.87 -15.22 -13.48
C ASP B 123 27.78 -15.41 -12.45
N VAL B 124 26.55 -15.74 -12.89
CA VAL B 124 25.44 -16.00 -11.96
C VAL B 124 25.79 -17.24 -11.12
N VAL B 125 26.31 -18.31 -11.76
CA VAL B 125 26.69 -19.53 -11.06
C VAL B 125 27.83 -19.26 -10.07
N LYS B 126 28.86 -18.51 -10.50
CA LYS B 126 30.03 -18.21 -9.67
C LYS B 126 29.76 -17.25 -8.51
N TYR B 127 29.02 -16.14 -8.74
CA TYR B 127 28.82 -15.14 -7.69
C TYR B 127 27.43 -15.14 -7.02
N CYS B 128 26.42 -15.79 -7.60
CA CYS B 128 25.08 -15.91 -6.96
C CYS B 128 24.68 -17.39 -6.97
N PRO B 129 25.40 -18.30 -6.28
CA PRO B 129 25.03 -19.73 -6.34
C PRO B 129 23.76 -20.14 -5.64
N GLU B 130 23.18 -19.27 -4.79
CA GLU B 130 21.94 -19.61 -4.08
C GLU B 130 20.67 -18.88 -4.61
N ALA B 131 20.82 -18.11 -5.69
CA ALA B 131 19.77 -17.27 -6.25
C ALA B 131 18.61 -18.02 -6.93
N ILE B 132 17.46 -17.33 -7.06
CA ILE B 132 16.30 -17.77 -7.86
C ILE B 132 16.53 -17.02 -9.20
N ILE B 133 16.38 -17.68 -10.34
CA ILE B 133 16.53 -17.03 -11.63
C ILE B 133 15.16 -16.88 -12.26
N LEU B 134 14.75 -15.65 -12.52
CA LEU B 134 13.47 -15.38 -13.19
C LEU B 134 13.76 -15.01 -14.65
N VAL B 135 13.34 -15.88 -15.60
CA VAL B 135 13.60 -15.69 -17.04
C VAL B 135 12.44 -15.03 -17.79
N VAL B 136 12.69 -13.88 -18.45
CA VAL B 136 11.67 -13.13 -19.21
C VAL B 136 11.93 -13.17 -20.73
N THR B 137 13.21 -13.12 -21.15
CA THR B 137 13.69 -13.21 -22.54
C THR B 137 12.93 -14.27 -23.36
N ASN B 138 12.42 -13.91 -24.54
CA ASN B 138 11.72 -14.88 -25.39
C ASN B 138 12.71 -15.68 -26.23
N PRO B 139 12.39 -16.93 -26.60
CA PRO B 139 11.20 -17.72 -26.23
C PRO B 139 11.36 -18.19 -24.81
N VAL B 140 10.67 -17.52 -23.85
CA VAL B 140 10.70 -17.72 -22.40
C VAL B 140 10.84 -19.18 -21.94
N ASP B 141 10.00 -20.09 -22.46
CA ASP B 141 10.01 -21.49 -22.06
C ASP B 141 11.32 -22.14 -22.40
N ILE B 142 11.82 -21.93 -23.63
CA ILE B 142 13.07 -22.53 -24.08
C ILE B 142 14.28 -21.87 -23.43
N MET B 143 14.19 -20.59 -23.07
CA MET B 143 15.26 -19.89 -22.36
C MET B 143 15.33 -20.36 -20.89
N THR B 144 14.19 -20.76 -20.29
CA THR B 144 14.10 -21.29 -18.92
C THR B 144 14.81 -22.65 -18.83
N TYR B 145 14.48 -23.57 -19.75
CA TYR B 145 15.09 -24.89 -19.80
C TYR B 145 16.60 -24.76 -20.08
N ALA B 146 16.98 -23.80 -20.95
CA ALA B 146 18.37 -23.54 -21.26
C ALA B 146 19.08 -23.04 -20.01
N THR B 147 18.47 -22.13 -19.25
CA THR B 147 19.02 -21.62 -18.00
C THR B 147 19.22 -22.73 -16.98
N LEU B 148 18.24 -23.61 -16.89
CA LEU B 148 18.25 -24.78 -16.02
C LEU B 148 19.42 -25.72 -16.37
N LYS B 149 19.69 -25.87 -17.67
CA LYS B 149 20.74 -26.75 -18.16
C LYS B 149 22.15 -26.15 -18.02
N ILE B 150 22.31 -24.88 -18.41
CA ILE B 150 23.59 -24.18 -18.31
C ILE B 150 24.06 -24.02 -16.83
N THR B 151 23.15 -23.60 -15.94
CA THR B 151 23.50 -23.35 -14.54
C THR B 151 23.65 -24.59 -13.65
N GLY B 152 22.75 -25.54 -13.80
CA GLY B 152 22.76 -26.74 -12.97
C GLY B 152 22.10 -26.57 -11.62
N PHE B 153 21.43 -25.42 -11.42
CA PHE B 153 20.70 -25.05 -10.20
C PHE B 153 19.53 -26.01 -9.98
N PRO B 154 19.06 -26.19 -8.72
CA PRO B 154 17.87 -27.03 -8.50
C PRO B 154 16.69 -26.54 -9.35
N SER B 155 15.93 -27.47 -9.95
CA SER B 155 14.83 -27.13 -10.85
C SER B 155 13.84 -26.13 -10.29
N SER B 156 13.68 -26.11 -8.96
CA SER B 156 12.77 -25.22 -8.25
C SER B 156 13.18 -23.75 -8.32
N ARG B 157 14.50 -23.48 -8.44
CA ARG B 157 14.98 -22.11 -8.44
C ARG B 157 15.03 -21.47 -9.84
N ILE B 158 14.71 -22.21 -10.91
CA ILE B 158 14.70 -21.63 -12.26
C ILE B 158 13.26 -21.41 -12.70
N ILE B 159 12.76 -20.17 -12.59
CA ILE B 159 11.36 -19.87 -12.90
C ILE B 159 11.22 -18.98 -14.16
N GLY B 160 10.29 -19.32 -15.04
CA GLY B 160 10.02 -18.50 -16.22
C GLY B 160 8.75 -17.70 -16.03
N SER B 161 8.68 -16.49 -16.62
CA SER B 161 7.46 -15.69 -16.53
C SER B 161 6.25 -16.41 -17.16
N GLY B 162 6.48 -17.20 -18.19
CA GLY B 162 5.45 -17.98 -18.85
C GLY B 162 4.13 -17.33 -19.20
N THR B 163 3.03 -18.06 -18.95
CA THR B 163 1.67 -17.63 -19.27
C THR B 163 0.99 -16.85 -18.13
N VAL B 164 1.77 -16.25 -17.22
CA VAL B 164 1.18 -15.41 -16.16
C VAL B 164 0.59 -14.15 -16.84
N LEU B 165 1.33 -13.59 -17.81
CA LEU B 165 0.90 -12.43 -18.57
C LEU B 165 -0.31 -12.77 -19.42
N ASP B 166 -0.26 -13.85 -20.22
CA ASP B 166 -1.37 -14.28 -21.05
C ASP B 166 -2.61 -14.57 -20.22
N THR B 167 -2.47 -15.14 -19.00
CA THR B 167 -3.61 -15.37 -18.10
C THR B 167 -4.26 -13.99 -17.75
N ALA B 168 -3.43 -12.97 -17.42
CA ALA B 168 -3.90 -11.63 -17.10
C ALA B 168 -4.61 -10.95 -18.25
N ARG B 169 -4.19 -11.21 -19.49
CA ARG B 169 -4.85 -10.65 -20.66
C ARG B 169 -6.22 -11.30 -20.84
N PHE B 170 -6.29 -12.63 -20.67
CA PHE B 170 -7.48 -13.47 -20.79
C PHE B 170 -8.55 -12.99 -19.83
N ARG B 171 -8.20 -12.86 -18.53
CA ARG B 171 -9.12 -12.38 -17.50
C ARG B 171 -9.63 -10.98 -17.78
N THR B 172 -8.76 -10.09 -18.29
CA THR B 172 -9.08 -8.71 -18.62
C THR B 172 -10.12 -8.62 -19.74
N LEU B 173 -9.94 -9.41 -20.81
CA LEU B 173 -10.86 -9.39 -21.94
C LEU B 173 -12.23 -9.93 -21.58
N LEU B 174 -12.25 -10.94 -20.69
CA LEU B 174 -13.50 -11.51 -20.22
C LEU B 174 -14.22 -10.52 -19.30
N ALA B 175 -13.50 -9.92 -18.32
CA ALA B 175 -14.02 -8.91 -17.40
C ALA B 175 -14.50 -7.65 -18.12
N LYS B 176 -13.97 -7.36 -19.32
CA LYS B 176 -14.41 -6.21 -20.10
C LYS B 176 -15.86 -6.45 -20.55
N GLU B 177 -16.15 -7.68 -20.99
CA GLU B 177 -17.47 -8.08 -21.45
C GLU B 177 -18.49 -8.01 -20.31
N MET B 178 -18.09 -8.47 -19.11
CA MET B 178 -18.95 -8.52 -17.92
C MET B 178 -18.99 -7.23 -17.11
N ASP B 179 -18.11 -6.26 -17.42
CA ASP B 179 -17.95 -5.00 -16.72
C ASP B 179 -17.66 -5.23 -15.22
N ILE B 180 -16.66 -6.08 -14.92
CA ILE B 180 -16.28 -6.39 -13.54
C ILE B 180 -14.73 -6.26 -13.33
N ASP B 181 -14.26 -6.39 -12.07
CA ASP B 181 -12.84 -6.37 -11.70
C ASP B 181 -12.15 -7.61 -12.31
N PRO B 182 -11.05 -7.45 -13.07
CA PRO B 182 -10.35 -8.63 -13.63
C PRO B 182 -9.90 -9.65 -12.56
N ARG B 183 -9.73 -9.21 -11.29
CA ARG B 183 -9.40 -10.11 -10.18
C ARG B 183 -10.59 -11.02 -9.75
N SER B 184 -11.80 -10.76 -10.25
CA SER B 184 -12.97 -11.59 -9.97
C SER B 184 -13.21 -12.70 -11.03
N VAL B 185 -12.41 -12.70 -12.12
CA VAL B 185 -12.48 -13.69 -13.19
C VAL B 185 -11.36 -14.70 -12.97
N HIS B 186 -11.69 -15.99 -12.97
CA HIS B 186 -10.69 -17.03 -12.73
C HIS B 186 -10.61 -17.96 -13.91
N ALA B 187 -9.85 -17.54 -14.91
CA ALA B 187 -9.67 -18.30 -16.13
C ALA B 187 -8.18 -18.41 -16.41
N TYR B 188 -7.72 -19.57 -16.89
CA TYR B 188 -6.30 -19.77 -17.16
C TYR B 188 -5.92 -20.02 -18.63
N ILE B 189 -4.66 -19.66 -18.97
CA ILE B 189 -3.97 -19.97 -20.21
C ILE B 189 -2.74 -20.77 -19.73
N ILE B 190 -2.53 -21.99 -20.24
CA ILE B 190 -1.36 -22.80 -19.82
C ILE B 190 -0.51 -23.25 -21.03
N GLY B 191 0.67 -23.83 -20.77
CA GLY B 191 1.56 -24.35 -21.81
C GLY B 191 2.62 -23.38 -22.27
N GLU B 192 2.78 -23.29 -23.59
CA GLU B 192 3.77 -22.39 -24.17
C GLU B 192 3.26 -20.96 -24.20
N HIS B 193 4.10 -20.00 -23.81
CA HIS B 193 3.77 -18.59 -23.91
C HIS B 193 4.00 -18.27 -25.39
N GLY B 194 2.95 -18.32 -26.19
CA GLY B 194 3.01 -18.11 -27.62
C GLY B 194 1.90 -18.78 -28.39
N ASP B 195 2.03 -18.85 -29.71
CA ASP B 195 1.02 -19.44 -30.58
C ASP B 195 0.34 -20.73 -30.09
N SER B 196 1.08 -21.72 -29.58
CA SER B 196 0.48 -22.97 -29.15
C SER B 196 -0.11 -22.97 -27.71
N GLU B 197 -0.48 -21.78 -27.19
CA GLU B 197 -1.03 -21.66 -25.84
C GLU B 197 -2.45 -22.22 -25.72
N VAL B 198 -2.76 -22.82 -24.56
CA VAL B 198 -4.05 -23.46 -24.32
C VAL B 198 -4.97 -22.70 -23.36
N PRO B 199 -6.16 -22.26 -23.80
CA PRO B 199 -7.11 -21.66 -22.84
C PRO B 199 -7.89 -22.76 -22.11
N VAL B 200 -7.85 -22.77 -20.77
CA VAL B 200 -8.57 -23.79 -20.00
C VAL B 200 -10.05 -23.40 -19.87
N TRP B 201 -10.83 -23.70 -20.92
CA TRP B 201 -12.26 -23.38 -20.91
C TRP B 201 -13.04 -24.20 -19.89
N SER B 202 -12.63 -25.46 -19.70
CA SER B 202 -13.26 -26.37 -18.76
C SER B 202 -13.37 -25.81 -17.35
N THR B 203 -12.41 -24.99 -16.90
CA THR B 203 -12.44 -24.47 -15.54
C THR B 203 -12.68 -22.95 -15.43
N ALA B 204 -12.91 -22.25 -16.56
CA ALA B 204 -13.12 -20.81 -16.54
C ALA B 204 -14.41 -20.45 -15.80
N ASN B 205 -14.35 -19.52 -14.84
CA ASN B 205 -15.54 -19.17 -14.07
C ASN B 205 -15.50 -17.77 -13.42
N VAL B 206 -16.65 -17.29 -12.92
CA VAL B 206 -16.83 -16.04 -12.16
C VAL B 206 -17.71 -16.32 -10.93
N GLY B 207 -17.15 -16.22 -9.74
CA GLY B 207 -17.90 -16.50 -8.51
C GLY B 207 -18.44 -17.91 -8.39
N GLY B 208 -17.69 -18.89 -8.90
CA GLY B 208 -18.09 -20.28 -8.88
C GLY B 208 -18.85 -20.70 -10.14
N MET B 209 -19.51 -19.73 -10.80
CA MET B 209 -20.30 -19.95 -12.01
C MET B 209 -19.44 -20.19 -13.25
N LYS B 210 -19.49 -21.41 -13.81
CA LYS B 210 -18.71 -21.83 -14.98
C LYS B 210 -19.12 -21.16 -16.31
N LEU B 211 -18.13 -20.70 -17.11
CA LEU B 211 -18.43 -20.05 -18.40
C LEU B 211 -18.86 -21.06 -19.48
N VAL B 212 -18.43 -22.33 -19.35
CA VAL B 212 -18.81 -23.43 -20.23
C VAL B 212 -19.50 -24.48 -19.33
N PRO B 213 -20.85 -24.47 -19.28
CA PRO B 213 -21.58 -25.34 -18.33
C PRO B 213 -21.33 -26.85 -18.39
N ASN B 214 -21.27 -27.45 -19.59
CA ASN B 214 -21.04 -28.88 -19.71
C ASN B 214 -19.71 -29.08 -20.45
N THR B 215 -19.71 -29.17 -21.80
CA THR B 215 -18.51 -29.27 -22.61
C THR B 215 -18.54 -28.19 -23.71
N TRP B 216 -17.41 -27.94 -24.39
CA TRP B 216 -17.37 -26.93 -25.45
C TRP B 216 -18.33 -27.29 -26.59
N ALA B 217 -18.35 -28.57 -26.98
CA ALA B 217 -19.19 -29.06 -28.07
C ALA B 217 -20.69 -28.84 -27.82
N ASP B 218 -21.11 -28.76 -26.55
CA ASP B 218 -22.52 -28.51 -26.23
C ASP B 218 -22.94 -27.05 -26.48
N LEU B 219 -21.97 -26.12 -26.47
CA LEU B 219 -22.21 -24.69 -26.63
C LEU B 219 -23.00 -24.37 -27.91
N PRO B 220 -23.89 -23.36 -27.85
CA PRO B 220 -24.55 -22.93 -29.10
C PRO B 220 -23.50 -22.27 -30.00
N GLU B 221 -23.62 -22.46 -31.31
CA GLU B 221 -22.64 -21.94 -32.27
C GLU B 221 -22.34 -20.44 -32.11
N ASP B 222 -23.34 -19.61 -31.75
CA ASP B 222 -23.10 -18.18 -31.59
C ASP B 222 -22.30 -17.86 -30.32
N GLU B 223 -22.47 -18.69 -29.28
CA GLU B 223 -21.76 -18.52 -28.01
C GLU B 223 -20.30 -18.97 -28.13
N LYS B 224 -20.06 -20.07 -28.88
CA LYS B 224 -18.69 -20.55 -29.05
C LYS B 224 -17.88 -19.68 -30.03
N ALA B 225 -18.55 -18.88 -30.87
CA ALA B 225 -17.85 -17.99 -31.79
C ALA B 225 -17.37 -16.75 -31.02
N THR B 226 -18.18 -16.23 -30.10
CA THR B 226 -17.82 -15.06 -29.30
C THR B 226 -16.70 -15.41 -28.32
N LEU B 227 -16.72 -16.63 -27.76
CA LEU B 227 -15.68 -17.09 -26.85
C LEU B 227 -14.38 -17.26 -27.60
N SER B 228 -14.43 -17.90 -28.80
CA SER B 228 -13.25 -18.07 -29.66
C SER B 228 -12.64 -16.73 -30.03
N GLY B 229 -13.49 -15.73 -30.28
CA GLY B 229 -13.05 -14.38 -30.61
C GLY B 229 -12.20 -13.79 -29.50
N ILE B 230 -12.66 -13.91 -28.25
CA ILE B 230 -11.92 -13.43 -27.09
C ILE B 230 -10.55 -14.13 -26.99
N PHE B 231 -10.49 -15.48 -27.13
CA PHE B 231 -9.20 -16.17 -27.10
C PHE B 231 -8.29 -15.73 -28.27
N GLN B 232 -8.86 -15.48 -29.46
CA GLN B 232 -8.08 -15.00 -30.60
C GLN B 232 -7.39 -13.67 -30.29
N LYS B 233 -8.07 -12.81 -29.51
CA LYS B 233 -7.47 -11.54 -29.09
C LYS B 233 -6.35 -11.74 -28.07
N VAL B 234 -6.40 -12.83 -27.28
CA VAL B 234 -5.36 -13.11 -26.29
C VAL B 234 -4.10 -13.56 -26.97
N GLN B 235 -4.21 -14.52 -27.91
CA GLN B 235 -3.02 -15.01 -28.61
C GLN B 235 -2.41 -13.99 -29.57
N ASN B 236 -3.20 -13.02 -30.05
CA ASN B 236 -2.71 -11.99 -30.96
C ASN B 236 -2.37 -10.66 -30.27
N ALA B 237 -2.41 -10.60 -28.92
CA ALA B 237 -2.19 -9.37 -28.18
C ALA B 237 -0.83 -8.73 -28.37
N ALA B 238 0.25 -9.54 -28.32
CA ALA B 238 1.59 -9.03 -28.51
C ALA B 238 1.77 -8.51 -29.94
N TYR B 239 1.20 -9.22 -30.93
CA TYR B 239 1.29 -8.80 -32.32
C TYR B 239 0.58 -7.48 -32.52
N ASP B 240 -0.61 -7.34 -31.96
CA ASP B 240 -1.41 -6.16 -32.11
C ASP B 240 -0.81 -4.95 -31.41
N ILE B 241 -0.22 -5.13 -30.23
CA ILE B 241 0.40 -4.03 -29.51
C ILE B 241 1.68 -3.61 -30.22
N ILE B 242 2.55 -4.55 -30.58
CA ILE B 242 3.79 -4.23 -31.28
C ILE B 242 3.56 -3.46 -32.58
N LYS B 243 2.58 -3.85 -33.39
CA LYS B 243 2.25 -3.14 -34.63
C LYS B 243 1.83 -1.66 -34.37
N LEU B 244 1.32 -1.36 -33.16
CA LEU B 244 0.86 -0.03 -32.77
C LEU B 244 1.87 0.83 -32.00
N LYS B 245 2.75 0.22 -31.17
CA LYS B 245 3.70 1.03 -30.38
C LYS B 245 5.16 0.52 -30.44
N GLY B 246 5.41 -0.61 -31.09
CA GLY B 246 6.75 -1.13 -31.27
C GLY B 246 7.18 -2.28 -30.39
N TYR B 247 6.58 -2.41 -29.20
CA TYR B 247 6.95 -3.41 -28.20
C TYR B 247 5.93 -3.45 -27.06
N THR B 248 6.10 -4.37 -26.11
CA THR B 248 5.25 -4.47 -24.91
C THR B 248 6.17 -4.28 -23.68
N SER B 249 5.72 -3.59 -22.62
CA SER B 249 6.58 -3.40 -21.44
C SER B 249 5.83 -3.33 -20.12
N TYR B 250 4.68 -2.65 -20.10
CA TYR B 250 3.91 -2.38 -18.88
C TYR B 250 3.27 -3.60 -18.25
N ALA B 251 2.58 -4.43 -19.04
CA ALA B 251 1.92 -5.60 -18.49
C ALA B 251 2.90 -6.68 -18.02
N ILE B 252 4.04 -6.88 -18.74
CA ILE B 252 5.04 -7.84 -18.29
C ILE B 252 5.77 -7.32 -17.03
N GLY B 253 5.98 -6.01 -16.95
CA GLY B 253 6.57 -5.35 -15.80
C GLY B 253 5.77 -5.58 -14.54
N LEU B 254 4.43 -5.68 -14.65
CA LEU B 254 3.56 -5.93 -13.50
C LEU B 254 3.47 -7.43 -13.18
N ALA B 255 3.53 -8.30 -14.21
CA ALA B 255 3.50 -9.76 -14.04
C ALA B 255 4.78 -10.27 -13.37
N THR B 256 5.95 -9.75 -13.78
CA THR B 256 7.23 -10.13 -13.18
C THR B 256 7.29 -9.66 -11.73
N THR B 257 6.78 -8.43 -11.45
CA THR B 257 6.73 -7.91 -10.08
C THR B 257 5.81 -8.79 -9.19
N ASP B 258 4.70 -9.27 -9.78
CA ASP B 258 3.79 -10.16 -9.07
C ASP B 258 4.46 -11.48 -8.66
N ILE B 259 5.28 -12.09 -9.54
CA ILE B 259 6.00 -13.33 -9.24
C ILE B 259 7.04 -13.08 -8.14
N VAL B 260 7.76 -11.96 -8.25
CA VAL B 260 8.76 -11.53 -7.26
C VAL B 260 8.11 -11.28 -5.86
N LYS B 261 6.86 -10.77 -5.82
CA LYS B 261 6.14 -10.54 -4.55
C LYS B 261 5.83 -11.86 -3.84
N ALA B 262 5.47 -12.91 -4.60
CA ALA B 262 5.19 -14.21 -4.01
C ALA B 262 6.46 -14.88 -3.44
N ILE B 263 7.62 -14.59 -4.05
CA ILE B 263 8.92 -15.14 -3.64
C ILE B 263 9.44 -14.41 -2.40
N LEU B 264 9.62 -13.07 -2.48
CA LEU B 264 10.14 -12.28 -1.35
C LEU B 264 9.29 -12.38 -0.09
N ASN B 265 7.97 -12.37 -0.23
CA ASN B 265 7.08 -12.42 0.91
C ASN B 265 6.66 -13.82 1.35
N SER B 266 7.20 -14.89 0.72
CA SER B 266 6.90 -16.28 1.07
C SER B 266 5.37 -16.52 1.10
N GLN B 267 4.68 -16.14 0.03
CA GLN B 267 3.22 -16.18 0.03
C GLN B 267 2.56 -17.53 -0.28
N GLU B 268 3.26 -18.45 -0.97
CA GLU B 268 2.68 -19.75 -1.35
C GLU B 268 1.41 -19.54 -2.19
N ARG B 269 1.54 -18.66 -3.16
CA ARG B 269 0.45 -18.26 -4.04
C ARG B 269 0.51 -19.05 -5.36
N ILE B 270 -0.65 -19.34 -5.95
CA ILE B 270 -0.74 -20.10 -7.19
C ILE B 270 -0.69 -19.20 -8.43
N LEU B 271 0.41 -19.29 -9.18
CA LEU B 271 0.66 -18.55 -10.42
C LEU B 271 1.00 -19.52 -11.55
N THR B 272 0.58 -19.21 -12.78
CA THR B 272 0.88 -20.08 -13.92
C THR B 272 2.25 -19.76 -14.53
N VAL B 273 3.32 -20.00 -13.76
CA VAL B 273 4.69 -19.72 -14.19
C VAL B 273 5.28 -20.92 -14.96
N SER B 274 6.34 -20.67 -15.75
CA SER B 274 7.00 -21.71 -16.54
C SER B 274 8.06 -22.42 -15.70
N GLY B 275 8.04 -23.73 -15.74
CA GLY B 275 8.98 -24.54 -14.98
C GLY B 275 9.17 -25.91 -15.57
N LEU B 276 10.15 -26.66 -15.04
CA LEU B 276 10.46 -28.02 -15.49
C LEU B 276 9.29 -29.00 -15.33
N MET B 277 8.90 -29.66 -16.42
CA MET B 277 7.86 -30.69 -16.38
C MET B 277 8.52 -31.99 -15.93
N THR B 278 8.02 -32.56 -14.84
CA THR B 278 8.58 -33.80 -14.29
C THR B 278 7.58 -34.97 -14.26
N GLY B 279 6.87 -35.18 -15.36
CA GLY B 279 5.94 -36.31 -15.44
C GLY B 279 4.46 -36.02 -15.60
N MET B 280 4.02 -34.80 -15.27
CA MET B 280 2.61 -34.45 -15.40
C MET B 280 2.14 -34.55 -16.85
N TYR B 281 1.04 -35.29 -17.06
CA TYR B 281 0.44 -35.58 -18.38
C TYR B 281 1.40 -36.38 -19.28
N GLY B 282 2.35 -37.11 -18.66
CA GLY B 282 3.39 -37.87 -19.35
C GLY B 282 4.34 -36.94 -20.08
N ILE B 283 4.60 -35.74 -19.52
CA ILE B 283 5.43 -34.73 -20.13
C ILE B 283 6.65 -34.42 -19.29
N GLU B 284 7.86 -34.59 -19.86
CA GLU B 284 9.11 -34.28 -19.16
C GLU B 284 10.24 -33.87 -20.12
N ASP B 285 11.32 -33.27 -19.56
CA ASP B 285 12.49 -32.77 -20.29
C ASP B 285 12.11 -31.64 -21.23
N VAL B 286 11.32 -30.71 -20.69
CA VAL B 286 10.80 -29.50 -21.35
C VAL B 286 10.27 -28.55 -20.25
N CYS B 287 10.12 -27.24 -20.57
CA CYS B 287 9.59 -26.25 -19.61
C CYS B 287 8.31 -25.64 -20.16
N LEU B 288 7.22 -25.65 -19.37
CA LEU B 288 5.99 -24.96 -19.78
C LEU B 288 5.17 -24.50 -18.55
N SER B 289 4.25 -23.56 -18.76
CA SER B 289 3.43 -23.04 -17.67
C SER B 289 2.30 -23.96 -17.31
N ILE B 290 2.06 -24.07 -16.01
CA ILE B 290 1.03 -24.88 -15.35
C ILE B 290 0.83 -24.23 -13.95
N PRO B 291 -0.41 -24.17 -13.39
CA PRO B 291 -0.57 -23.58 -12.04
C PRO B 291 0.37 -24.22 -11.01
N ARG B 292 1.17 -23.41 -10.32
CA ARG B 292 2.14 -23.90 -9.35
C ARG B 292 2.16 -23.01 -8.12
N VAL B 293 2.59 -23.57 -6.97
CA VAL B 293 2.71 -22.81 -5.73
C VAL B 293 4.07 -22.17 -5.71
N VAL B 294 4.09 -20.83 -5.61
CA VAL B 294 5.33 -20.05 -5.64
C VAL B 294 5.61 -19.44 -4.27
N SER B 295 6.85 -19.59 -3.79
CA SER B 295 7.28 -19.06 -2.51
C SER B 295 8.80 -18.77 -2.50
N GLU B 296 9.42 -18.45 -1.34
CA GLU B 296 10.83 -18.05 -1.21
C GLU B 296 11.84 -19.11 -1.69
N ARG B 297 11.41 -20.34 -1.89
CA ARG B 297 12.26 -21.40 -2.43
C ARG B 297 11.97 -21.68 -3.93
N GLY B 298 11.15 -20.84 -4.56
CA GLY B 298 10.78 -20.98 -5.95
C GLY B 298 9.48 -21.73 -6.12
N ILE B 299 9.50 -22.75 -6.96
CA ILE B 299 8.34 -23.60 -7.18
C ILE B 299 8.33 -24.59 -6.01
N ILE B 300 7.29 -24.52 -5.17
CA ILE B 300 7.21 -25.40 -4.01
C ILE B 300 6.31 -26.60 -4.29
N LYS B 301 5.15 -26.37 -4.95
CA LYS B 301 4.17 -27.41 -5.26
C LYS B 301 3.60 -27.26 -6.68
N THR B 302 2.91 -28.28 -7.21
CA THR B 302 2.28 -28.19 -8.53
C THR B 302 0.81 -28.59 -8.46
N VAL B 303 -0.11 -27.76 -8.99
CA VAL B 303 -1.53 -28.11 -8.99
C VAL B 303 -1.76 -29.31 -9.93
N ASN B 304 -2.29 -30.41 -9.39
CA ASN B 304 -2.58 -31.62 -10.17
C ASN B 304 -3.89 -31.39 -10.96
N LEU B 305 -3.91 -30.39 -11.83
CA LEU B 305 -5.10 -29.94 -12.55
C LEU B 305 -5.72 -30.92 -13.55
N THR B 306 -7.01 -31.26 -13.32
CA THR B 306 -7.77 -32.12 -14.23
C THR B 306 -8.15 -31.32 -15.47
N LEU B 307 -7.72 -31.80 -16.65
CA LEU B 307 -7.98 -31.10 -17.91
C LEU B 307 -8.90 -31.90 -18.82
N SER B 308 -9.65 -31.20 -19.70
CA SER B 308 -10.49 -31.87 -20.70
C SER B 308 -9.57 -32.67 -21.66
N GLU B 309 -10.08 -33.75 -22.26
CA GLU B 309 -9.27 -34.57 -23.17
C GLU B 309 -8.60 -33.76 -24.29
N ASP B 310 -9.28 -32.71 -24.78
CA ASP B 310 -8.72 -31.85 -25.83
C ASP B 310 -7.62 -30.97 -25.25
N GLU B 311 -7.90 -30.35 -24.09
CA GLU B 311 -6.96 -29.48 -23.37
C GLU B 311 -5.66 -30.19 -23.07
N GLU B 312 -5.74 -31.48 -22.72
CA GLU B 312 -4.57 -32.28 -22.41
C GLU B 312 -3.72 -32.59 -23.66
N LYS B 313 -4.36 -33.07 -24.74
CA LYS B 313 -3.70 -33.40 -25.99
C LYS B 313 -3.07 -32.15 -26.65
N LEU B 314 -3.71 -30.98 -26.51
CA LEU B 314 -3.18 -29.73 -27.05
C LEU B 314 -1.92 -29.33 -26.27
N LEU B 315 -1.94 -29.50 -24.95
CA LEU B 315 -0.82 -29.20 -24.07
C LEU B 315 0.39 -30.07 -24.34
N GLN B 316 0.18 -31.39 -24.58
CA GLN B 316 1.31 -32.27 -24.81
C GLN B 316 1.93 -32.07 -26.19
N GLN B 317 1.12 -31.69 -27.20
CA GLN B 317 1.63 -31.41 -28.54
C GLN B 317 2.57 -30.20 -28.51
N SER B 318 2.19 -29.18 -27.72
CA SER B 318 2.93 -27.95 -27.48
C SER B 318 4.30 -28.31 -26.91
N ALA B 319 4.34 -29.25 -25.96
CA ALA B 319 5.57 -29.72 -25.33
C ALA B 319 6.46 -30.53 -26.27
N LYS B 320 5.88 -31.39 -27.13
CA LYS B 320 6.67 -32.20 -28.07
C LYS B 320 7.40 -31.33 -29.07
N MET B 321 6.75 -30.25 -29.54
CA MET B 321 7.40 -29.36 -30.50
C MET B 321 8.39 -28.41 -29.83
N LEU B 322 8.18 -28.08 -28.54
CA LEU B 322 9.10 -27.22 -27.79
C LEU B 322 10.45 -27.95 -27.62
N LYS B 323 10.40 -29.28 -27.36
CA LYS B 323 11.60 -30.11 -27.23
C LYS B 323 12.29 -30.38 -28.58
N GLU B 324 11.57 -30.20 -29.70
CA GLU B 324 12.15 -30.34 -31.03
C GLU B 324 12.99 -29.09 -31.32
N VAL B 325 12.45 -27.89 -30.99
CA VAL B 325 13.17 -26.63 -31.20
C VAL B 325 14.47 -26.61 -30.39
N PHE B 326 14.44 -27.15 -29.16
CA PHE B 326 15.65 -27.19 -28.34
C PHE B 326 16.71 -28.15 -28.90
N ASP B 327 16.27 -29.24 -29.54
CA ASP B 327 17.21 -30.19 -30.13
C ASP B 327 17.86 -29.66 -31.41
N LYS B 328 17.15 -28.82 -32.19
CA LYS B 328 17.75 -28.22 -33.40
C LYS B 328 18.89 -27.24 -33.08
N ILE B 329 19.17 -26.97 -31.78
CA ILE B 329 20.24 -26.11 -31.29
C ILE B 329 21.21 -27.00 -30.51
N MET C 1 -23.24 -13.62 -24.49
CA MET C 1 -23.41 -14.84 -23.70
C MET C 1 -23.42 -14.58 -22.19
N PHE C 2 -22.72 -13.51 -21.74
CA PHE C 2 -22.56 -13.31 -20.29
C PHE C 2 -23.74 -12.66 -19.58
N GLU C 3 -24.85 -12.41 -20.28
CA GLU C 3 -26.05 -11.84 -19.65
C GLU C 3 -26.83 -12.87 -18.80
N LYS C 4 -26.61 -14.17 -19.06
CA LYS C 4 -27.18 -15.28 -18.32
C LYS C 4 -26.25 -15.70 -17.13
N ILE C 5 -25.03 -15.14 -17.05
CA ILE C 5 -24.06 -15.38 -15.99
C ILE C 5 -24.29 -14.33 -14.90
N LEU C 6 -24.33 -13.05 -15.27
CA LEU C 6 -24.55 -11.96 -14.31
C LEU C 6 -25.89 -11.30 -14.58
N LEU C 7 -26.74 -11.24 -13.55
CA LEU C 7 -28.07 -10.66 -13.65
C LEU C 7 -28.04 -9.23 -13.17
N SER C 8 -28.35 -8.29 -14.04
CA SER C 8 -28.34 -6.87 -13.70
C SER C 8 -29.44 -6.53 -12.69
N ASN C 9 -29.15 -5.61 -11.78
CA ASN C 9 -30.10 -5.20 -10.74
C ASN C 9 -30.80 -3.89 -11.12
N PRO C 10 -32.11 -3.93 -11.39
CA PRO C 10 -32.82 -2.68 -11.76
C PRO C 10 -32.84 -1.58 -10.69
N SER C 11 -32.54 -1.93 -9.45
CA SER C 11 -32.47 -0.97 -8.37
C SER C 11 -31.24 -0.04 -8.50
N ALA C 12 -30.16 -0.54 -9.11
CA ALA C 12 -28.94 0.25 -9.31
C ALA C 12 -28.99 1.17 -10.52
N GLU C 13 -30.20 1.51 -11.01
CA GLU C 13 -30.33 2.40 -12.16
C GLU C 13 -30.07 3.85 -11.76
N ASN C 14 -30.49 4.27 -10.56
CA ASN C 14 -30.25 5.64 -10.10
C ASN C 14 -28.89 5.78 -9.37
N PRO C 15 -28.12 6.85 -9.70
CA PRO C 15 -26.78 7.01 -9.12
C PRO C 15 -26.77 7.52 -7.68
N SER C 16 -25.94 6.89 -6.83
CA SER C 16 -25.78 7.25 -5.42
C SER C 16 -24.98 8.57 -5.26
N SER C 17 -24.74 9.01 -4.00
CA SER C 17 -23.97 10.21 -3.69
C SER C 17 -22.51 10.11 -4.20
N LEU C 18 -21.96 8.89 -4.28
CA LEU C 18 -20.60 8.65 -4.73
C LEU C 18 -20.43 8.81 -6.25
N ARG C 19 -19.54 9.70 -6.65
CA ARG C 19 -19.23 9.92 -8.05
C ARG C 19 -17.75 9.52 -8.27
N PRO C 20 -17.49 8.64 -9.24
CA PRO C 20 -16.10 8.20 -9.47
C PRO C 20 -15.12 9.33 -9.76
N ARG C 21 -13.92 9.24 -9.19
CA ARG C 21 -12.89 10.25 -9.42
C ARG C 21 -12.22 10.05 -10.78
N LYS C 22 -12.50 10.99 -11.70
CA LYS C 22 -11.98 10.95 -13.06
C LYS C 22 -10.78 11.85 -13.26
N GLY C 23 -9.78 11.35 -13.95
CA GLY C 23 -8.60 12.13 -14.30
C GLY C 23 -8.28 11.99 -15.77
N ILE C 24 -7.66 13.01 -16.35
CA ILE C 24 -7.28 12.96 -17.75
C ILE C 24 -5.85 13.42 -17.95
N ILE C 25 -5.05 12.59 -18.62
CA ILE C 25 -3.67 12.98 -18.95
C ILE C 25 -3.62 13.37 -20.43
N ILE C 26 -3.27 14.62 -20.71
CA ILE C 26 -3.14 15.12 -22.09
C ILE C 26 -1.67 15.18 -22.45
N GLY C 27 -1.26 14.37 -23.41
CA GLY C 27 0.13 14.30 -23.82
C GLY C 27 0.72 13.07 -23.18
N LEU C 28 0.87 12.01 -23.96
CA LEU C 28 1.40 10.77 -23.46
C LEU C 28 2.72 10.35 -24.12
N GLY C 29 3.71 11.19 -23.93
CA GLY C 29 5.06 10.88 -24.36
C GLY C 29 5.77 10.21 -23.20
N GLN C 30 7.09 10.44 -23.07
CA GLN C 30 7.86 9.83 -22.01
C GLN C 30 7.38 10.19 -20.61
N VAL C 31 7.04 11.47 -20.40
CA VAL C 31 6.57 11.95 -19.10
C VAL C 31 5.14 11.45 -18.82
N GLY C 32 4.25 11.65 -19.78
CA GLY C 32 2.86 11.22 -19.66
C GLY C 32 2.71 9.73 -19.41
N LEU C 33 3.55 8.87 -20.06
CA LEU C 33 3.47 7.42 -19.86
C LEU C 33 4.03 6.97 -18.50
N ALA C 34 4.98 7.72 -17.93
CA ALA C 34 5.50 7.43 -16.60
C ALA C 34 4.43 7.80 -15.57
N CYS C 35 3.72 8.95 -15.79
CA CYS C 35 2.62 9.40 -14.94
C CYS C 35 1.53 8.35 -14.95
N ALA C 36 1.09 7.91 -16.14
CA ALA C 36 0.04 6.91 -16.24
C ALA C 36 0.38 5.59 -15.51
N TYR C 37 1.61 5.08 -15.70
CA TYR C 37 2.06 3.84 -15.05
C TYR C 37 2.02 3.96 -13.54
N SER C 38 2.65 5.02 -12.98
CA SER C 38 2.68 5.25 -11.54
C SER C 38 1.28 5.43 -10.95
N MET C 39 0.43 6.26 -11.60
CA MET C 39 -0.93 6.52 -11.14
C MET C 39 -1.81 5.28 -11.19
N LEU C 40 -1.50 4.30 -12.04
CA LEU C 40 -2.26 3.06 -12.09
C LEU C 40 -1.81 2.13 -10.96
N ILE C 41 -0.48 1.96 -10.78
CA ILE C 41 0.08 1.10 -9.74
C ILE C 41 -0.32 1.60 -8.34
N GLN C 42 -0.39 2.94 -8.15
CA GLN C 42 -0.74 3.52 -6.87
C GLN C 42 -2.25 3.76 -6.68
N ASP C 43 -3.10 3.34 -7.66
CA ASP C 43 -4.57 3.41 -7.70
C ASP C 43 -5.15 4.81 -7.36
N CYS C 44 -4.68 5.85 -8.05
CA CYS C 44 -5.14 7.22 -7.80
C CYS C 44 -6.59 7.47 -8.23
N PHE C 45 -6.96 7.08 -9.44
CA PHE C 45 -8.28 7.34 -9.97
C PHE C 45 -9.16 6.11 -10.10
N ASP C 46 -10.47 6.37 -10.21
CA ASP C 46 -11.45 5.34 -10.49
C ASP C 46 -11.49 5.17 -12.02
N GLU C 47 -11.44 6.28 -12.78
CA GLU C 47 -11.34 6.23 -14.23
C GLU C 47 -10.29 7.22 -14.74
N LEU C 48 -9.44 6.76 -15.67
CA LEU C 48 -8.37 7.58 -16.20
C LEU C 48 -8.40 7.62 -17.71
N VAL C 49 -8.59 8.80 -18.28
CA VAL C 49 -8.62 8.98 -19.73
C VAL C 49 -7.26 9.49 -20.23
N LEU C 50 -6.78 8.91 -21.33
CA LEU C 50 -5.51 9.33 -21.91
C LEU C 50 -5.77 9.99 -23.28
N GLN C 51 -5.23 11.21 -23.48
CA GLN C 51 -5.43 11.97 -24.71
C GLN C 51 -4.11 12.32 -25.39
N ASP C 52 -3.96 11.97 -26.67
CA ASP C 52 -2.76 12.31 -27.46
C ASP C 52 -3.10 12.42 -28.93
N ILE C 53 -2.37 13.27 -29.67
CA ILE C 53 -2.56 13.44 -31.12
C ILE C 53 -2.02 12.23 -31.93
N ALA C 54 -1.11 11.42 -31.34
CA ALA C 54 -0.57 10.22 -31.97
C ALA C 54 -1.48 9.04 -31.61
N SER C 55 -2.60 8.90 -32.35
CA SER C 55 -3.64 7.91 -32.08
C SER C 55 -3.19 6.46 -32.03
N ASP C 56 -2.44 5.99 -33.03
CA ASP C 56 -2.00 4.61 -33.10
C ASP C 56 -1.17 4.18 -31.91
N LYS C 57 -0.13 4.96 -31.56
CA LYS C 57 0.73 4.66 -30.43
C LYS C 57 -0.07 4.64 -29.13
N LEU C 58 -0.98 5.62 -28.97
CA LEU C 58 -1.86 5.71 -27.80
C LEU C 58 -2.69 4.45 -27.63
N GLU C 59 -3.31 3.96 -28.73
CA GLU C 59 -4.13 2.74 -28.73
C GLU C 59 -3.33 1.52 -28.25
N GLY C 60 -2.07 1.45 -28.66
CA GLY C 60 -1.15 0.39 -28.25
C GLY C 60 -0.82 0.49 -26.77
N GLU C 61 -0.56 1.71 -26.28
CA GLU C 61 -0.25 1.97 -24.86
C GLU C 61 -1.43 1.60 -23.94
N VAL C 62 -2.67 1.95 -24.34
CA VAL C 62 -3.87 1.64 -23.56
C VAL C 62 -4.04 0.12 -23.48
N MET C 63 -3.77 -0.60 -24.58
CA MET C 63 -3.85 -2.07 -24.58
C MET C 63 -2.88 -2.66 -23.55
N ASP C 64 -1.64 -2.17 -23.55
CA ASP C 64 -0.61 -2.62 -22.64
C ASP C 64 -0.97 -2.31 -21.18
N PHE C 65 -1.45 -1.09 -20.92
CA PHE C 65 -1.82 -0.70 -19.56
C PHE C 65 -2.96 -1.54 -19.04
N SER C 66 -3.98 -1.78 -19.87
CA SER C 66 -5.13 -2.54 -19.43
C SER C 66 -4.83 -4.02 -19.18
N HIS C 67 -3.81 -4.60 -19.84
CA HIS C 67 -3.47 -6.02 -19.63
C HIS C 67 -2.81 -6.33 -18.28
N GLY C 68 -2.32 -5.31 -17.58
CA GLY C 68 -1.70 -5.51 -16.28
C GLY C 68 -2.64 -5.32 -15.10
N MET C 69 -3.90 -4.93 -15.34
CA MET C 69 -4.92 -4.70 -14.31
C MET C 69 -5.11 -5.84 -13.31
N PRO C 70 -5.10 -7.13 -13.71
CA PRO C 70 -5.26 -8.19 -12.69
C PRO C 70 -4.19 -8.19 -11.59
N PHE C 71 -3.04 -7.54 -11.83
CA PHE C 71 -1.96 -7.51 -10.82
C PHE C 71 -2.06 -6.35 -9.83
N ILE C 72 -2.96 -5.38 -10.07
CA ILE C 72 -3.16 -4.20 -9.22
C ILE C 72 -4.68 -3.93 -8.97
N PRO C 73 -5.06 -3.00 -8.06
CA PRO C 73 -6.50 -2.68 -7.92
C PRO C 73 -6.97 -1.96 -9.20
N PRO C 74 -8.24 -2.15 -9.59
CA PRO C 74 -8.69 -1.64 -10.88
C PRO C 74 -8.94 -0.14 -11.03
N THR C 75 -8.76 0.30 -12.28
CA THR C 75 -9.00 1.65 -12.78
C THR C 75 -9.53 1.52 -14.20
N ASP C 76 -10.61 2.24 -14.52
CA ASP C 76 -11.15 2.23 -15.86
C ASP C 76 -10.26 3.10 -16.75
N ILE C 77 -9.25 2.47 -17.36
CA ILE C 77 -8.29 3.17 -18.22
C ILE C 77 -8.78 3.16 -19.67
N LYS C 78 -8.83 4.32 -20.32
CA LYS C 78 -9.29 4.42 -21.71
C LYS C 78 -8.64 5.53 -22.50
N ALA C 79 -8.67 5.44 -23.83
CA ALA C 79 -8.21 6.51 -24.72
C ALA C 79 -9.42 7.39 -25.02
N GLY C 80 -9.21 8.71 -25.07
CA GLY C 80 -10.30 9.62 -25.35
C GLY C 80 -9.90 11.07 -25.49
N THR C 81 -10.91 11.96 -25.50
CA THR C 81 -10.72 13.40 -25.60
C THR C 81 -11.51 14.11 -24.50
N ILE C 82 -11.18 15.38 -24.21
CA ILE C 82 -11.87 16.20 -23.23
C ILE C 82 -13.36 16.32 -23.58
N ALA C 83 -13.66 16.51 -24.88
CA ALA C 83 -15.03 16.69 -25.37
C ALA C 83 -15.97 15.53 -25.12
N ASN C 84 -15.47 14.28 -25.03
CA ASN C 84 -16.35 13.15 -24.78
C ASN C 84 -16.01 12.39 -23.48
N GLU C 85 -14.96 11.53 -23.51
CA GLU C 85 -14.58 10.70 -22.37
C GLU C 85 -14.05 11.48 -21.18
N GLY C 86 -13.41 12.62 -21.44
CA GLY C 86 -12.83 13.43 -20.39
C GLY C 86 -13.73 14.47 -19.77
N ARG C 87 -15.02 14.48 -20.14
CA ARG C 87 -15.96 15.47 -19.62
C ARG C 87 -16.08 15.45 -18.08
N ASN C 88 -15.99 16.64 -17.47
CA ASN C 88 -16.09 16.86 -16.03
C ASN C 88 -15.06 16.09 -15.21
N ALA C 89 -13.87 15.88 -15.76
CA ALA C 89 -12.78 15.24 -15.04
C ALA C 89 -12.36 16.15 -13.87
N ASP C 90 -12.00 15.56 -12.75
CA ASP C 90 -11.61 16.32 -11.56
C ASP C 90 -10.23 16.93 -11.70
N ILE C 91 -9.30 16.23 -12.36
CA ILE C 91 -7.94 16.75 -12.56
C ILE C 91 -7.52 16.52 -13.99
N VAL C 92 -6.99 17.58 -14.64
CA VAL C 92 -6.46 17.54 -15.99
C VAL C 92 -4.93 17.70 -15.87
N ILE C 93 -4.17 16.66 -16.22
CA ILE C 93 -2.71 16.68 -16.15
C ILE C 93 -2.15 16.89 -17.56
N ILE C 94 -1.55 18.05 -17.82
CA ILE C 94 -1.05 18.36 -19.14
C ILE C 94 0.47 18.24 -19.22
N THR C 95 0.92 17.22 -19.96
CA THR C 95 2.33 16.98 -20.23
C THR C 95 2.62 17.11 -21.75
N ALA C 96 1.64 17.51 -22.58
CA ALA C 96 1.81 17.63 -24.01
C ALA C 96 2.74 18.78 -24.36
N GLY C 97 3.52 18.61 -25.43
CA GLY C 97 4.39 19.68 -25.89
C GLY C 97 5.80 19.27 -26.27
N VAL C 98 6.57 20.21 -26.79
CA VAL C 98 7.94 19.97 -27.19
C VAL C 98 8.89 19.92 -25.98
N ALA C 99 9.81 18.93 -25.98
CA ALA C 99 10.79 18.75 -24.91
C ALA C 99 12.12 19.40 -25.29
N GLN C 100 12.99 19.67 -24.30
CA GLN C 100 14.26 20.30 -24.60
C GLN C 100 15.31 19.30 -25.13
N LYS C 101 16.05 19.72 -26.16
CA LYS C 101 17.15 18.95 -26.76
C LYS C 101 18.42 19.10 -25.90
N GLU C 102 19.51 18.41 -26.26
CA GLU C 102 20.76 18.51 -25.49
C GLU C 102 21.28 19.96 -25.53
N GLY C 103 21.59 20.52 -24.37
CA GLY C 103 22.11 21.88 -24.26
C GLY C 103 21.08 22.99 -24.47
N GLU C 104 19.82 22.64 -24.74
CA GLU C 104 18.76 23.63 -24.97
C GLU C 104 18.16 24.14 -23.66
N SER C 105 17.75 25.41 -23.63
CA SER C 105 17.12 25.98 -22.44
C SER C 105 15.61 25.69 -22.46
N ARG C 106 15.01 25.50 -21.27
CA ARG C 106 13.58 25.28 -21.12
C ARG C 106 12.81 26.49 -21.64
N LEU C 107 13.32 27.72 -21.36
CA LEU C 107 12.71 28.97 -21.79
C LEU C 107 12.46 29.09 -23.31
N SER C 108 13.31 28.46 -24.15
CA SER C 108 13.15 28.56 -25.59
C SER C 108 12.01 27.69 -26.16
N LEU C 109 11.34 26.88 -25.34
CA LEU C 109 10.18 26.07 -25.77
C LEU C 109 8.84 26.83 -25.63
N LEU C 110 8.86 28.03 -25.02
CA LEU C 110 7.69 28.81 -24.65
C LEU C 110 6.68 29.07 -25.77
N GLU C 111 7.10 29.75 -26.84
CA GLU C 111 6.21 30.12 -27.93
C GLU C 111 5.45 28.92 -28.52
N ARG C 112 6.19 27.85 -28.87
CA ARG C 112 5.62 26.64 -29.45
C ARG C 112 4.59 25.98 -28.53
N ASN C 113 4.90 25.88 -27.23
CA ASN C 113 4.02 25.24 -26.26
C ASN C 113 2.78 26.09 -25.93
N ILE C 114 2.84 27.43 -26.00
CA ILE C 114 1.64 28.26 -25.80
C ILE C 114 0.66 28.05 -26.98
N ALA C 115 1.18 27.77 -28.18
CA ALA C 115 0.36 27.50 -29.36
C ALA C 115 -0.41 26.18 -29.17
N ILE C 116 0.24 25.17 -28.58
CA ILE C 116 -0.36 23.86 -28.28
C ILE C 116 -1.44 23.99 -27.19
N TYR C 117 -1.15 24.81 -26.17
CA TYR C 117 -2.05 25.06 -25.05
C TYR C 117 -3.30 25.79 -25.49
N LYS C 118 -3.18 26.80 -26.37
CA LYS C 118 -4.36 27.53 -26.85
C LYS C 118 -5.42 26.60 -27.48
N LYS C 119 -4.97 25.60 -28.26
CA LYS C 119 -5.85 24.60 -28.87
C LYS C 119 -6.45 23.69 -27.80
N ILE C 120 -5.64 23.19 -26.85
CA ILE C 120 -6.11 22.28 -25.80
C ILE C 120 -7.06 22.91 -24.77
N LEU C 121 -6.68 24.07 -24.21
CA LEU C 121 -7.43 24.74 -23.17
C LEU C 121 -8.80 25.22 -23.61
N ALA C 122 -9.04 25.43 -24.90
CA ALA C 122 -10.38 25.83 -25.39
C ALA C 122 -11.45 24.81 -24.99
N ASP C 123 -11.16 23.51 -25.09
CA ASP C 123 -12.10 22.47 -24.68
C ASP C 123 -12.12 22.28 -23.20
N VAL C 124 -10.98 22.45 -22.49
CA VAL C 124 -10.92 22.30 -21.04
C VAL C 124 -11.87 23.30 -20.37
N VAL C 125 -11.94 24.54 -20.89
CA VAL C 125 -12.81 25.57 -20.34
C VAL C 125 -14.29 25.20 -20.54
N LYS C 126 -14.61 24.65 -21.70
CA LYS C 126 -15.97 24.28 -22.05
C LYS C 126 -16.45 22.98 -21.39
N TYR C 127 -15.64 21.91 -21.42
CA TYR C 127 -16.07 20.60 -20.92
C TYR C 127 -15.62 20.24 -19.49
N CYS C 128 -14.58 20.90 -18.96
CA CYS C 128 -14.11 20.70 -17.58
C CYS C 128 -14.05 22.04 -16.83
N PRO C 129 -15.17 22.78 -16.68
CA PRO C 129 -15.09 24.09 -16.01
C PRO C 129 -14.75 24.07 -14.53
N GLU C 130 -14.86 22.92 -13.85
CA GLU C 130 -14.60 22.81 -12.42
C GLU C 130 -13.33 22.04 -12.06
N ALA C 131 -12.49 21.72 -13.04
CA ALA C 131 -11.31 20.90 -12.87
C ALA C 131 -10.09 21.61 -12.29
N ILE C 132 -9.18 20.83 -11.67
CA ILE C 132 -7.87 21.32 -11.23
C ILE C 132 -6.96 21.03 -12.42
N ILE C 133 -6.16 22.01 -12.87
CA ILE C 133 -5.23 21.77 -13.96
C ILE C 133 -3.82 21.67 -13.40
N LEU C 134 -3.16 20.53 -13.65
CA LEU C 134 -1.81 20.27 -13.20
C LEU C 134 -0.91 20.30 -14.44
N VAL C 135 -0.10 21.37 -14.58
CA VAL C 135 0.79 21.66 -15.71
C VAL C 135 2.19 21.11 -15.51
N VAL C 136 2.70 20.31 -16.46
CA VAL C 136 4.05 19.72 -16.39
C VAL C 136 4.95 20.24 -17.55
N THR C 137 4.35 20.57 -18.69
CA THR C 137 5.01 21.08 -19.91
C THR C 137 5.94 22.26 -19.58
N ASN C 138 7.13 22.36 -20.24
CA ASN C 138 8.10 23.43 -19.99
C ASN C 138 7.90 24.71 -20.85
N PRO C 139 8.36 25.90 -20.37
CA PRO C 139 8.91 26.18 -19.04
C PRO C 139 7.74 26.11 -18.07
N VAL C 140 7.71 25.07 -17.22
CA VAL C 140 6.61 24.80 -16.29
C VAL C 140 6.03 26.08 -15.58
N ASP C 141 6.87 27.05 -15.15
CA ASP C 141 6.34 28.25 -14.47
C ASP C 141 5.59 29.16 -15.39
N ILE C 142 6.18 29.51 -16.54
CA ILE C 142 5.54 30.38 -17.50
C ILE C 142 4.35 29.70 -18.18
N MET C 143 4.40 28.37 -18.33
CA MET C 143 3.28 27.61 -18.88
C MET C 143 2.09 27.61 -17.91
N THR C 144 2.35 27.54 -16.59
CA THR C 144 1.33 27.63 -15.55
C THR C 144 0.69 29.03 -15.56
N TYR C 145 1.52 30.08 -15.70
CA TYR C 145 1.01 31.44 -15.76
C TYR C 145 0.15 31.67 -17.01
N ALA C 146 0.59 31.14 -18.15
CA ALA C 146 -0.16 31.28 -19.40
C ALA C 146 -1.48 30.53 -19.32
N THR C 147 -1.51 29.35 -18.67
CA THR C 147 -2.74 28.56 -18.49
C THR C 147 -3.76 29.36 -17.67
N LEU C 148 -3.29 30.06 -16.66
CA LEU C 148 -4.12 30.92 -15.82
C LEU C 148 -4.78 32.03 -16.64
N LYS C 149 -4.00 32.72 -17.48
CA LYS C 149 -4.49 33.80 -18.34
C LYS C 149 -5.46 33.28 -19.38
N ILE C 150 -5.14 32.17 -20.05
CA ILE C 150 -5.99 31.59 -21.10
C ILE C 150 -7.34 31.05 -20.57
N THR C 151 -7.31 30.26 -19.51
CA THR C 151 -8.52 29.65 -18.97
C THR C 151 -9.36 30.61 -18.16
N GLY C 152 -8.71 31.50 -17.41
CA GLY C 152 -9.44 32.39 -16.51
C GLY C 152 -9.98 31.69 -15.27
N PHE C 153 -9.52 30.44 -15.01
CA PHE C 153 -9.89 29.64 -13.84
C PHE C 153 -9.34 30.29 -12.57
N PRO C 154 -9.92 30.01 -11.39
CA PRO C 154 -9.35 30.55 -10.14
C PRO C 154 -7.88 30.15 -9.98
N SER C 155 -7.03 31.07 -9.50
CA SER C 155 -5.60 30.79 -9.37
C SER C 155 -5.28 29.58 -8.47
N SER C 156 -6.15 29.26 -7.52
CA SER C 156 -5.97 28.10 -6.66
C SER C 156 -6.04 26.77 -7.42
N ARG C 157 -6.80 26.73 -8.54
CA ARG C 157 -6.95 25.51 -9.34
C ARG C 157 -5.98 25.39 -10.52
N ILE C 158 -5.00 26.29 -10.64
CA ILE C 158 -4.01 26.22 -11.71
C ILE C 158 -2.64 25.98 -11.05
N ILE C 159 -2.20 24.72 -11.04
CA ILE C 159 -0.97 24.33 -10.37
C ILE C 159 0.07 23.75 -11.32
N GLY C 160 1.32 24.18 -11.16
CA GLY C 160 2.43 23.64 -11.93
C GLY C 160 3.23 22.69 -11.08
N SER C 161 3.83 21.65 -11.70
CA SER C 161 4.64 20.69 -10.94
C SER C 161 5.84 21.36 -10.23
N GLY C 162 6.32 22.47 -10.81
CA GLY C 162 7.38 23.31 -10.26
C GLY C 162 8.64 22.66 -9.74
N THR C 163 9.04 23.01 -8.51
CA THR C 163 10.28 22.50 -7.94
C THR C 163 10.10 21.32 -7.01
N VAL C 164 8.98 20.58 -7.12
CA VAL C 164 8.77 19.36 -6.33
C VAL C 164 9.86 18.34 -6.72
N LEU C 165 10.17 18.25 -8.02
CA LEU C 165 11.23 17.42 -8.60
C LEU C 165 12.63 17.89 -8.17
N ASP C 166 12.90 19.19 -8.24
CA ASP C 166 14.20 19.76 -7.83
C ASP C 166 14.46 19.53 -6.35
N THR C 167 13.43 19.65 -5.53
CA THR C 167 13.51 19.42 -4.09
C THR C 167 13.84 17.94 -3.83
N ALA C 168 13.21 17.02 -4.59
CA ALA C 168 13.47 15.60 -4.45
C ALA C 168 14.90 15.22 -4.85
N ARG C 169 15.48 15.95 -5.82
CA ARG C 169 16.84 15.70 -6.27
C ARG C 169 17.85 16.14 -5.21
N PHE C 170 17.63 17.34 -4.63
CA PHE C 170 18.45 17.93 -3.59
C PHE C 170 18.52 16.99 -2.38
N ARG C 171 17.34 16.49 -1.94
CA ARG C 171 17.22 15.58 -0.82
C ARG C 171 17.90 14.26 -1.05
N THR C 172 17.86 13.73 -2.29
CA THR C 172 18.49 12.45 -2.62
C THR C 172 20.00 12.56 -2.59
N LEU C 173 20.53 13.65 -3.14
CA LEU C 173 21.98 13.85 -3.18
C LEU C 173 22.55 14.06 -1.78
N LEU C 174 21.84 14.82 -0.94
CA LEU C 174 22.27 15.05 0.43
C LEU C 174 22.16 13.75 1.24
N ALA C 175 21.07 12.98 1.04
CA ALA C 175 20.86 11.70 1.72
C ALA C 175 21.91 10.66 1.33
N LYS C 176 22.46 10.72 0.11
CA LYS C 176 23.50 9.78 -0.32
C LYS C 176 24.80 10.05 0.46
N GLU C 177 25.08 11.33 0.75
CA GLU C 177 26.25 11.73 1.51
C GLU C 177 26.17 11.25 2.97
N MET C 178 24.94 11.23 3.54
CA MET C 178 24.73 10.80 4.94
C MET C 178 24.31 9.34 5.09
N ASP C 179 23.98 8.66 3.97
CA ASP C 179 23.51 7.29 3.91
C ASP C 179 22.22 7.09 4.70
N ILE C 180 21.25 7.99 4.49
CA ILE C 180 19.95 7.93 5.18
C ILE C 180 18.79 7.94 4.18
N ASP C 181 17.54 7.76 4.67
CA ASP C 181 16.33 7.81 3.86
C ASP C 181 16.14 9.26 3.38
N PRO C 182 16.00 9.50 2.06
CA PRO C 182 15.76 10.87 1.58
C PRO C 182 14.52 11.55 2.20
N ARG C 183 13.54 10.75 2.68
CA ARG C 183 12.35 11.28 3.34
C ARG C 183 12.67 11.90 4.73
N SER C 184 13.87 11.63 5.28
CA SER C 184 14.37 12.19 6.53
C SER C 184 15.20 13.48 6.31
N VAL C 185 15.47 13.85 5.04
CA VAL C 185 16.22 15.06 4.70
C VAL C 185 15.21 16.14 4.37
N HIS C 186 15.25 17.27 5.07
CA HIS C 186 14.31 18.37 4.81
C HIS C 186 15.04 19.56 4.23
N ALA C 187 15.19 19.57 2.90
CA ALA C 187 15.88 20.61 2.15
C ALA C 187 15.03 21.04 0.96
N TYR C 188 14.90 22.35 0.73
CA TYR C 188 14.07 22.86 -0.35
C TYR C 188 14.80 23.56 -1.49
N ILE C 189 14.21 23.48 -2.70
CA ILE C 189 14.62 24.23 -3.87
C ILE C 189 13.37 25.07 -4.24
N ILE C 190 13.50 26.40 -4.28
CA ILE C 190 12.34 27.27 -4.61
C ILE C 190 12.62 28.09 -5.90
N GLY C 191 11.61 28.79 -6.42
CA GLY C 191 11.77 29.61 -7.61
C GLY C 191 11.44 28.92 -8.92
N GLU C 192 12.22 29.23 -9.96
CA GLU C 192 12.04 28.67 -11.29
C GLU C 192 12.51 27.22 -11.35
N HIS C 193 11.77 26.35 -12.07
CA HIS C 193 12.24 24.99 -12.31
C HIS C 193 13.19 25.18 -13.50
N GLY C 194 14.42 25.54 -13.19
CA GLY C 194 15.42 25.85 -14.20
C GLY C 194 16.66 26.46 -13.60
N ASP C 195 17.51 27.03 -14.45
CA ASP C 195 18.81 27.58 -14.06
C ASP C 195 18.77 28.59 -12.90
N SER C 196 17.71 29.40 -12.77
CA SER C 196 17.64 30.39 -11.69
C SER C 196 16.99 29.90 -10.38
N GLU C 197 16.90 28.57 -10.19
CA GLU C 197 16.35 27.98 -8.97
C GLU C 197 17.19 28.33 -7.75
N VAL C 198 16.56 28.40 -6.56
CA VAL C 198 17.22 28.82 -5.34
C VAL C 198 17.24 27.74 -4.27
N PRO C 199 18.44 27.30 -3.86
CA PRO C 199 18.51 26.33 -2.75
C PRO C 199 18.34 27.10 -1.44
N VAL C 200 17.44 26.62 -0.57
CA VAL C 200 17.20 27.30 0.70
C VAL C 200 18.14 26.70 1.77
N TRP C 201 19.42 27.04 1.68
CA TRP C 201 20.42 26.55 2.63
C TRP C 201 20.11 27.01 4.06
N SER C 202 19.46 28.16 4.24
CA SER C 202 19.17 28.69 5.56
C SER C 202 18.29 27.80 6.42
N THR C 203 17.50 26.91 5.81
CA THR C 203 16.61 26.03 6.55
C THR C 203 16.89 24.54 6.34
N ALA C 204 17.84 24.17 5.44
CA ALA C 204 18.17 22.76 5.17
C ALA C 204 18.56 22.03 6.44
N ASN C 205 17.94 20.86 6.72
CA ASN C 205 18.22 20.15 7.97
C ASN C 205 17.84 18.67 7.97
N VAL C 206 18.40 17.91 8.92
CA VAL C 206 18.01 16.53 9.16
C VAL C 206 17.74 16.41 10.65
N GLY C 207 16.53 15.98 11.00
CA GLY C 207 16.12 15.82 12.39
C GLY C 207 16.20 17.10 13.21
N GLY C 208 15.96 18.24 12.57
CA GLY C 208 16.04 19.54 13.23
C GLY C 208 17.42 20.16 13.21
N MET C 209 18.45 19.36 12.89
CA MET C 209 19.84 19.81 12.85
C MET C 209 20.17 20.40 11.49
N LYS C 210 20.42 21.72 11.43
CA LYS C 210 20.72 22.42 10.19
C LYS C 210 22.08 22.05 9.59
N LEU C 211 22.16 22.01 8.25
CA LEU C 211 23.43 21.71 7.58
C LEU C 211 24.36 22.93 7.58
N VAL C 212 23.78 24.14 7.52
CA VAL C 212 24.51 25.40 7.60
C VAL C 212 24.14 25.97 8.96
N PRO C 213 25.03 25.79 9.96
CA PRO C 213 24.69 26.21 11.34
C PRO C 213 24.42 27.70 11.57
N ASN C 214 25.16 28.58 10.90
CA ASN C 214 24.96 30.03 11.08
C ASN C 214 24.61 30.67 9.73
N THR C 215 25.60 31.20 8.98
CA THR C 215 25.37 31.76 7.65
C THR C 215 26.34 31.10 6.67
N TRP C 216 26.02 31.15 5.36
CA TRP C 216 26.89 30.58 4.32
C TRP C 216 28.30 31.17 4.37
N ALA C 217 28.42 32.45 4.75
CA ALA C 217 29.69 33.14 4.85
C ALA C 217 30.56 32.56 5.97
N ASP C 218 29.94 32.16 7.10
CA ASP C 218 30.68 31.59 8.23
C ASP C 218 31.05 30.11 8.08
N LEU C 219 30.90 29.55 6.88
CA LEU C 219 31.18 28.16 6.59
C LEU C 219 32.60 28.06 6.05
N PRO C 220 33.34 27.00 6.44
CA PRO C 220 34.71 26.84 5.91
C PRO C 220 34.74 26.69 4.39
N GLU C 221 35.85 27.10 3.75
CA GLU C 221 35.98 27.04 2.29
C GLU C 221 35.79 25.65 1.70
N ASP C 222 36.29 24.61 2.39
CA ASP C 222 36.15 23.22 1.94
C ASP C 222 34.71 22.73 2.04
N GLU C 223 33.96 23.24 3.02
CA GLU C 223 32.56 22.89 3.20
C GLU C 223 31.70 23.62 2.17
N LYS C 224 32.04 24.89 1.88
CA LYS C 224 31.34 25.68 0.88
C LYS C 224 31.45 25.03 -0.51
N ALA C 225 32.60 24.42 -0.81
CA ALA C 225 32.85 23.76 -2.07
C ALA C 225 32.07 22.46 -2.22
N THR C 226 31.97 21.67 -1.13
CA THR C 226 31.24 20.40 -1.17
C THR C 226 29.72 20.61 -1.27
N LEU C 227 29.19 21.64 -0.60
CA LEU C 227 27.76 21.92 -0.66
C LEU C 227 27.37 22.52 -2.01
N SER C 228 28.23 23.36 -2.59
CA SER C 228 27.99 23.94 -3.91
C SER C 228 28.01 22.87 -4.99
N GLY C 229 28.89 21.88 -4.84
CA GLY C 229 28.98 20.77 -5.78
C GLY C 229 27.69 19.98 -5.84
N ILE C 230 27.01 19.84 -4.68
CA ILE C 230 25.73 19.14 -4.56
C ILE C 230 24.64 19.95 -5.26
N PHE C 231 24.59 21.29 -5.03
CA PHE C 231 23.57 22.12 -5.68
C PHE C 231 23.78 22.19 -7.20
N GLN C 232 25.03 22.31 -7.65
CA GLN C 232 25.33 22.33 -9.08
C GLN C 232 24.88 21.05 -9.78
N LYS C 233 24.94 19.90 -9.08
CA LYS C 233 24.45 18.64 -9.64
C LYS C 233 22.93 18.63 -9.80
N VAL C 234 22.21 19.42 -8.98
CA VAL C 234 20.75 19.55 -9.02
C VAL C 234 20.36 20.43 -10.21
N GLN C 235 21.05 21.57 -10.41
CA GLN C 235 20.72 22.43 -11.54
C GLN C 235 21.11 21.82 -12.88
N ASN C 236 22.16 20.99 -12.89
CA ASN C 236 22.57 20.31 -14.12
C ASN C 236 21.94 18.95 -14.33
N ALA C 237 21.04 18.51 -13.45
CA ALA C 237 20.43 17.17 -13.53
C ALA C 237 19.74 16.88 -14.84
N ALA C 238 18.92 17.81 -15.33
CA ALA C 238 18.24 17.61 -16.61
C ALA C 238 19.26 17.49 -17.76
N TYR C 239 20.28 18.38 -17.83
CA TYR C 239 21.30 18.32 -18.87
C TYR C 239 22.07 16.99 -18.78
N ASP C 240 22.47 16.59 -17.57
CA ASP C 240 23.24 15.37 -17.38
C ASP C 240 22.46 14.13 -17.76
N ILE C 241 21.16 14.07 -17.43
CA ILE C 241 20.32 12.93 -17.76
C ILE C 241 20.00 12.89 -19.26
N ILE C 242 19.57 14.04 -19.83
CA ILE C 242 19.24 14.14 -21.25
C ILE C 242 20.44 13.77 -22.12
N LYS C 243 21.65 14.17 -21.71
CA LYS C 243 22.86 13.82 -22.46
C LYS C 243 23.10 12.28 -22.45
N LEU C 244 22.65 11.57 -21.40
CA LEU C 244 22.83 10.13 -21.28
C LEU C 244 21.71 9.26 -21.88
N LYS C 245 20.43 9.59 -21.65
CA LYS C 245 19.31 8.77 -22.17
C LYS C 245 18.36 9.54 -23.14
N GLY C 246 18.51 10.85 -23.25
CA GLY C 246 17.73 11.65 -24.19
C GLY C 246 16.56 12.43 -23.63
N TYR C 247 16.18 12.17 -22.38
CA TYR C 247 15.02 12.79 -21.73
C TYR C 247 14.99 12.37 -20.25
N THR C 248 14.01 12.89 -19.47
CA THR C 248 13.77 12.47 -18.09
C THR C 248 12.27 12.06 -17.97
N SER C 249 11.93 11.03 -17.18
CA SER C 249 10.52 10.60 -17.07
C SER C 249 10.08 10.00 -15.72
N TYR C 250 10.89 9.08 -15.16
CA TYR C 250 10.58 8.37 -13.93
C TYR C 250 10.37 9.25 -12.69
N ALA C 251 11.31 10.14 -12.37
CA ALA C 251 11.17 10.99 -11.19
C ALA C 251 10.04 12.01 -11.33
N ILE C 252 9.81 12.56 -12.53
CA ILE C 252 8.70 13.49 -12.73
C ILE C 252 7.34 12.78 -12.66
N GLY C 253 7.29 11.52 -13.08
CA GLY C 253 6.09 10.71 -12.98
C GLY C 253 5.70 10.49 -11.54
N LEU C 254 6.69 10.26 -10.67
CA LEU C 254 6.44 10.09 -9.22
C LEU C 254 6.11 11.44 -8.54
N ALA C 255 6.75 12.55 -8.97
CA ALA C 255 6.48 13.87 -8.39
C ALA C 255 5.07 14.29 -8.71
N THR C 256 4.63 14.07 -9.98
CA THR C 256 3.28 14.40 -10.45
C THR C 256 2.25 13.57 -9.71
N THR C 257 2.51 12.26 -9.54
CA THR C 257 1.61 11.38 -8.79
C THR C 257 1.50 11.84 -7.31
N ASP C 258 2.63 12.26 -6.70
CA ASP C 258 2.62 12.72 -5.32
C ASP C 258 1.74 13.98 -5.16
N ILE C 259 1.66 14.83 -6.19
CA ILE C 259 0.80 16.01 -6.14
C ILE C 259 -0.68 15.60 -6.29
N VAL C 260 -0.96 14.65 -7.20
N VAL C 260 -1.00 14.65 -7.21
CA VAL C 260 -2.29 14.12 -7.42
CA VAL C 260 -2.40 14.22 -7.37
C VAL C 260 -2.86 13.51 -6.12
C VAL C 260 -2.90 13.51 -6.10
N LYS C 261 -2.00 12.86 -5.33
CA LYS C 261 -2.40 12.22 -4.07
C LYS C 261 -2.86 13.26 -3.04
N ALA C 262 -2.14 14.40 -2.95
CA ALA C 262 -2.49 15.45 -2.00
C ALA C 262 -3.84 16.06 -2.37
N ILE C 263 -4.13 16.21 -3.67
CA ILE C 263 -5.40 16.74 -4.14
C ILE C 263 -6.55 15.73 -3.90
N LEU C 264 -6.50 14.55 -4.56
CA LEU C 264 -7.55 13.52 -4.47
C LEU C 264 -7.86 13.11 -3.05
N ASN C 265 -6.84 12.90 -2.24
CA ASN C 265 -7.05 12.47 -0.86
C ASN C 265 -7.21 13.58 0.14
N SER C 266 -7.39 14.85 -0.31
CA SER C 266 -7.64 16.02 0.53
C SER C 266 -6.67 16.09 1.71
N GLN C 267 -5.38 15.92 1.43
CA GLN C 267 -4.38 15.75 2.47
C GLN C 267 -3.91 17.01 3.20
N GLU C 268 -4.00 18.20 2.59
CA GLU C 268 -3.55 19.43 3.22
C GLU C 268 -2.06 19.35 3.53
N ARG C 269 -1.27 18.87 2.57
CA ARG C 269 0.16 18.60 2.71
C ARG C 269 1.00 19.67 2.02
N ILE C 270 2.12 20.06 2.65
CA ILE C 270 3.03 21.09 2.13
C ILE C 270 3.94 20.57 1.02
N LEU C 271 3.88 21.21 -0.17
CA LEU C 271 4.69 20.87 -1.35
C LEU C 271 5.16 22.16 -2.04
N THR C 272 6.34 22.16 -2.65
CA THR C 272 6.81 23.33 -3.39
C THR C 272 6.33 23.28 -4.84
N VAL C 273 5.02 23.43 -5.04
CA VAL C 273 4.43 23.46 -6.36
C VAL C 273 4.42 24.90 -6.91
N SER C 274 4.35 25.02 -8.24
CA SER C 274 4.30 26.31 -8.89
C SER C 274 2.87 26.87 -8.89
N GLY C 275 2.75 28.17 -8.65
CA GLY C 275 1.47 28.86 -8.62
C GLY C 275 1.63 30.37 -8.58
N LEU C 276 0.51 31.09 -8.80
CA LEU C 276 0.51 32.55 -8.86
C LEU C 276 1.04 33.21 -7.61
N MET C 277 1.99 34.13 -7.79
CA MET C 277 2.56 34.91 -6.70
C MET C 277 1.70 36.14 -6.51
N THR C 278 1.27 36.37 -5.28
CA THR C 278 0.36 37.48 -4.96
C THR C 278 0.93 38.49 -3.96
N GLY C 279 2.21 38.81 -4.06
CA GLY C 279 2.83 39.81 -3.20
C GLY C 279 3.86 39.31 -2.20
N MET C 280 4.10 38.00 -2.15
CA MET C 280 5.10 37.43 -1.24
C MET C 280 6.48 37.91 -1.66
N TYR C 281 7.21 38.57 -0.77
CA TYR C 281 8.53 39.16 -1.05
C TYR C 281 8.47 40.27 -2.12
N GLY C 282 7.30 40.87 -2.32
CA GLY C 282 7.09 41.90 -3.34
C GLY C 282 6.89 41.34 -4.74
N ILE C 283 6.70 40.02 -4.87
CA ILE C 283 6.59 39.38 -6.16
C ILE C 283 5.14 39.15 -6.63
N GLU C 284 4.77 39.70 -7.81
CA GLU C 284 3.43 39.50 -8.38
C GLU C 284 3.45 39.34 -9.91
N ASP C 285 2.31 38.88 -10.49
CA ASP C 285 2.10 38.68 -11.94
C ASP C 285 3.06 37.67 -12.55
N VAL C 286 3.38 36.65 -11.77
CA VAL C 286 4.31 35.59 -12.18
C VAL C 286 4.01 34.33 -11.35
N CYS C 287 4.33 33.16 -11.91
CA CYS C 287 4.18 31.90 -11.22
C CYS C 287 5.55 31.37 -10.90
N LEU C 288 5.75 30.85 -9.69
CA LEU C 288 6.98 30.18 -9.29
C LEU C 288 6.72 29.26 -8.07
N SER C 289 7.70 28.45 -7.67
CA SER C 289 7.50 27.52 -6.56
C SER C 289 7.97 28.03 -5.20
N ILE C 290 7.07 27.93 -4.22
CA ILE C 290 7.31 28.18 -2.81
C ILE C 290 6.44 27.18 -2.03
N PRO C 291 6.82 26.79 -0.80
CA PRO C 291 6.02 25.79 -0.06
C PRO C 291 4.56 26.21 0.13
N ARG C 292 3.62 25.34 -0.26
CA ARG C 292 2.19 25.62 -0.17
C ARG C 292 1.41 24.38 0.28
N VAL C 293 0.27 24.60 0.96
CA VAL C 293 -0.63 23.52 1.38
C VAL C 293 -1.49 23.09 0.19
N VAL C 294 -1.44 21.82 -0.19
CA VAL C 294 -2.18 21.31 -1.34
C VAL C 294 -3.32 20.40 -0.88
N SER C 295 -4.50 20.53 -1.48
CA SER C 295 -5.67 19.72 -1.11
C SER C 295 -6.69 19.64 -2.29
N GLU C 296 -7.90 19.08 -2.07
CA GLU C 296 -8.92 18.90 -3.11
C GLU C 296 -9.34 20.23 -3.80
N ARG C 297 -9.13 21.41 -3.17
CA ARG C 297 -9.45 22.68 -3.85
C ARG C 297 -8.21 23.33 -4.53
N GLY C 298 -7.09 22.61 -4.58
CA GLY C 298 -5.84 23.10 -5.16
C GLY C 298 -4.92 23.71 -4.12
N ILE C 299 -4.40 24.91 -4.39
CA ILE C 299 -3.54 25.61 -3.45
C ILE C 299 -4.46 26.26 -2.46
N ILE C 300 -4.39 25.82 -1.19
CA ILE C 300 -5.28 26.34 -0.17
C ILE C 300 -4.58 27.37 0.72
N LYS C 301 -3.29 27.21 0.97
CA LYS C 301 -2.50 28.11 1.83
C LYS C 301 -1.05 28.22 1.31
N THR C 302 -0.32 29.24 1.77
CA THR C 302 1.08 29.42 1.38
C THR C 302 1.93 29.59 2.62
N VAL C 303 3.07 28.88 2.71
CA VAL C 303 3.96 29.02 3.86
C VAL C 303 4.62 30.39 3.78
N ASN C 304 4.50 31.20 4.83
CA ASN C 304 5.11 32.53 4.91
C ASN C 304 6.60 32.36 5.28
N LEU C 305 7.35 31.67 4.41
CA LEU C 305 8.73 31.29 4.62
C LEU C 305 9.72 32.41 4.82
N THR C 306 10.46 32.37 5.93
CA THR C 306 11.50 33.36 6.20
C THR C 306 12.74 32.97 5.41
N LEU C 307 13.19 33.86 4.51
CA LEU C 307 14.39 33.59 3.72
C LEU C 307 15.54 34.50 4.16
N SER C 308 16.78 34.13 3.80
CA SER C 308 17.94 34.97 4.07
C SER C 308 17.92 36.15 3.07
N GLU C 309 18.67 37.23 3.34
CA GLU C 309 18.68 38.38 2.43
C GLU C 309 19.17 37.99 1.03
N ASP C 310 20.11 37.05 0.95
CA ASP C 310 20.67 36.60 -0.32
C ASP C 310 19.67 35.71 -1.07
N GLU C 311 19.01 34.79 -0.33
CA GLU C 311 18.01 33.88 -0.90
C GLU C 311 16.82 34.68 -1.44
N GLU C 312 16.41 35.74 -0.73
CA GLU C 312 15.28 36.57 -1.15
C GLU C 312 15.61 37.37 -2.40
N LYS C 313 16.83 37.91 -2.46
CA LYS C 313 17.28 38.68 -3.62
C LYS C 313 17.31 37.79 -4.86
N LEU C 314 17.80 36.55 -4.72
CA LEU C 314 17.86 35.59 -5.82
C LEU C 314 16.48 35.20 -6.32
N LEU C 315 15.52 35.04 -5.40
CA LEU C 315 14.15 34.69 -5.75
C LEU C 315 13.52 35.85 -6.53
N GLN C 316 13.75 37.10 -6.08
CA GLN C 316 13.26 38.30 -6.74
C GLN C 316 13.85 38.43 -8.14
N GLN C 317 15.13 38.07 -8.32
CA GLN C 317 15.80 38.12 -9.63
C GLN C 317 15.23 37.05 -10.57
N SER C 318 14.90 35.87 -10.03
CA SER C 318 14.32 34.77 -10.81
C SER C 318 12.98 35.22 -11.39
N ALA C 319 12.16 35.92 -10.59
CA ALA C 319 10.84 36.38 -11.02
C ALA C 319 10.90 37.49 -12.07
N LYS C 320 11.84 38.45 -11.93
CA LYS C 320 11.98 39.53 -12.90
C LYS C 320 12.36 38.96 -14.27
N MET C 321 13.26 37.96 -14.30
CA MET C 321 13.65 37.36 -15.58
C MET C 321 12.52 36.49 -16.15
N LEU C 322 11.73 35.78 -15.32
CA LEU C 322 10.59 35.00 -15.83
C LEU C 322 9.55 35.93 -16.46
N LYS C 323 9.32 37.11 -15.84
CA LYS C 323 8.36 38.09 -16.36
C LYS C 323 8.84 38.66 -17.69
N GLU C 324 10.15 38.92 -17.81
CA GLU C 324 10.72 39.43 -19.06
C GLU C 324 10.66 38.39 -20.17
N VAL C 325 10.84 37.10 -19.84
CA VAL C 325 10.77 36.04 -20.85
C VAL C 325 9.36 35.94 -21.43
N PHE C 326 8.34 36.07 -20.58
CA PHE C 326 6.95 36.03 -21.02
C PHE C 326 6.55 37.29 -21.80
N ASP C 327 7.07 38.45 -21.38
CA ASP C 327 6.77 39.73 -22.04
C ASP C 327 7.33 39.80 -23.46
N LYS C 328 8.50 39.20 -23.68
CA LYS C 328 9.14 39.18 -24.99
C LYS C 328 8.30 38.39 -26.02
N ILE C 329 7.63 37.31 -25.57
CA ILE C 329 6.82 36.49 -26.48
C ILE C 329 5.50 37.18 -26.86
N ASN C 330 4.92 38.03 -25.97
CA ASN C 330 3.68 38.75 -26.24
C ASN C 330 3.96 40.11 -26.89
N PHE D 2 -5.76 -33.75 0.62
CA PHE D 2 -5.34 -32.75 -0.36
C PHE D 2 -3.98 -33.02 -1.01
N GLU D 3 -3.41 -34.21 -0.77
CA GLU D 3 -2.12 -34.60 -1.37
C GLU D 3 -2.25 -34.95 -2.85
N LYS D 4 -3.46 -35.26 -3.32
CA LYS D 4 -3.75 -35.53 -4.72
C LYS D 4 -4.17 -34.24 -5.49
N ILE D 5 -4.31 -33.09 -4.78
CA ILE D 5 -4.67 -31.79 -5.34
C ILE D 5 -3.40 -30.97 -5.55
N LEU D 6 -2.48 -31.00 -4.59
CA LEU D 6 -1.19 -30.32 -4.73
C LEU D 6 -0.06 -31.34 -4.65
N LEU D 7 0.80 -31.37 -5.66
CA LEU D 7 1.91 -32.32 -5.71
C LEU D 7 3.17 -31.64 -5.19
N SER D 8 3.73 -32.18 -4.11
CA SER D 8 4.92 -31.61 -3.50
C SER D 8 6.14 -31.71 -4.41
N ASN D 9 7.01 -30.69 -4.37
CA ASN D 9 8.21 -30.67 -5.20
C ASN D 9 9.45 -31.05 -4.39
N PRO D 10 10.05 -32.21 -4.67
CA PRO D 10 11.27 -32.63 -3.92
C PRO D 10 12.47 -31.71 -4.07
N SER D 11 12.46 -30.83 -5.08
CA SER D 11 13.55 -29.89 -5.28
C SER D 11 13.52 -28.77 -4.23
N ALA D 12 12.35 -28.44 -3.68
CA ALA D 12 12.23 -27.41 -2.67
C ALA D 12 12.59 -27.89 -1.25
N GLU D 13 13.32 -29.01 -1.12
CA GLU D 13 13.70 -29.51 0.19
C GLU D 13 14.87 -28.72 0.79
N ASN D 14 15.81 -28.27 -0.05
CA ASN D 14 16.95 -27.47 0.43
C ASN D 14 16.61 -25.96 0.46
N PRO D 15 16.98 -25.27 1.56
CA PRO D 15 16.64 -23.85 1.70
C PRO D 15 17.50 -22.90 0.87
N SER D 16 16.83 -21.98 0.14
CA SER D 16 17.47 -20.95 -0.70
C SER D 16 18.15 -19.85 0.20
N SER D 17 18.78 -18.84 -0.42
CA SER D 17 19.41 -17.72 0.28
C SER D 17 18.38 -16.89 1.10
N LEU D 18 17.11 -16.88 0.67
CA LEU D 18 16.06 -16.15 1.35
C LEU D 18 15.57 -16.85 2.61
N ARG D 19 15.63 -16.16 3.75
CA ARG D 19 15.14 -16.72 5.01
C ARG D 19 13.95 -15.87 5.47
N PRO D 20 12.80 -16.49 5.74
CA PRO D 20 11.61 -15.71 6.14
C PRO D 20 11.84 -14.83 7.36
N ARG D 21 11.33 -13.59 7.30
CA ARG D 21 11.48 -12.66 8.41
C ARG D 21 10.51 -12.98 9.51
N LYS D 22 11.03 -13.48 10.64
CA LYS D 22 10.24 -13.88 11.80
C LYS D 22 10.25 -12.81 12.88
N GLY D 23 9.09 -12.60 13.47
CA GLY D 23 8.93 -11.67 14.58
C GLY D 23 8.14 -12.32 15.69
N ILE D 24 8.40 -11.91 16.93
CA ILE D 24 7.66 -12.45 18.06
C ILE D 24 7.19 -11.35 18.98
N ILE D 25 5.89 -11.33 19.29
CA ILE D 25 5.34 -10.37 20.22
C ILE D 25 5.08 -11.08 21.55
N ILE D 26 5.75 -10.63 22.62
CA ILE D 26 5.56 -11.20 23.94
C ILE D 26 4.69 -10.24 24.74
N GLY D 27 3.45 -10.65 25.04
CA GLY D 27 2.51 -9.83 25.78
C GLY D 27 1.36 -9.35 24.92
N LEU D 28 0.30 -10.17 24.87
CA LEU D 28 -0.83 -9.86 24.01
C LEU D 28 -2.03 -9.27 24.73
N GLY D 29 -1.82 -8.11 25.34
CA GLY D 29 -2.90 -7.36 25.95
C GLY D 29 -3.39 -6.31 24.97
N GLN D 30 -3.87 -5.16 25.46
CA GLN D 30 -4.35 -4.09 24.60
C GLN D 30 -3.29 -3.58 23.65
N VAL D 31 -2.06 -3.38 24.12
CA VAL D 31 -0.96 -2.85 23.29
C VAL D 31 -0.46 -3.92 22.30
N GLY D 32 -0.22 -5.12 22.78
CA GLY D 32 0.24 -6.23 21.95
C GLY D 32 -0.72 -6.57 20.83
N LEU D 33 -2.03 -6.57 21.11
CA LEU D 33 -3.03 -6.87 20.09
C LEU D 33 -3.19 -5.76 19.05
N ALA D 34 -2.89 -4.51 19.42
CA ALA D 34 -2.93 -3.42 18.45
C ALA D 34 -1.71 -3.54 17.53
N CYS D 35 -0.53 -3.90 18.11
CA CYS D 35 0.69 -4.14 17.36
C CYS D 35 0.47 -5.27 16.38
N ALA D 36 -0.06 -6.43 16.85
CA ALA D 36 -0.31 -7.56 15.97
C ALA D 36 -1.26 -7.22 14.80
N TYR D 37 -2.37 -6.53 15.07
CA TYR D 37 -3.33 -6.14 14.05
C TYR D 37 -2.69 -5.26 12.99
N SER D 38 -2.01 -4.17 13.42
CA SER D 38 -1.34 -3.25 12.50
C SER D 38 -0.26 -3.93 11.68
N MET D 39 0.61 -4.73 12.33
CA MET D 39 1.69 -5.45 11.67
C MET D 39 1.18 -6.49 10.66
N LEU D 40 -0.05 -7.01 10.84
CA LEU D 40 -0.63 -7.94 9.87
C LEU D 40 -1.18 -7.19 8.68
N ILE D 41 -1.95 -6.11 8.92
CA ILE D 41 -2.54 -5.30 7.85
C ILE D 41 -1.45 -4.65 6.98
N GLN D 42 -0.32 -4.25 7.59
CA GLN D 42 0.79 -3.62 6.87
C GLN D 42 1.84 -4.62 6.33
N ASP D 43 1.61 -5.94 6.51
CA ASP D 43 2.44 -7.06 6.05
C ASP D 43 3.93 -6.96 6.41
N CYS D 44 4.24 -6.72 7.69
CA CYS D 44 5.62 -6.57 8.13
C CYS D 44 6.44 -7.87 8.08
N PHE D 45 5.89 -8.96 8.64
CA PHE D 45 6.61 -10.21 8.73
C PHE D 45 6.09 -11.30 7.81
N ASP D 46 6.94 -12.30 7.57
CA ASP D 46 6.56 -13.49 6.84
C ASP D 46 5.92 -14.45 7.84
N GLU D 47 6.47 -14.54 9.08
CA GLU D 47 5.85 -15.31 10.14
C GLU D 47 5.88 -14.52 11.45
N LEU D 48 4.75 -14.54 12.17
CA LEU D 48 4.63 -13.79 13.42
C LEU D 48 4.13 -14.70 14.55
N VAL D 49 4.95 -14.86 15.59
CA VAL D 49 4.59 -15.68 16.74
C VAL D 49 4.08 -14.80 17.87
N LEU D 50 2.99 -15.20 18.53
CA LEU D 50 2.42 -14.46 19.65
C LEU D 50 2.59 -15.27 20.93
N GLN D 51 3.16 -14.65 21.97
CA GLN D 51 3.43 -15.33 23.25
C GLN D 51 2.75 -14.63 24.42
N ASP D 52 1.96 -15.37 25.20
CA ASP D 52 1.28 -14.84 26.39
C ASP D 52 1.00 -15.96 27.39
N ILE D 53 0.99 -15.64 28.68
CA ILE D 53 0.70 -16.61 29.74
C ILE D 53 -0.80 -16.97 29.80
N ALA D 54 -1.68 -16.14 29.22
CA ALA D 54 -3.12 -16.42 29.20
C ALA D 54 -3.43 -17.20 27.93
N SER D 55 -3.20 -18.52 27.98
CA SER D 55 -3.35 -19.45 26.85
C SER D 55 -4.69 -19.42 26.11
N ASP D 56 -5.81 -19.55 26.83
CA ASP D 56 -7.12 -19.59 26.22
C ASP D 56 -7.44 -18.35 25.42
N LYS D 57 -7.28 -17.15 26.01
CA LYS D 57 -7.55 -15.89 25.33
C LYS D 57 -6.67 -15.76 24.08
N LEU D 58 -5.36 -16.12 24.20
CA LEU D 58 -4.42 -16.09 23.09
C LEU D 58 -4.89 -16.97 21.94
N GLU D 59 -5.34 -18.20 22.22
CA GLU D 59 -5.84 -19.13 21.21
C GLU D 59 -7.05 -18.55 20.45
N GLY D 60 -7.91 -17.84 21.17
CA GLY D 60 -9.07 -17.16 20.57
C GLY D 60 -8.63 -16.03 19.68
N GLU D 61 -7.64 -15.22 20.13
CA GLU D 61 -7.10 -14.10 19.34
C GLU D 61 -6.45 -14.56 18.04
N VAL D 62 -5.65 -15.65 18.10
CA VAL D 62 -4.98 -16.22 16.92
C VAL D 62 -6.04 -16.71 15.90
N MET D 63 -7.14 -17.32 16.38
CA MET D 63 -8.23 -17.76 15.50
C MET D 63 -8.81 -16.56 14.75
N ASP D 64 -9.10 -15.47 15.48
CA ASP D 64 -9.66 -14.25 14.93
C ASP D 64 -8.71 -13.60 13.92
N PHE D 65 -7.42 -13.52 14.27
CA PHE D 65 -6.44 -12.92 13.38
C PHE D 65 -6.31 -13.72 12.09
N SER D 66 -6.24 -15.04 12.19
CA SER D 66 -6.08 -15.88 11.01
C SER D 66 -7.30 -15.88 10.07
N HIS D 67 -8.51 -15.62 10.59
CA HIS D 67 -9.71 -15.60 9.73
C HIS D 67 -9.80 -14.40 8.79
N GLY D 68 -9.03 -13.34 9.04
CA GLY D 68 -9.03 -12.16 8.19
C GLY D 68 -7.96 -12.14 7.11
N MET D 69 -7.08 -13.18 7.08
CA MET D 69 -5.99 -13.31 6.11
C MET D 69 -6.40 -13.19 4.64
N PRO D 70 -7.55 -13.75 4.18
CA PRO D 70 -7.91 -13.60 2.77
C PRO D 70 -8.08 -12.15 2.32
N PHE D 71 -8.27 -11.20 3.26
CA PHE D 71 -8.46 -9.79 2.89
C PHE D 71 -7.16 -9.00 2.77
N ILE D 72 -6.04 -9.55 3.24
CA ILE D 72 -4.71 -8.91 3.22
C ILE D 72 -3.62 -9.86 2.68
N PRO D 73 -2.37 -9.37 2.39
CA PRO D 73 -1.30 -10.31 2.00
C PRO D 73 -0.97 -11.22 3.19
N PRO D 74 -0.56 -12.48 2.92
CA PRO D 74 -0.40 -13.44 4.02
C PRO D 74 0.83 -13.30 4.93
N THR D 75 0.63 -13.78 6.16
CA THR D 75 1.61 -13.88 7.23
C THR D 75 1.28 -15.13 8.02
N ASP D 76 2.29 -15.96 8.31
CA ASP D 76 2.09 -17.15 9.10
C ASP D 76 1.97 -16.73 10.56
N ILE D 77 0.74 -16.46 11.00
CA ILE D 77 0.45 -16.05 12.37
C ILE D 77 0.19 -17.28 13.26
N LYS D 78 0.89 -17.38 14.41
CA LYS D 78 0.70 -18.53 15.30
C LYS D 78 0.95 -18.21 16.78
N ALA D 79 0.42 -19.04 17.67
CA ALA D 79 0.70 -18.91 19.10
C ALA D 79 1.94 -19.79 19.40
N GLY D 80 2.80 -19.32 20.28
CA GLY D 80 4.00 -20.07 20.63
C GLY D 80 4.85 -19.44 21.72
N THR D 81 6.07 -19.98 21.88
CA THR D 81 7.05 -19.51 22.86
C THR D 81 8.40 -19.29 22.19
N ILE D 82 9.30 -18.52 22.82
CA ILE D 82 10.65 -18.25 22.34
C ILE D 82 11.42 -19.58 22.16
N ALA D 83 11.27 -20.50 23.12
CA ALA D 83 11.97 -21.78 23.13
C ALA D 83 11.67 -22.68 21.94
N ASN D 84 10.49 -22.58 21.31
CA ASN D 84 10.17 -23.44 20.16
C ASN D 84 9.85 -22.63 18.88
N GLU D 85 8.63 -22.08 18.77
CA GLU D 85 8.18 -21.35 17.58
C GLU D 85 8.91 -20.04 17.34
N GLY D 86 9.36 -19.40 18.41
CA GLY D 86 10.03 -18.12 18.31
C GLY D 86 11.53 -18.17 18.14
N ARG D 87 12.11 -19.37 17.97
CA ARG D 87 13.55 -19.53 17.83
C ARG D 87 14.12 -18.75 16.65
N ASN D 88 15.21 -18.01 16.90
CA ASN D 88 15.94 -17.20 15.93
C ASN D 88 15.09 -16.13 15.24
N ALA D 89 14.11 -15.58 15.95
CA ALA D 89 13.29 -14.49 15.43
C ALA D 89 14.19 -13.25 15.24
N ASP D 90 13.94 -12.48 14.19
CA ASP D 90 14.74 -11.30 13.90
C ASP D 90 14.44 -10.14 14.83
N ILE D 91 13.18 -10.00 15.27
CA ILE D 91 12.79 -8.93 16.19
C ILE D 91 11.88 -9.50 17.26
N VAL D 92 12.18 -9.19 18.54
CA VAL D 92 11.39 -9.57 19.70
C VAL D 92 10.74 -8.27 20.22
N ILE D 93 9.42 -8.18 20.15
CA ILE D 93 8.68 -7.02 20.63
C ILE D 93 8.06 -7.37 21.98
N ILE D 94 8.53 -6.73 23.04
CA ILE D 94 8.02 -7.02 24.37
C ILE D 94 7.08 -5.93 24.89
N THR D 95 5.80 -6.25 25.01
CA THR D 95 4.80 -5.36 25.58
C THR D 95 4.27 -5.91 26.94
N ALA D 96 4.54 -7.20 27.26
CA ALA D 96 4.10 -7.87 28.49
C ALA D 96 4.36 -7.05 29.76
N GLY D 97 3.41 -7.09 30.68
CA GLY D 97 3.55 -6.39 31.95
C GLY D 97 2.33 -5.64 32.45
N VAL D 98 2.47 -5.02 33.62
CA VAL D 98 1.39 -4.24 34.21
C VAL D 98 1.33 -2.83 33.63
N ALA D 99 0.13 -2.37 33.33
CA ALA D 99 -0.09 -1.03 32.81
C ALA D 99 -0.50 -0.10 33.97
N GLN D 100 -0.32 1.21 33.77
CA GLN D 100 -0.65 2.20 34.79
C GLN D 100 -2.17 2.41 35.01
N LYS D 101 -2.57 2.52 36.28
CA LYS D 101 -3.97 2.82 36.60
C LYS D 101 -4.22 4.34 36.44
N GLU D 102 -5.45 4.82 36.66
CA GLU D 102 -5.74 6.24 36.56
C GLU D 102 -4.94 7.03 37.59
N GLY D 103 -4.26 8.08 37.14
CA GLY D 103 -3.43 8.94 37.99
C GLY D 103 -2.10 8.35 38.38
N GLU D 104 -1.78 7.13 37.91
CA GLU D 104 -0.51 6.48 38.27
C GLU D 104 0.62 6.86 37.30
N SER D 105 1.85 6.90 37.82
CA SER D 105 3.04 7.22 37.06
C SER D 105 3.59 5.96 36.41
N ARG D 106 4.18 6.09 35.21
CA ARG D 106 4.82 4.97 34.52
C ARG D 106 6.00 4.42 35.34
N LEU D 107 6.72 5.32 36.05
CA LEU D 107 7.87 5.02 36.88
C LEU D 107 7.57 4.06 38.01
N SER D 108 6.36 4.11 38.59
CA SER D 108 6.02 3.22 39.70
C SER D 108 5.61 1.80 39.27
N LEU D 109 5.72 1.48 37.97
CA LEU D 109 5.46 0.13 37.46
C LEU D 109 6.77 -0.71 37.31
N LEU D 110 7.95 -0.09 37.57
CA LEU D 110 9.29 -0.65 37.39
C LEU D 110 9.59 -1.96 38.10
N GLU D 111 9.43 -2.06 39.43
CA GLU D 111 9.77 -3.30 40.14
C GLU D 111 8.93 -4.49 39.65
N ARG D 112 7.62 -4.27 39.43
CA ARG D 112 6.71 -5.31 38.96
C ARG D 112 7.12 -5.82 37.60
N ASN D 113 7.46 -4.92 36.68
CA ASN D 113 7.81 -5.30 35.32
C ASN D 113 9.23 -5.88 35.19
N ILE D 114 10.15 -5.53 36.10
CA ILE D 114 11.49 -6.13 36.09
C ILE D 114 11.41 -7.61 36.50
N ALA D 115 10.50 -7.96 37.42
CA ALA D 115 10.29 -9.34 37.85
C ALA D 115 9.79 -10.18 36.64
N ILE D 116 8.87 -9.62 35.85
CA ILE D 116 8.31 -10.24 34.66
C ILE D 116 9.38 -10.40 33.59
N TYR D 117 10.21 -9.35 33.42
CA TYR D 117 11.29 -9.34 32.45
C TYR D 117 12.39 -10.34 32.76
N LYS D 118 12.72 -10.55 34.03
CA LYS D 118 13.77 -11.52 34.40
C LYS D 118 13.40 -12.95 33.96
N LYS D 119 12.11 -13.26 33.95
CA LYS D 119 11.59 -14.56 33.50
C LYS D 119 11.66 -14.66 31.96
N ILE D 120 11.24 -13.59 31.25
CA ILE D 120 11.20 -13.54 29.80
C ILE D 120 12.57 -13.52 29.13
N LEU D 121 13.43 -12.58 29.56
CA LEU D 121 14.75 -12.34 28.98
C LEU D 121 15.72 -13.51 29.04
N ALA D 122 15.51 -14.46 29.95
CA ALA D 122 16.41 -15.62 30.07
C ALA D 122 16.35 -16.47 28.80
N ASP D 123 15.13 -16.66 28.25
CA ASP D 123 14.94 -17.45 27.05
C ASP D 123 15.38 -16.70 25.79
N VAL D 124 15.23 -15.37 25.76
CA VAL D 124 15.63 -14.57 24.61
C VAL D 124 17.14 -14.68 24.39
N VAL D 125 17.92 -14.60 25.46
CA VAL D 125 19.38 -14.71 25.37
C VAL D 125 19.84 -16.07 24.81
N LYS D 126 19.13 -17.15 25.16
CA LYS D 126 19.48 -18.48 24.71
C LYS D 126 18.97 -18.84 23.32
N TYR D 127 17.70 -18.54 23.00
CA TYR D 127 17.09 -18.95 21.74
C TYR D 127 17.08 -17.90 20.61
N CYS D 128 17.23 -16.61 20.95
CA CYS D 128 17.32 -15.52 19.98
C CYS D 128 18.59 -14.67 20.24
N PRO D 129 19.81 -15.26 20.14
CA PRO D 129 21.02 -14.48 20.45
C PRO D 129 21.36 -13.36 19.46
N GLU D 130 20.77 -13.36 18.27
CA GLU D 130 21.06 -12.36 17.25
C GLU D 130 19.91 -11.39 16.96
N ALA D 131 18.87 -11.40 17.80
CA ALA D 131 17.67 -10.60 17.62
C ALA D 131 17.78 -9.13 18.03
N ILE D 132 16.90 -8.28 17.45
CA ILE D 132 16.75 -6.89 17.86
C ILE D 132 15.62 -6.97 18.91
N ILE D 133 15.79 -6.34 20.08
CA ILE D 133 14.73 -6.33 21.07
C ILE D 133 14.10 -4.96 21.09
N LEU D 134 12.78 -4.89 20.83
CA LEU D 134 12.01 -3.66 20.85
C LEU D 134 11.11 -3.68 22.08
N VAL D 135 11.46 -2.84 23.08
CA VAL D 135 10.80 -2.74 24.39
C VAL D 135 9.69 -1.66 24.39
N VAL D 136 8.47 -2.04 24.80
CA VAL D 136 7.32 -1.13 24.87
C VAL D 136 6.82 -0.98 26.33
N THR D 137 7.03 -2.04 27.15
CA THR D 137 6.66 -2.11 28.56
C THR D 137 7.14 -0.86 29.31
N ASN D 138 6.30 -0.33 30.21
CA ASN D 138 6.63 0.89 30.93
C ASN D 138 7.29 0.60 32.29
N PRO D 139 8.13 1.51 32.85
CA PRO D 139 8.64 2.78 32.27
C PRO D 139 9.63 2.47 31.15
N VAL D 140 9.23 2.69 29.89
CA VAL D 140 9.94 2.31 28.66
C VAL D 140 11.45 2.59 28.68
N ASP D 141 11.93 3.74 29.21
CA ASP D 141 13.36 4.03 29.18
C ASP D 141 14.14 3.15 30.12
N ILE D 142 13.62 2.94 31.35
CA ILE D 142 14.28 2.11 32.35
C ILE D 142 14.13 0.61 32.03
N MET D 143 13.03 0.21 31.39
CA MET D 143 12.86 -1.16 30.95
C MET D 143 13.88 -1.47 29.84
N THR D 144 14.19 -0.48 28.97
CA THR D 144 15.18 -0.61 27.90
C THR D 144 16.58 -0.75 28.50
N TYR D 145 16.92 0.10 29.48
CA TYR D 145 18.21 0.05 30.13
C TYR D 145 18.41 -1.27 30.88
N ALA D 146 17.36 -1.74 31.58
CA ALA D 146 17.43 -2.99 32.33
C ALA D 146 17.59 -4.17 31.39
N THR D 147 16.92 -4.15 30.22
CA THR D 147 17.04 -5.22 29.21
C THR D 147 18.47 -5.32 28.70
N LEU D 148 19.12 -4.17 28.52
CA LEU D 148 20.50 -4.09 28.09
C LEU D 148 21.43 -4.76 29.12
N LYS D 149 21.25 -4.46 30.42
CA LYS D 149 22.06 -5.03 31.48
C LYS D 149 21.83 -6.52 31.62
N ILE D 150 20.56 -6.97 31.58
CA ILE D 150 20.21 -8.38 31.73
C ILE D 150 20.67 -9.27 30.57
N THR D 151 20.43 -8.84 29.33
CA THR D 151 20.80 -9.63 28.17
C THR D 151 22.27 -9.56 27.83
N GLY D 152 22.86 -8.38 28.01
CA GLY D 152 24.25 -8.18 27.62
C GLY D 152 24.44 -8.03 26.11
N PHE D 153 23.33 -7.90 25.36
CA PHE D 153 23.33 -7.72 23.91
C PHE D 153 24.00 -6.39 23.53
N PRO D 154 24.48 -6.23 22.28
CA PRO D 154 25.04 -4.93 21.87
C PRO D 154 24.01 -3.82 22.01
N SER D 155 24.43 -2.63 22.48
CA SER D 155 23.50 -1.53 22.72
C SER D 155 22.70 -1.11 21.49
N SER D 156 23.27 -1.32 20.29
CA SER D 156 22.59 -1.00 19.04
C SER D 156 21.33 -1.85 18.82
N ARG D 157 21.29 -3.07 19.37
CA ARG D 157 20.15 -3.98 19.19
C ARG D 157 19.12 -3.94 20.34
N ILE D 158 19.28 -3.02 21.30
CA ILE D 158 18.30 -2.90 22.40
C ILE D 158 17.62 -1.53 22.26
N ILE D 159 16.42 -1.52 21.67
CA ILE D 159 15.70 -0.30 21.38
C ILE D 159 14.36 -0.19 22.11
N GLY D 160 14.09 0.98 22.67
CA GLY D 160 12.81 1.24 23.31
C GLY D 160 11.96 2.10 22.41
N SER D 161 10.62 1.93 22.47
CA SER D 161 9.72 2.73 21.63
C SER D 161 9.86 4.25 21.90
N GLY D 162 10.24 4.59 23.12
CA GLY D 162 10.54 5.95 23.55
C GLY D 162 9.55 7.05 23.22
N THR D 163 10.05 8.16 22.64
CA THR D 163 9.21 9.31 22.36
C THR D 163 8.73 9.38 20.92
N VAL D 164 8.73 8.24 20.19
CA VAL D 164 8.17 8.20 18.82
C VAL D 164 6.67 8.57 18.90
N LEU D 165 5.97 8.03 19.91
CA LEU D 165 4.57 8.30 20.21
C LEU D 165 4.34 9.76 20.64
N ASP D 166 5.18 10.28 21.56
CA ASP D 166 5.07 11.66 22.03
C ASP D 166 5.28 12.66 20.90
N THR D 167 6.22 12.37 19.99
CA THR D 167 6.51 13.20 18.83
C THR D 167 5.29 13.20 17.91
N ALA D 168 4.64 12.03 17.70
CA ALA D 168 3.44 11.94 16.88
C ALA D 168 2.26 12.71 17.47
N ARG D 169 2.17 12.79 18.79
CA ARG D 169 1.10 13.53 19.46
C ARG D 169 1.29 15.04 19.29
N PHE D 170 2.54 15.51 19.47
CA PHE D 170 2.93 16.91 19.33
C PHE D 170 2.60 17.41 17.92
N ARG D 171 2.99 16.60 16.91
CA ARG D 171 2.74 16.92 15.51
C ARG D 171 1.27 16.95 15.16
N THR D 172 0.44 16.07 15.77
CA THR D 172 -0.98 16.01 15.50
C THR D 172 -1.68 17.23 16.07
N LEU D 173 -1.32 17.62 17.30
CA LEU D 173 -1.93 18.77 17.94
C LEU D 173 -1.59 20.07 17.23
N LEU D 174 -0.34 20.22 16.79
CA LEU D 174 0.09 21.41 16.06
C LEU D 174 -0.59 21.42 14.68
N ALA D 175 -0.65 20.26 14.01
CA ALA D 175 -1.31 20.14 12.71
C ALA D 175 -2.81 20.43 12.76
N LYS D 176 -3.47 20.15 13.89
CA LYS D 176 -4.90 20.46 14.04
C LYS D 176 -5.13 21.97 14.10
N GLU D 177 -4.18 22.71 14.70
CA GLU D 177 -4.24 24.16 14.77
C GLU D 177 -4.06 24.81 13.40
N MET D 178 -3.24 24.19 12.53
CA MET D 178 -2.99 24.71 11.18
C MET D 178 -3.84 24.07 10.09
N ASP D 179 -4.58 23.00 10.42
CA ASP D 179 -5.42 22.21 9.51
C ASP D 179 -4.61 21.64 8.36
N ILE D 180 -3.48 21.01 8.67
CA ILE D 180 -2.59 20.40 7.67
C ILE D 180 -2.31 18.91 8.01
N ASP D 181 -1.62 18.19 7.11
CA ASP D 181 -1.20 16.81 7.31
C ASP D 181 -0.13 16.79 8.44
N PRO D 182 -0.31 15.98 9.50
CA PRO D 182 0.71 15.89 10.56
C PRO D 182 2.10 15.49 10.03
N ARG D 183 2.18 14.80 8.87
CA ARG D 183 3.46 14.42 8.25
C ARG D 183 4.22 15.65 7.71
N SER D 184 3.54 16.81 7.58
CA SER D 184 4.15 18.08 7.17
C SER D 184 4.62 18.93 8.36
N VAL D 185 4.34 18.51 9.60
CA VAL D 185 4.78 19.21 10.82
C VAL D 185 6.03 18.52 11.32
N HIS D 186 7.13 19.27 11.46
CA HIS D 186 8.38 18.69 11.94
C HIS D 186 8.73 19.23 13.32
N ALA D 187 8.23 18.55 14.35
CA ALA D 187 8.41 18.94 15.74
C ALA D 187 8.76 17.71 16.56
N TYR D 188 9.75 17.82 17.45
CA TYR D 188 10.20 16.69 18.26
C TYR D 188 9.94 16.79 19.76
N ILE D 189 9.76 15.63 20.39
CA ILE D 189 9.70 15.46 21.84
C ILE D 189 10.87 14.52 22.16
N ILE D 190 11.82 14.93 23.00
CA ILE D 190 12.98 14.10 23.36
C ILE D 190 13.00 13.79 24.87
N GLY D 191 13.89 12.89 25.31
CA GLY D 191 14.01 12.54 26.71
C GLY D 191 13.19 11.35 27.17
N GLU D 192 12.62 11.46 28.38
CA GLU D 192 11.80 10.40 28.96
C GLU D 192 10.42 10.35 28.32
N HIS D 193 9.89 9.14 28.12
CA HIS D 193 8.51 8.99 27.68
C HIS D 193 7.74 9.09 28.99
N GLY D 194 7.46 10.32 29.40
CA GLY D 194 6.80 10.60 30.66
C GLY D 194 6.83 12.08 30.99
N ASP D 195 6.51 12.39 32.24
CA ASP D 195 6.38 13.76 32.74
C ASP D 195 7.59 14.68 32.45
N SER D 196 8.83 14.16 32.43
CA SER D 196 10.00 14.98 32.20
C SER D 196 10.44 15.11 30.72
N GLU D 197 9.55 14.78 29.77
CA GLU D 197 9.84 14.89 28.35
C GLU D 197 10.10 16.34 27.94
N VAL D 198 10.92 16.54 26.89
CA VAL D 198 11.31 17.87 26.45
C VAL D 198 10.86 18.22 25.04
N PRO D 199 10.05 19.27 24.90
CA PRO D 199 9.66 19.70 23.55
C PRO D 199 10.81 20.53 22.96
N VAL D 200 11.23 20.20 21.74
CA VAL D 200 12.33 20.93 21.10
C VAL D 200 11.76 22.10 20.30
N TRP D 201 11.30 23.14 21.01
CA TRP D 201 10.74 24.33 20.36
C TRP D 201 11.74 25.05 19.48
N SER D 202 13.04 24.96 19.78
CA SER D 202 14.08 25.64 18.99
C SER D 202 14.15 25.22 17.52
N THR D 203 13.66 24.01 17.20
CA THR D 203 13.72 23.52 15.83
C THR D 203 12.33 23.22 15.23
N ALA D 204 11.24 23.33 16.02
CA ALA D 204 9.88 23.05 15.52
C ALA D 204 9.54 23.91 14.29
N ASN D 205 9.06 23.27 13.21
CA ASN D 205 8.80 24.01 11.98
C ASN D 205 7.85 23.31 10.99
N VAL D 206 7.28 24.09 10.05
CA VAL D 206 6.48 23.55 8.96
C VAL D 206 7.06 24.16 7.67
N GLY D 207 7.48 23.30 6.74
CA GLY D 207 8.06 23.72 5.48
C GLY D 207 9.29 24.60 5.62
N GLY D 208 10.08 24.36 6.66
CA GLY D 208 11.27 25.16 6.95
C GLY D 208 11.01 26.40 7.79
N MET D 209 9.73 26.78 7.94
CA MET D 209 9.36 27.97 8.70
C MET D 209 9.17 27.60 10.17
N LYS D 210 10.04 28.13 11.05
CA LYS D 210 9.99 27.84 12.47
C LYS D 210 8.78 28.44 13.18
N LEU D 211 8.24 27.73 14.18
CA LEU D 211 7.11 28.23 14.96
C LEU D 211 7.58 29.28 15.99
N VAL D 212 8.80 29.11 16.53
CA VAL D 212 9.43 30.06 17.45
C VAL D 212 10.54 30.71 16.63
N PRO D 213 10.29 31.92 16.10
CA PRO D 213 11.27 32.55 15.19
C PRO D 213 12.65 32.86 15.77
N ASN D 214 12.73 33.29 17.04
CA ASN D 214 14.02 33.62 17.64
C ASN D 214 14.24 32.71 18.88
N THR D 215 13.87 33.18 20.10
CA THR D 215 13.97 32.37 21.32
C THR D 215 12.62 32.39 22.03
N TRP D 216 12.36 31.41 22.91
CA TRP D 216 11.11 31.34 23.67
C TRP D 216 10.86 32.61 24.47
N ALA D 217 11.93 33.24 24.97
CA ALA D 217 11.84 34.47 25.75
C ALA D 217 11.33 35.65 24.91
N ASP D 218 11.72 35.72 23.63
CA ASP D 218 11.30 36.79 22.74
C ASP D 218 9.88 36.62 22.14
N LEU D 219 9.12 35.66 22.65
CA LEU D 219 7.78 35.35 22.19
C LEU D 219 6.77 36.11 23.04
N PRO D 220 5.70 36.65 22.43
CA PRO D 220 4.67 37.36 23.22
C PRO D 220 4.00 36.45 24.25
N GLU D 221 3.51 37.03 25.36
CA GLU D 221 2.89 36.28 26.44
C GLU D 221 1.69 35.44 26.00
N ASP D 222 0.87 35.97 25.09
CA ASP D 222 -0.30 35.25 24.58
C ASP D 222 0.11 34.06 23.69
N GLU D 223 1.24 34.18 22.99
CA GLU D 223 1.76 33.11 22.15
C GLU D 223 2.41 32.03 23.02
N LYS D 224 3.12 32.45 24.08
CA LYS D 224 3.75 31.53 25.01
C LYS D 224 2.69 30.65 25.69
N ALA D 225 1.51 31.21 25.98
CA ALA D 225 0.43 30.50 26.63
C ALA D 225 -0.23 29.47 25.70
N THR D 226 -0.40 29.82 24.41
CA THR D 226 -1.02 28.90 23.45
C THR D 226 -0.09 27.72 23.10
N LEU D 227 1.21 27.96 23.02
CA LEU D 227 2.16 26.89 22.71
C LEU D 227 2.36 25.97 23.91
N SER D 228 2.35 26.53 25.13
CA SER D 228 2.46 25.73 26.36
C SER D 228 1.22 24.84 26.54
N GLY D 229 0.05 25.35 26.16
CA GLY D 229 -1.18 24.58 26.26
C GLY D 229 -1.14 23.34 25.38
N ILE D 230 -0.47 23.45 24.22
CA ILE D 230 -0.31 22.34 23.29
C ILE D 230 0.65 21.31 23.88
N PHE D 231 1.79 21.76 24.45
CA PHE D 231 2.72 20.82 25.07
C PHE D 231 2.12 20.12 26.30
N GLN D 232 1.40 20.86 27.14
CA GLN D 232 0.75 20.27 28.32
C GLN D 232 -0.24 19.18 27.92
N LYS D 233 -0.91 19.32 26.78
CA LYS D 233 -1.83 18.30 26.29
C LYS D 233 -1.08 17.02 25.87
N VAL D 234 0.18 17.15 25.45
CA VAL D 234 1.04 16.03 25.05
C VAL D 234 1.49 15.28 26.29
N GLN D 235 1.95 16.01 27.35
CA GLN D 235 2.39 15.32 28.55
C GLN D 235 1.24 14.67 29.31
N ASN D 236 0.05 15.25 29.22
CA ASN D 236 -1.12 14.68 29.89
C ASN D 236 -1.92 13.72 29.03
N ALA D 237 -1.48 13.41 27.80
CA ALA D 237 -2.21 12.55 26.89
C ALA D 237 -2.54 11.17 27.44
N ALA D 238 -1.59 10.49 28.07
CA ALA D 238 -1.84 9.18 28.66
C ALA D 238 -2.88 9.26 29.78
N TYR D 239 -2.75 10.26 30.65
CA TYR D 239 -3.68 10.45 31.76
C TYR D 239 -5.07 10.79 31.25
N ASP D 240 -5.18 11.63 30.22
CA ASP D 240 -6.45 12.02 29.63
C ASP D 240 -7.13 10.88 28.91
N ILE D 241 -6.37 10.03 28.20
CA ILE D 241 -6.94 8.89 27.49
C ILE D 241 -7.33 7.76 28.45
N ILE D 242 -6.46 7.41 29.40
CA ILE D 242 -6.73 6.37 30.40
C ILE D 242 -7.95 6.73 31.23
N LYS D 243 -8.12 8.01 31.58
CA LYS D 243 -9.30 8.45 32.32
C LYS D 243 -10.60 8.23 31.50
N LEU D 244 -10.53 8.26 30.16
CA LEU D 244 -11.67 8.12 29.28
C LEU D 244 -11.98 6.67 28.82
N LYS D 245 -10.98 5.88 28.43
CA LYS D 245 -11.22 4.51 27.98
C LYS D 245 -10.52 3.41 28.82
N GLY D 246 -9.62 3.81 29.72
CA GLY D 246 -8.96 2.87 30.62
C GLY D 246 -7.54 2.49 30.29
N TYR D 247 -7.08 2.81 29.09
CA TYR D 247 -5.76 2.44 28.58
C TYR D 247 -5.52 3.14 27.22
N THR D 248 -4.32 2.95 26.64
CA THR D 248 -4.02 3.44 25.29
C THR D 248 -3.51 2.23 24.48
N SER D 249 -3.82 2.14 23.16
CA SER D 249 -3.36 1.01 22.36
C SER D 249 -3.10 1.31 20.88
N TYR D 250 -4.02 2.01 20.21
CA TYR D 250 -3.97 2.28 18.78
C TYR D 250 -2.75 3.08 18.31
N ALA D 251 -2.46 4.24 18.92
CA ALA D 251 -1.31 5.05 18.50
C ALA D 251 0.03 4.37 18.79
N ILE D 252 0.15 3.64 19.91
CA ILE D 252 1.39 2.92 20.23
C ILE D 252 1.59 1.72 19.28
N GLY D 253 0.49 1.11 18.83
CA GLY D 253 0.54 0.01 17.87
C GLY D 253 1.10 0.49 16.56
N LEU D 254 0.71 1.69 16.13
CA LEU D 254 1.22 2.28 14.89
C LEU D 254 2.67 2.77 15.06
N ALA D 255 3.05 3.33 16.23
CA ALA D 255 4.40 3.81 16.46
C ALA D 255 5.38 2.63 16.47
N THR D 256 4.99 1.52 17.12
CA THR D 256 5.80 0.29 17.19
C THR D 256 5.96 -0.30 15.78
N THR D 257 4.87 -0.35 14.99
CA THR D 257 4.95 -0.84 13.62
C THR D 257 5.87 0.04 12.76
N ASP D 258 5.81 1.37 12.94
CA ASP D 258 6.64 2.29 12.20
C ASP D 258 8.13 2.05 12.48
N ILE D 259 8.48 1.63 13.72
CA ILE D 259 9.86 1.29 14.05
C ILE D 259 10.27 -0.04 13.39
N VAL D 260 9.37 -1.05 13.43
CA VAL D 260 9.68 -2.33 12.80
C VAL D 260 9.90 -2.16 11.28
N LYS D 261 9.20 -1.23 10.63
CA LYS D 261 9.38 -0.95 9.19
C LYS D 261 10.78 -0.42 8.88
N ALA D 262 11.31 0.49 9.73
CA ALA D 262 12.65 1.04 9.50
C ALA D 262 13.71 -0.06 9.65
N ILE D 263 13.52 -0.99 10.60
CA ILE D 263 14.45 -2.10 10.81
C ILE D 263 14.35 -3.12 9.66
N LEU D 264 13.18 -3.78 9.47
CA LEU D 264 12.96 -4.81 8.46
C LEU D 264 13.33 -4.35 7.08
N ASN D 265 12.92 -3.13 6.70
CA ASN D 265 13.18 -2.62 5.36
C ASN D 265 14.48 -1.88 5.21
N SER D 266 15.40 -1.96 6.20
CA SER D 266 16.74 -1.35 6.17
C SER D 266 16.69 0.11 5.67
N GLN D 267 15.77 0.89 6.22
CA GLN D 267 15.49 2.22 5.71
C GLN D 267 16.46 3.33 6.06
N GLU D 268 17.20 3.23 7.19
CA GLU D 268 18.13 4.27 7.60
C GLU D 268 17.39 5.58 7.83
N ARG D 269 16.27 5.50 8.54
CA ARG D 269 15.33 6.60 8.78
C ARG D 269 15.47 7.14 10.21
N ILE D 270 15.40 8.46 10.35
CA ILE D 270 15.54 9.14 11.64
C ILE D 270 14.26 9.07 12.49
N LEU D 271 14.37 8.50 13.69
CA LEU D 271 13.27 8.35 14.65
C LEU D 271 13.78 8.64 16.05
N THR D 272 12.92 9.21 16.92
CA THR D 272 13.31 9.46 18.30
C THR D 272 13.01 8.25 19.17
N VAL D 273 13.75 7.14 18.96
CA VAL D 273 13.61 5.93 19.75
C VAL D 273 14.53 5.99 20.98
N SER D 274 14.18 5.21 22.00
CA SER D 274 14.97 5.14 23.22
C SER D 274 16.17 4.21 23.05
N GLY D 275 17.31 4.61 23.59
CA GLY D 275 18.53 3.82 23.53
C GLY D 275 19.62 4.37 24.44
N LEU D 276 20.69 3.58 24.65
CA LEU D 276 21.78 3.94 25.54
C LEU D 276 22.51 5.26 25.22
N MET D 277 22.60 6.15 26.21
CA MET D 277 23.34 7.39 26.03
C MET D 277 24.79 7.11 26.46
N THR D 278 25.76 7.42 25.60
CA THR D 278 27.17 7.14 25.91
C THR D 278 28.06 8.40 25.98
N GLY D 279 27.45 9.57 26.14
CA GLY D 279 28.22 10.79 26.22
C GLY D 279 27.55 12.07 25.80
N MET D 280 26.61 12.00 24.82
CA MET D 280 25.95 13.21 24.33
C MET D 280 25.28 14.04 25.39
N TYR D 281 25.60 15.36 25.39
CA TYR D 281 25.16 16.37 26.37
C TYR D 281 25.63 16.03 27.80
N GLY D 282 26.76 15.30 27.90
CA GLY D 282 27.33 14.87 29.18
C GLY D 282 26.43 13.87 29.90
N ILE D 283 25.69 13.06 29.11
CA ILE D 283 24.74 12.10 29.65
C ILE D 283 25.12 10.67 29.29
N GLU D 284 25.22 9.79 30.31
CA GLU D 284 25.60 8.40 30.10
C GLU D 284 25.01 7.47 31.18
N ASP D 285 25.14 6.14 31.00
N ASP D 285 25.14 6.14 31.00
CA ASP D 285 24.63 5.11 31.92
CA ASP D 285 24.63 5.12 31.93
C ASP D 285 23.11 5.22 32.12
C ASP D 285 23.11 5.26 32.14
N VAL D 286 22.39 5.59 31.06
CA VAL D 286 20.94 5.78 31.07
C VAL D 286 20.43 5.63 29.61
N CYS D 287 19.13 5.30 29.45
CA CYS D 287 18.49 5.23 28.14
C CYS D 287 17.46 6.33 28.06
N LEU D 288 17.41 7.04 26.94
CA LEU D 288 16.38 8.04 26.66
C LEU D 288 16.26 8.28 25.15
N SER D 289 15.26 9.05 24.71
CA SER D 289 15.05 9.29 23.28
C SER D 289 15.68 10.55 22.75
N ILE D 290 16.43 10.40 21.67
CA ILE D 290 17.01 11.47 20.86
C ILE D 290 16.97 10.99 19.40
N PRO D 291 16.90 11.90 18.39
CA PRO D 291 16.82 11.43 17.00
C PRO D 291 17.99 10.53 16.60
N ARG D 292 17.66 9.34 16.07
CA ARG D 292 18.67 8.36 15.66
C ARG D 292 18.29 7.69 14.34
N VAL D 293 19.29 7.26 13.58
CA VAL D 293 19.09 6.55 12.32
C VAL D 293 18.80 5.07 12.65
N VAL D 294 17.64 4.57 12.24
CA VAL D 294 17.25 3.19 12.53
C VAL D 294 17.30 2.34 11.24
N SER D 295 17.83 1.12 11.35
CA SER D 295 17.96 0.22 10.21
C SER D 295 18.03 -1.27 10.67
N GLU D 296 18.30 -2.22 9.75
CA GLU D 296 18.34 -3.66 10.07
C GLU D 296 19.33 -4.03 11.22
N ARG D 297 20.35 -3.21 11.51
CA ARG D 297 21.25 -3.50 12.65
C ARG D 297 20.84 -2.76 13.95
N GLY D 298 19.69 -2.09 13.95
CA GLY D 298 19.20 -1.34 15.09
C GLY D 298 19.58 0.12 14.99
N ILE D 299 20.13 0.69 16.08
CA ILE D 299 20.56 2.08 16.08
C ILE D 299 21.92 2.12 15.41
N ILE D 300 21.99 2.78 14.23
CA ILE D 300 23.20 2.83 13.40
C ILE D 300 23.95 4.14 13.59
N LYS D 301 23.22 5.24 13.78
CA LYS D 301 23.79 6.58 13.95
C LYS D 301 22.94 7.42 14.91
N THR D 302 23.49 8.52 15.42
CA THR D 302 22.74 9.41 16.31
C THR D 302 22.86 10.83 15.77
N VAL D 303 21.73 11.56 15.69
CA VAL D 303 21.78 12.94 15.23
C VAL D 303 22.46 13.78 16.32
N ASN D 304 23.52 14.49 15.97
CA ASN D 304 24.27 15.35 16.89
C ASN D 304 23.49 16.67 16.99
N LEU D 305 22.26 16.59 17.49
CA LEU D 305 21.30 17.69 17.58
C LEU D 305 21.72 18.86 18.46
N THR D 306 21.72 20.06 17.88
CA THR D 306 22.02 21.26 18.62
C THR D 306 20.76 21.69 19.38
N LEU D 307 20.85 21.75 20.69
CA LEU D 307 19.73 22.17 21.52
C LEU D 307 19.97 23.57 22.11
N SER D 308 18.91 24.21 22.59
CA SER D 308 19.04 25.48 23.28
C SER D 308 19.61 25.19 24.69
N GLU D 309 20.16 26.22 25.37
CA GLU D 309 20.72 26.02 26.70
C GLU D 309 19.67 25.51 27.69
N ASP D 310 18.42 25.95 27.54
CA ASP D 310 17.32 25.54 28.42
C ASP D 310 16.87 24.12 28.09
N GLU D 311 16.76 23.77 26.79
CA GLU D 311 16.39 22.43 26.35
C GLU D 311 17.43 21.40 26.79
N GLU D 312 18.73 21.77 26.74
CA GLU D 312 19.80 20.86 27.14
C GLU D 312 19.77 20.61 28.65
N LYS D 313 19.52 21.67 29.43
CA LYS D 313 19.44 21.56 30.88
C LYS D 313 18.28 20.65 31.28
N LEU D 314 17.13 20.78 30.60
CA LEU D 314 15.96 19.96 30.86
C LEU D 314 16.22 18.48 30.53
N LEU D 315 16.94 18.22 29.44
CA LEU D 315 17.28 16.85 29.06
C LEU D 315 18.20 16.23 30.10
N GLN D 316 19.18 17.01 30.59
CA GLN D 316 20.11 16.57 31.63
C GLN D 316 19.38 16.26 32.93
N GLN D 317 18.36 17.07 33.27
CA GLN D 317 17.54 16.85 34.47
C GLN D 317 16.69 15.59 34.35
N SER D 318 16.19 15.31 33.15
CA SER D 318 15.39 14.12 32.88
C SER D 318 16.23 12.86 33.11
N ALA D 319 17.47 12.86 32.59
CA ALA D 319 18.40 11.75 32.74
C ALA D 319 18.75 11.49 34.22
N LYS D 320 19.08 12.54 35.01
CA LYS D 320 19.41 12.38 36.43
C LYS D 320 18.29 11.71 37.19
N MET D 321 17.06 12.13 36.89
CA MET D 321 15.84 11.61 37.46
C MET D 321 15.66 10.12 37.14
N LEU D 322 15.85 9.74 35.87
CA LEU D 322 15.72 8.35 35.44
C LEU D 322 16.76 7.44 36.10
N LYS D 323 17.98 7.95 36.25
CA LYS D 323 19.07 7.20 36.89
C LYS D 323 18.75 6.96 38.36
N GLU D 324 18.17 7.97 39.04
CA GLU D 324 17.80 7.85 40.44
C GLU D 324 16.66 6.84 40.63
N VAL D 325 15.69 6.81 39.69
CA VAL D 325 14.58 5.87 39.79
C VAL D 325 15.07 4.42 39.69
N PHE D 326 16.03 4.17 38.79
CA PHE D 326 16.60 2.84 38.63
C PHE D 326 17.49 2.45 39.82
N ASP D 327 18.25 3.43 40.37
CA ASP D 327 19.13 3.18 41.50
C ASP D 327 18.38 2.80 42.77
N LYS D 328 17.20 3.40 42.98
CA LYS D 328 16.37 3.13 44.15
C LYS D 328 15.86 1.69 44.15
N ILE D 329 15.58 1.11 42.97
CA ILE D 329 15.11 -0.28 42.90
C ILE D 329 16.23 -1.32 43.08
#